data_7EQR
#
_entry.id   7EQR
#
_cell.length_a   58.000
_cell.length_b   131.226
_cell.length_c   136.586
_cell.angle_alpha   65.799
_cell.angle_beta   87.826
_cell.angle_gamma   86.897
#
_symmetry.space_group_name_H-M   'P 1'
#
loop_
_entity.id
_entity.type
_entity.pdbx_description
1 polymer Chitoporin
2 branched 2-acetamido-2-deoxy-beta-D-glucopyranose-(1-4)-2-acetamido-2-deoxy-beta-D-glucopyranose
3 branched 2-acetamido-2-deoxy-beta-D-glucopyranose-(1-4)-2-acetamido-2-deoxy-beta-D-glucopyranose-(1-4)-2-acetamido-2-deoxy-beta-D-glucopyranose-(1-4)-2-acetamido-2-deoxy-beta-D-glucopyranose-(1-4)-2-acetamido-2-deoxy-beta-D-glucopyranose-(1-4)-2-acetamido-2-deoxy-beta-D-glucopyranose
4 branched 2-acetamido-2-deoxy-beta-D-glucopyranose-(1-4)-2-acetamido-2-deoxy-beta-D-glucopyranose-(1-4)-2-acetamido-2-deoxy-beta-D-glucopyranose-(1-4)-2-acetamido-2-deoxy-beta-D-glucopyranose
5 branched 2-acetamido-2-deoxy-beta-D-glucopyranose-(1-4)-2-acetamido-2-deoxy-beta-D-glucopyranose-(1-4)-2-acetamido-2-deoxy-beta-D-glucopyranose-(1-4)-2-acetamido-2-deoxy-beta-D-glucopyranose-(1-4)-2-acetamido-2-deoxy-beta-D-glucopyranose
6 non-polymer 2-acetamido-2-deoxy-beta-D-glucopyranose
7 non-polymer (HYDROXYETHYLOXY)TRI(ETHYLOXY)OCTANE
8 non-polymer 'SODIUM ION'
9 water water
#
_entity_poly.entity_id   1
_entity_poly.type   'polypeptide(L)'
_entity_poly.pdbx_seq_one_letter_code
;EVYGIIAMQAAYRDYDSGDAKQDDNLGGMQLNNESRIGFRGKKQFANFEPTFIWQIEGGYVDPSFGGEGAGLGERDTFVG
FESASWGQVRLGRVLTPMYELVDWPASNPGLGDVYDWGGAIGGAKYQDRQSNTIRWDSPMYADKFSIDAAVGAGDKAGLG
AGDDYWGGIAAHYKLGPLQLDAAYEGNRNIEAEGQTWENNTYLVGVQGWFENGISFFAQYKYMEADASNGVNEKQDAMSA
GLMYTTGDWQYKLGYAANFDLERDGKTLSNTSDDVVSAQIMYFVDPSAVLYARARMNDFNEGLDGLDDAARWTSGTNGDY
NEYSVGVEYYF
;
_entity_poly.pdbx_strand_id   A,B,C,D,E,F
#
# COMPACT_ATOMS: atom_id res chain seq x y z
N GLU A 1 -5.60 19.60 14.36
CA GLU A 1 -6.76 18.87 13.89
C GLU A 1 -7.69 18.57 15.07
N VAL A 2 -8.96 18.97 14.96
CA VAL A 2 -9.99 18.60 15.91
C VAL A 2 -10.53 17.24 15.52
N TYR A 3 -10.67 16.34 16.47
CA TYR A 3 -11.35 15.08 16.18
C TYR A 3 -12.23 14.72 17.36
N GLY A 4 -13.05 13.71 17.16
CA GLY A 4 -13.94 13.31 18.23
C GLY A 4 -14.52 11.93 17.97
N ILE A 5 -14.93 11.27 19.06
CA ILE A 5 -15.85 10.14 18.98
C ILE A 5 -17.11 10.53 19.73
N ILE A 6 -18.25 10.49 19.05
CA ILE A 6 -19.53 10.72 19.71
C ILE A 6 -20.11 9.36 20.03
N ALA A 7 -20.15 9.05 21.32
CA ALA A 7 -20.57 7.75 21.84
C ALA A 7 -21.64 7.99 22.89
N MET A 8 -22.85 7.54 22.62
CA MET A 8 -23.90 7.57 23.62
C MET A 8 -24.47 6.17 23.75
N GLN A 9 -24.68 5.72 24.98
CA GLN A 9 -25.22 4.40 25.21
C GLN A 9 -26.30 4.52 26.27
N ALA A 10 -27.52 4.15 25.91
CA ALA A 10 -28.61 4.07 26.88
C ALA A 10 -28.60 2.68 27.48
N ALA A 11 -28.42 2.57 28.79
CA ALA A 11 -28.20 1.28 29.41
C ALA A 11 -29.08 1.13 30.63
N TYR A 12 -29.84 0.02 30.68
CA TYR A 12 -30.61 -0.38 31.85
C TYR A 12 -29.90 -1.53 32.53
N ARG A 13 -29.60 -1.37 33.82
CA ARG A 13 -28.97 -2.44 34.60
C ARG A 13 -29.92 -2.93 35.67
N ASP A 14 -30.02 -4.25 35.79
CA ASP A 14 -30.78 -4.92 36.84
C ASP A 14 -29.81 -5.69 37.73
N TYR A 15 -29.66 -5.22 38.97
CA TYR A 15 -28.69 -5.76 39.91
C TYR A 15 -29.34 -6.79 40.82
N ASP A 16 -28.52 -7.70 41.35
CA ASP A 16 -28.93 -8.67 42.39
C ASP A 16 -27.79 -8.78 43.41
N SER A 17 -27.61 -7.74 44.22
CA SER A 17 -26.50 -7.66 45.16
C SER A 17 -26.76 -8.37 46.47
N GLY A 18 -28.01 -8.69 46.76
CA GLY A 18 -28.41 -9.14 48.07
C GLY A 18 -29.06 -8.08 48.91
N ASP A 19 -28.85 -6.79 48.59
CA ASP A 19 -29.45 -5.66 49.31
C ASP A 19 -30.49 -5.02 48.40
N ALA A 20 -31.74 -4.93 48.89
CA ALA A 20 -32.81 -4.37 48.05
C ALA A 20 -32.54 -2.92 47.70
N LYS A 21 -32.05 -2.12 48.66
CA LYS A 21 -31.82 -0.70 48.41
C LYS A 21 -30.67 -0.51 47.44
N GLN A 22 -29.55 -1.20 47.67
CA GLN A 22 -28.42 -1.10 46.76
C GLN A 22 -28.80 -1.50 45.35
N ASP A 23 -29.56 -2.59 45.20
CA ASP A 23 -30.08 -2.93 43.89
C ASP A 23 -30.75 -1.72 43.25
N ASP A 24 -31.54 -0.98 44.04
CA ASP A 24 -32.33 0.10 43.47
C ASP A 24 -31.46 1.30 43.12
N ASN A 25 -30.49 1.62 43.98
CA ASN A 25 -29.57 2.73 43.72
C ASN A 25 -28.76 2.49 42.46
N LEU A 26 -28.11 1.33 42.38
CA LEU A 26 -27.13 1.07 41.32
C LEU A 26 -27.80 0.76 40.00
N GLY A 27 -29.01 0.21 40.03
CA GLY A 27 -29.68 -0.20 38.81
C GLY A 27 -30.59 0.88 38.27
N GLY A 28 -31.24 0.54 37.17
CA GLY A 28 -32.07 1.48 36.47
C GLY A 28 -31.42 1.92 35.18
N MET A 29 -32.11 2.83 34.51
CA MET A 29 -31.64 3.36 33.24
C MET A 29 -30.64 4.48 33.48
N GLN A 30 -29.60 4.53 32.64
CA GLN A 30 -28.73 5.70 32.58
C GLN A 30 -28.30 5.93 31.14
N LEU A 31 -27.79 7.13 30.89
CA LEU A 31 -27.21 7.45 29.60
C LEU A 31 -25.71 7.52 29.81
N ASN A 32 -24.98 6.70 29.09
CA ASN A 32 -23.54 6.63 29.19
C ASN A 32 -22.97 7.42 28.00
N ASN A 33 -22.64 8.68 28.24
CA ASN A 33 -22.11 9.55 27.20
C ASN A 33 -20.59 9.51 27.31
N GLU A 34 -19.99 8.70 26.45
CA GLU A 34 -18.56 8.60 26.34
C GLU A 34 -18.03 9.42 25.18
N SER A 35 -18.82 10.36 24.68
CA SER A 35 -18.29 11.27 23.66
C SER A 35 -17.05 11.97 24.18
N ARG A 36 -16.17 12.35 23.25
CA ARG A 36 -14.92 12.99 23.62
C ARG A 36 -14.39 13.79 22.44
N ILE A 37 -13.69 14.87 22.75
CA ILE A 37 -13.12 15.77 21.75
C ILE A 37 -11.62 15.71 21.89
N GLY A 38 -10.93 15.60 20.76
CA GLY A 38 -9.50 15.53 20.74
C GLY A 38 -8.89 16.59 19.83
N PHE A 39 -7.62 16.84 20.09
CA PHE A 39 -6.76 17.65 19.24
C PHE A 39 -5.50 16.85 18.96
N ARG A 40 -5.07 16.83 17.71
CA ARG A 40 -3.79 16.20 17.38
C ARG A 40 -3.13 16.89 16.18
N GLY A 41 -1.82 16.71 16.11
CA GLY A 41 -1.10 17.20 14.94
C GLY A 41 0.22 16.50 14.75
N LYS A 42 0.79 16.75 13.58
CA LYS A 42 2.17 16.45 13.28
C LYS A 42 2.85 17.76 12.90
N LYS A 43 4.17 17.77 12.99
CA LYS A 43 4.97 18.89 12.56
C LYS A 43 6.30 18.31 12.11
N GLN A 44 6.76 18.73 10.94
CA GLN A 44 8.07 18.31 10.44
C GLN A 44 9.08 19.38 10.83
N PHE A 45 9.90 19.07 11.82
CA PHE A 45 10.86 20.05 12.28
C PHE A 45 11.92 20.26 11.21
N ALA A 46 12.32 21.52 11.02
CA ALA A 46 13.39 21.82 10.07
C ALA A 46 14.67 21.05 10.41
N ASN A 47 15.11 21.14 11.65
CA ASN A 47 16.42 20.63 12.03
C ASN A 47 16.36 19.25 12.70
N PHE A 48 15.28 18.49 12.49
CA PHE A 48 15.16 17.15 13.08
C PHE A 48 14.33 16.27 12.15
N GLU A 49 14.84 15.10 11.82
CA GLU A 49 14.23 14.45 10.67
C GLU A 49 13.01 13.63 11.07
N PRO A 50 12.97 13.04 12.28
CA PRO A 50 11.75 12.35 12.73
C PRO A 50 10.58 13.30 12.93
N THR A 51 9.42 12.93 12.36
CA THR A 51 8.23 13.77 12.44
C THR A 51 7.76 13.90 13.88
N PHE A 52 7.50 15.13 14.30
CA PHE A 52 6.93 15.38 15.61
C PHE A 52 5.44 15.12 15.60
N ILE A 53 4.99 14.34 16.58
CA ILE A 53 3.57 14.07 16.75
C ILE A 53 3.15 14.45 18.16
N TRP A 54 1.86 14.79 18.29
CA TRP A 54 1.27 15.22 19.54
C TRP A 54 -0.24 15.00 19.47
N GLN A 55 -0.83 14.82 20.65
CA GLN A 55 -2.26 14.62 20.76
C GLN A 55 -2.73 14.91 22.18
N ILE A 56 -3.92 15.46 22.26
CA ILE A 56 -4.56 15.79 23.51
C ILE A 56 -6.02 15.39 23.36
N GLU A 57 -6.43 14.32 24.02
CA GLU A 57 -7.79 13.82 23.91
C GLU A 57 -8.51 14.07 25.23
N GLY A 58 -9.77 14.58 25.13
CA GLY A 58 -10.60 14.77 26.30
C GLY A 58 -11.16 13.46 26.83
N GLY A 59 -11.74 13.54 28.05
CA GLY A 59 -12.38 12.39 28.64
C GLY A 59 -13.86 12.27 28.25
N TYR A 60 -14.48 11.15 28.63
CA TYR A 60 -15.92 10.98 28.44
C TYR A 60 -16.66 12.17 29.04
N VAL A 61 -17.47 12.86 28.22
CA VAL A 61 -18.06 14.12 28.64
C VAL A 61 -19.12 13.93 29.73
N ASP A 62 -19.81 12.79 29.74
CA ASP A 62 -20.93 12.57 30.65
C ASP A 62 -21.19 11.08 30.79
N PRO A 63 -20.33 10.37 31.54
CA PRO A 63 -20.42 8.90 31.59
C PRO A 63 -21.49 8.47 32.58
N SER A 64 -21.83 7.18 32.48
CA SER A 64 -22.60 6.52 33.51
C SER A 64 -21.92 6.67 34.86
N PHE A 65 -22.72 6.75 35.91
CA PHE A 65 -22.21 6.66 37.26
C PHE A 65 -21.23 7.77 37.60
N GLY A 66 -21.08 8.77 36.72
CA GLY A 66 -20.15 9.85 36.93
C GLY A 66 -20.82 11.21 36.75
N GLY A 67 -20.03 12.26 37.03
CA GLY A 67 -20.50 13.62 36.84
C GLY A 67 -20.38 14.07 35.39
N GLU A 68 -20.94 15.25 35.11
CA GLU A 68 -20.82 15.83 33.79
C GLU A 68 -19.48 16.53 33.65
N GLY A 69 -18.90 16.45 32.46
CA GLY A 69 -17.74 17.25 32.16
C GLY A 69 -16.44 16.47 32.25
N ALA A 70 -15.54 16.75 31.31
CA ALA A 70 -14.25 16.07 31.16
C ALA A 70 -13.22 17.11 30.74
N GLY A 71 -12.09 17.13 31.43
CA GLY A 71 -11.03 18.01 31.04
C GLY A 71 -10.25 17.48 29.85
N LEU A 72 -9.52 18.37 29.20
CA LEU A 72 -8.63 17.94 28.14
C LEU A 72 -7.40 17.31 28.77
N GLY A 73 -6.95 16.20 28.21
CA GLY A 73 -5.84 15.45 28.78
C GLY A 73 -6.23 14.15 29.44
N GLU A 74 -7.51 13.81 29.50
CA GLU A 74 -7.87 12.66 30.32
C GLU A 74 -7.67 11.34 29.57
N ARG A 75 -7.80 11.35 28.25
CA ARG A 75 -7.55 10.16 27.47
C ARG A 75 -6.18 10.29 26.81
N ASP A 76 -5.88 9.41 25.86
CA ASP A 76 -4.54 9.38 25.30
C ASP A 76 -4.07 10.78 24.96
N THR A 77 -2.97 11.21 25.59
CA THR A 77 -2.47 12.57 25.47
C THR A 77 -0.95 12.50 25.59
N PHE A 78 -0.24 12.88 24.53
CA PHE A 78 1.17 12.57 24.46
C PHE A 78 1.85 13.44 23.41
N VAL A 79 3.19 13.45 23.46
CA VAL A 79 4.04 13.98 22.40
C VAL A 79 5.00 12.86 21.98
N GLY A 80 5.44 12.92 20.73
CA GLY A 80 6.39 11.90 20.30
C GLY A 80 6.99 12.23 18.95
N PHE A 81 7.79 11.27 18.48
CA PHE A 81 8.45 11.34 17.17
C PHE A 81 8.17 10.06 16.42
N GLU A 82 7.98 10.20 15.11
CA GLU A 82 7.58 9.11 14.24
C GLU A 82 8.48 9.13 13.01
N SER A 83 9.01 7.97 12.66
CA SER A 83 9.85 7.85 11.48
C SER A 83 9.64 6.42 10.97
N ALA A 84 9.38 6.28 9.68
CA ALA A 84 9.04 4.96 9.15
C ALA A 84 10.11 3.90 9.46
N SER A 85 11.39 4.30 9.52
CA SER A 85 12.47 3.37 9.82
C SER A 85 12.20 2.58 11.10
N TRP A 86 12.19 3.27 12.25
CA TRP A 86 12.20 2.62 13.55
C TRP A 86 10.87 2.72 14.31
N GLY A 87 9.82 3.25 13.69
CA GLY A 87 8.49 3.26 14.27
C GLY A 87 8.08 4.59 14.89
N GLN A 88 7.37 4.54 16.00
CA GLN A 88 7.00 5.74 16.73
C GLN A 88 7.29 5.57 18.21
N VAL A 89 7.68 6.67 18.85
CA VAL A 89 7.88 6.70 20.29
C VAL A 89 6.99 7.80 20.85
N ARG A 90 6.21 7.45 21.85
CA ARG A 90 5.29 8.37 22.48
C ARG A 90 5.67 8.56 23.94
N LEU A 91 5.61 9.80 24.39
CA LEU A 91 5.81 10.12 25.79
C LEU A 91 4.54 10.77 26.29
N GLY A 92 4.02 10.28 27.40
CA GLY A 92 2.89 10.93 27.99
C GLY A 92 1.93 9.96 28.63
N ARG A 93 0.68 10.03 28.19
CA ARG A 93 -0.41 9.23 28.72
C ARG A 93 -0.95 8.41 27.56
N VAL A 94 -0.70 7.12 27.61
CA VAL A 94 -1.11 6.21 26.56
C VAL A 94 -1.61 4.93 27.21
N LEU A 95 -1.97 3.97 26.38
CA LEU A 95 -2.30 2.64 26.85
C LEU A 95 -1.02 1.80 27.01
N THR A 96 -0.94 0.97 28.08
CA THR A 96 0.18 0.05 28.14
C THR A 96 -0.04 -1.12 27.17
N PRO A 97 1.03 -1.74 26.66
CA PRO A 97 0.83 -2.74 25.60
C PRO A 97 -0.07 -3.89 26.01
N MET A 98 0.01 -4.32 27.27
CA MET A 98 -0.98 -5.24 27.84
C MET A 98 -2.39 -4.69 27.69
N TYR A 99 -2.64 -3.56 28.34
CA TYR A 99 -4.01 -3.09 28.44
C TYR A 99 -4.63 -2.98 27.06
N GLU A 100 -3.86 -2.52 26.07
CA GLU A 100 -4.43 -2.36 24.74
C GLU A 100 -4.97 -3.67 24.18
N LEU A 101 -4.34 -4.80 24.54
CA LEU A 101 -4.85 -6.11 24.17
C LEU A 101 -6.00 -6.57 25.06
N VAL A 102 -5.98 -6.25 26.35
CA VAL A 102 -7.13 -6.70 27.13
C VAL A 102 -8.35 -5.85 26.81
N ASP A 103 -8.14 -4.61 26.37
CA ASP A 103 -9.29 -3.80 25.97
C ASP A 103 -9.82 -4.24 24.61
N TRP A 104 -9.00 -4.18 23.57
CA TRP A 104 -9.42 -4.65 22.28
C TRP A 104 -8.49 -5.75 21.80
N PRO A 105 -9.05 -6.91 21.36
CA PRO A 105 -10.51 -7.09 21.23
C PRO A 105 -11.26 -7.59 22.47
N ALA A 106 -10.52 -8.00 23.50
CA ALA A 106 -10.95 -8.94 24.52
C ALA A 106 -11.97 -8.39 25.54
N SER A 107 -12.19 -7.08 25.64
CA SER A 107 -13.23 -6.54 26.53
C SER A 107 -14.51 -6.15 25.80
N ASN A 108 -14.55 -6.33 24.49
CA ASN A 108 -15.79 -6.01 23.80
C ASN A 108 -16.59 -7.29 23.57
N PRO A 109 -17.91 -7.29 23.79
CA PRO A 109 -18.78 -6.20 24.19
C PRO A 109 -19.23 -6.33 25.64
N GLY A 110 -18.90 -5.40 26.52
CA GLY A 110 -19.37 -5.56 27.88
C GLY A 110 -18.64 -6.61 28.68
N LEU A 111 -17.54 -7.14 28.16
CA LEU A 111 -16.76 -8.12 28.88
C LEU A 111 -15.81 -7.48 29.88
N GLY A 112 -15.69 -6.14 29.86
CA GLY A 112 -14.65 -5.46 30.61
C GLY A 112 -14.79 -5.55 32.12
N ASP A 113 -16.02 -5.64 32.63
CA ASP A 113 -16.19 -5.75 34.08
C ASP A 113 -15.49 -6.99 34.63
N VAL A 114 -15.45 -8.06 33.86
CA VAL A 114 -14.76 -9.27 34.25
C VAL A 114 -13.31 -9.26 33.75
N TYR A 115 -13.08 -8.94 32.48
CA TYR A 115 -11.76 -9.14 31.90
C TYR A 115 -10.85 -7.92 31.95
N ASP A 116 -11.41 -6.71 32.14
CA ASP A 116 -10.66 -5.46 32.10
C ASP A 116 -10.17 -5.09 33.50
N TRP A 117 -11.04 -4.52 34.33
CA TRP A 117 -10.71 -4.22 35.72
C TRP A 117 -11.18 -5.30 36.68
N GLY A 118 -11.86 -6.34 36.20
CA GLY A 118 -12.32 -7.40 37.07
C GLY A 118 -11.20 -8.31 37.53
N GLY A 119 -11.52 -9.15 38.51
CA GLY A 119 -10.50 -10.05 39.02
C GLY A 119 -10.24 -9.81 40.48
N ALA A 120 -9.69 -10.81 41.18
CA ALA A 120 -9.58 -10.74 42.62
C ALA A 120 -8.14 -10.64 43.10
N ILE A 121 -7.15 -10.57 42.22
CA ILE A 121 -5.78 -10.61 42.69
C ILE A 121 -5.37 -9.26 43.32
N GLY A 122 -4.50 -9.32 44.32
CA GLY A 122 -4.02 -8.12 44.97
C GLY A 122 -2.91 -7.44 44.19
N GLY A 123 -2.41 -6.33 44.74
CA GLY A 123 -1.48 -5.53 43.96
C GLY A 123 -2.18 -4.96 42.73
N ALA A 124 -1.41 -4.74 41.67
CA ALA A 124 -1.92 -4.15 40.43
C ALA A 124 -1.60 -5.09 39.26
N LYS A 125 -2.61 -5.86 38.81
CA LYS A 125 -2.39 -6.78 37.70
C LYS A 125 -1.77 -6.08 36.50
N TYR A 126 -2.18 -4.83 36.23
CA TYR A 126 -1.58 -4.02 35.17
C TYR A 126 -2.20 -2.63 35.18
N GLN A 127 -1.50 -1.68 34.58
CA GLN A 127 -2.10 -0.38 34.32
C GLN A 127 -3.02 -0.49 33.12
N ASP A 128 -3.84 0.55 32.93
CA ASP A 128 -4.70 0.60 31.76
C ASP A 128 -4.19 1.75 30.90
N ARG A 129 -4.83 2.92 30.91
CA ARG A 129 -4.25 4.15 30.37
C ARG A 129 -3.43 4.78 31.48
N GLN A 130 -2.16 5.07 31.20
CA GLN A 130 -1.26 5.50 32.25
C GLN A 130 -0.44 6.70 31.81
N SER A 131 -0.35 7.70 32.69
CA SER A 131 0.50 8.87 32.50
C SER A 131 1.94 8.54 32.85
N ASN A 132 2.86 9.36 32.34
CA ASN A 132 4.27 9.20 32.66
C ASN A 132 4.82 7.94 32.03
N THR A 133 4.59 7.81 30.74
CA THR A 133 4.88 6.57 30.05
C THR A 133 5.65 6.92 28.78
N ILE A 134 6.72 6.18 28.53
CA ILE A 134 7.36 6.16 27.22
C ILE A 134 6.93 4.87 26.57
N ARG A 135 6.48 4.96 25.32
CA ARG A 135 6.05 3.76 24.62
C ARG A 135 6.63 3.77 23.21
N TRP A 136 7.30 2.67 22.87
CA TRP A 136 7.80 2.45 21.51
C TRP A 136 6.83 1.54 20.77
N ASP A 137 6.38 1.99 19.58
CA ASP A 137 5.60 1.19 18.64
C ASP A 137 6.47 0.93 17.43
N SER A 138 6.82 -0.33 17.20
CA SER A 138 7.58 -0.71 16.03
C SER A 138 6.73 -0.54 14.78
N PRO A 139 7.36 -0.45 13.63
CA PRO A 139 6.63 -0.63 12.37
C PRO A 139 6.15 -2.06 12.26
N MET A 140 5.25 -2.30 11.32
CA MET A 140 4.83 -3.67 10.99
C MET A 140 5.92 -4.28 10.13
N TYR A 141 6.95 -4.80 10.79
CA TYR A 141 8.08 -5.42 10.08
C TYR A 141 7.55 -6.50 9.13
N ALA A 142 7.90 -6.37 7.84
CA ALA A 142 7.42 -7.27 6.81
C ALA A 142 5.89 -7.33 6.75
N ASP A 143 5.22 -6.27 7.19
CA ASP A 143 3.75 -6.21 7.22
C ASP A 143 3.12 -7.31 8.08
N LYS A 144 3.87 -7.93 8.99
CA LYS A 144 3.32 -9.08 9.71
C LYS A 144 3.61 -9.00 11.21
N PHE A 145 4.74 -8.43 11.59
CA PHE A 145 5.25 -8.50 12.96
C PHE A 145 5.38 -7.10 13.55
N SER A 146 4.82 -6.91 14.74
CA SER A 146 4.91 -5.63 15.43
C SER A 146 5.11 -5.87 16.93
N ILE A 147 5.79 -4.91 17.54
CA ILE A 147 6.07 -4.94 18.97
C ILE A 147 5.65 -3.62 19.58
N ASP A 148 5.01 -3.69 20.75
CA ASP A 148 4.72 -2.51 21.55
C ASP A 148 5.44 -2.67 22.87
N ALA A 149 6.19 -1.67 23.27
CA ALA A 149 6.94 -1.77 24.51
C ALA A 149 6.88 -0.44 25.26
N ALA A 150 6.86 -0.51 26.58
CA ALA A 150 6.69 0.70 27.36
C ALA A 150 7.19 0.49 28.78
N VAL A 151 7.70 1.59 29.36
CA VAL A 151 7.95 1.69 30.78
C VAL A 151 7.32 2.98 31.28
N GLY A 152 7.05 3.02 32.59
CA GLY A 152 6.44 4.23 33.10
C GLY A 152 6.34 4.24 34.60
N ALA A 153 5.85 5.36 35.11
CA ALA A 153 5.62 5.54 36.52
C ALA A 153 4.31 4.90 36.94
N GLY A 154 4.17 4.67 38.25
CA GLY A 154 2.95 4.11 38.79
C GLY A 154 1.92 5.18 39.15
N ASP A 155 0.80 4.70 39.69
CA ASP A 155 -0.25 5.62 40.11
C ASP A 155 0.22 6.50 41.29
N LYS A 156 0.86 5.92 42.30
CA LYS A 156 1.34 6.76 43.40
C LYS A 156 2.51 7.65 42.97
N ALA A 157 3.41 7.17 42.12
CA ALA A 157 4.57 7.98 41.71
C ALA A 157 4.15 9.22 40.92
N GLY A 158 3.17 9.06 40.03
CA GLY A 158 2.62 10.17 39.31
C GLY A 158 2.13 11.31 40.17
N LEU A 159 1.92 11.06 41.47
CA LEU A 159 1.47 12.06 42.41
C LEU A 159 2.56 12.51 43.36
N GLY A 160 3.76 11.94 43.27
CA GLY A 160 4.78 12.20 44.27
C GLY A 160 4.59 11.43 45.55
N ALA A 161 3.74 10.41 45.53
CA ALA A 161 3.29 9.69 46.71
C ALA A 161 3.77 8.24 46.74
N GLY A 162 4.64 7.84 45.82
CA GLY A 162 5.07 6.46 45.73
C GLY A 162 6.30 6.36 44.88
N ASP A 163 6.79 5.12 44.75
CA ASP A 163 7.89 4.81 43.83
C ASP A 163 7.52 3.67 42.90
N ASP A 164 6.23 3.46 42.67
CA ASP A 164 5.79 2.36 41.81
C ASP A 164 6.16 2.63 40.36
N TYR A 165 6.43 1.55 39.63
CA TYR A 165 6.82 1.64 38.24
C TYR A 165 6.45 0.31 37.60
N TRP A 166 6.62 0.24 36.28
CA TRP A 166 6.10 -0.89 35.55
C TRP A 166 6.69 -0.84 34.16
N GLY A 167 6.85 -2.03 33.58
CA GLY A 167 7.12 -2.11 32.17
C GLY A 167 6.29 -3.23 31.57
N GLY A 168 6.10 -3.12 30.24
CA GLY A 168 5.40 -4.18 29.55
C GLY A 168 5.78 -4.23 28.08
N ILE A 169 5.32 -5.29 27.44
CA ILE A 169 5.61 -5.53 26.03
C ILE A 169 4.52 -6.43 25.48
N ALA A 170 4.24 -6.26 24.20
CA ALA A 170 3.27 -7.09 23.51
C ALA A 170 3.75 -7.26 22.09
N ALA A 171 3.42 -8.41 21.52
CA ALA A 171 3.85 -8.76 20.18
C ALA A 171 2.66 -9.31 19.42
N HIS A 172 2.61 -8.99 18.13
CA HIS A 172 1.57 -9.44 17.23
C HIS A 172 2.22 -9.91 15.94
N TYR A 173 1.69 -10.99 15.38
CA TYR A 173 2.18 -11.55 14.14
C TYR A 173 0.96 -11.98 13.36
N LYS A 174 0.73 -11.33 12.21
CA LYS A 174 -0.41 -11.62 11.37
C LYS A 174 -0.06 -12.78 10.45
N LEU A 175 -0.87 -13.83 10.49
CA LEU A 175 -0.66 -15.06 9.74
C LEU A 175 -1.88 -15.25 8.85
N GLY A 176 -1.92 -14.50 7.75
CA GLY A 176 -3.05 -14.59 6.85
C GLY A 176 -4.28 -13.98 7.47
N PRO A 177 -5.33 -14.78 7.67
CA PRO A 177 -6.54 -14.29 8.38
C PRO A 177 -6.44 -14.31 9.92
N LEU A 178 -5.38 -14.86 10.51
CA LEU A 178 -5.22 -14.91 11.95
C LEU A 178 -4.14 -13.95 12.42
N GLN A 179 -4.28 -13.51 13.66
CA GLN A 179 -3.23 -12.75 14.34
C GLN A 179 -2.93 -13.40 15.68
N LEU A 180 -1.64 -13.63 15.95
CA LEU A 180 -1.23 -14.13 17.26
C LEU A 180 -0.85 -12.93 18.10
N ASP A 181 -1.31 -12.90 19.35
CA ASP A 181 -0.93 -11.84 20.27
C ASP A 181 -0.32 -12.45 21.52
N ALA A 182 0.77 -11.84 21.97
CA ALA A 182 1.35 -12.16 23.27
C ALA A 182 1.75 -10.85 23.92
N ALA A 183 1.62 -10.79 25.25
CA ALA A 183 2.02 -9.60 25.98
C ALA A 183 2.31 -9.94 27.42
N TYR A 184 2.94 -8.99 28.07
CA TYR A 184 3.42 -9.09 29.43
C TYR A 184 3.40 -7.70 30.06
N GLU A 185 3.15 -7.65 31.36
CA GLU A 185 3.34 -6.42 32.10
C GLU A 185 3.79 -6.78 33.50
N GLY A 186 4.81 -6.09 33.96
CA GLY A 186 5.24 -6.21 35.33
C GLY A 186 5.11 -4.89 36.06
N ASN A 187 4.49 -4.94 37.25
CA ASN A 187 4.41 -3.79 38.14
C ASN A 187 5.25 -4.05 39.38
N ARG A 188 5.88 -2.99 39.89
CA ARG A 188 6.88 -3.04 40.95
C ARG A 188 6.53 -1.96 41.98
N ASN A 189 6.82 -2.24 43.26
CA ASN A 189 6.70 -1.23 44.32
C ASN A 189 5.25 -0.77 44.52
N ILE A 190 4.28 -1.62 44.21
CA ILE A 190 2.87 -1.30 44.38
C ILE A 190 2.53 -1.41 45.87
N GLU A 191 2.05 -0.30 46.46
CA GLU A 191 1.72 -0.27 47.88
C GLU A 191 0.22 -0.47 48.04
N ALA A 192 -0.18 -1.56 48.69
CA ALA A 192 -1.58 -1.91 48.84
C ALA A 192 -1.74 -2.91 49.97
N GLU A 193 -2.90 -2.84 50.63
CA GLU A 193 -3.24 -3.78 51.71
C GLU A 193 -2.11 -3.90 52.74
N GLY A 194 -1.36 -2.82 52.93
CA GLY A 194 -0.26 -2.79 53.87
C GLY A 194 0.94 -3.63 53.48
N GLN A 195 1.13 -3.91 52.20
CA GLN A 195 2.26 -4.69 51.70
C GLN A 195 2.79 -4.01 50.46
N THR A 196 3.97 -4.43 50.04
CA THR A 196 4.52 -3.97 48.78
C THR A 196 4.48 -5.14 47.79
N TRP A 197 3.81 -4.95 46.67
CA TRP A 197 3.55 -6.03 45.72
C TRP A 197 4.43 -5.94 44.48
N GLU A 198 4.73 -7.09 43.92
CA GLU A 198 5.13 -7.21 42.53
C GLU A 198 4.08 -8.00 41.78
N ASN A 199 3.62 -7.47 40.66
CA ASN A 199 2.71 -8.21 39.79
C ASN A 199 3.43 -8.63 38.53
N ASN A 200 3.02 -9.77 37.99
CA ASN A 200 3.41 -10.18 36.65
C ASN A 200 2.17 -10.75 35.99
N THR A 201 1.82 -10.20 34.84
CA THR A 201 0.68 -10.66 34.07
C THR A 201 1.19 -11.08 32.69
N TYR A 202 0.69 -12.23 32.23
CA TYR A 202 1.07 -12.81 30.95
C TYR A 202 -0.20 -13.01 30.16
N LEU A 203 -0.14 -12.66 28.87
CA LEU A 203 -1.29 -12.78 28.01
C LEU A 203 -0.86 -13.36 26.68
N VAL A 204 -1.62 -14.37 26.23
CA VAL A 204 -1.57 -14.92 24.90
C VAL A 204 -2.99 -14.98 24.34
N GLY A 205 -3.14 -14.69 23.06
CA GLY A 205 -4.45 -14.76 22.45
C GLY A 205 -4.33 -14.81 20.94
N VAL A 206 -5.47 -15.10 20.33
CA VAL A 206 -5.54 -15.24 18.88
C VAL A 206 -6.80 -14.54 18.40
N GLN A 207 -6.73 -14.03 17.16
CA GLN A 207 -7.76 -13.21 16.53
C GLN A 207 -7.89 -13.63 15.08
N GLY A 208 -9.12 -13.82 14.59
CA GLY A 208 -9.29 -14.21 13.20
C GLY A 208 -10.31 -13.42 12.42
N TRP A 209 -9.99 -13.09 11.17
CA TRP A 209 -10.93 -12.44 10.27
C TRP A 209 -10.95 -13.22 8.95
N PHE A 210 -12.02 -13.98 8.74
CA PHE A 210 -12.18 -14.77 7.52
C PHE A 210 -13.12 -14.10 6.53
N GLU A 211 -12.97 -14.45 5.25
CA GLU A 211 -13.77 -13.87 4.18
C GLU A 211 -15.22 -14.39 4.15
N ASN A 212 -15.57 -15.40 4.92
CA ASN A 212 -16.97 -15.86 4.93
C ASN A 212 -17.85 -15.07 5.90
N GLY A 213 -17.32 -14.00 6.53
CA GLY A 213 -18.04 -13.17 7.49
C GLY A 213 -17.82 -13.54 8.96
N ILE A 214 -17.22 -14.69 9.22
CA ILE A 214 -16.93 -15.11 10.58
C ILE A 214 -15.64 -14.45 11.05
N SER A 215 -15.63 -14.08 12.33
CA SER A 215 -14.53 -13.42 13.00
C SER A 215 -14.50 -13.91 14.44
N PHE A 216 -13.36 -13.77 15.11
CA PHE A 216 -13.29 -14.29 16.46
C PHE A 216 -12.00 -13.84 17.12
N PHE A 217 -11.96 -14.03 18.43
CA PHE A 217 -10.78 -13.83 19.24
C PHE A 217 -10.92 -14.75 20.45
N ALA A 218 -9.78 -15.22 20.93
CA ALA A 218 -9.72 -15.88 22.23
C ALA A 218 -8.42 -15.47 22.88
N GLN A 219 -8.48 -15.26 24.20
CA GLN A 219 -7.30 -14.89 24.94
C GLN A 219 -7.27 -15.63 26.26
N TYR A 220 -6.04 -15.91 26.69
CA TYR A 220 -5.78 -16.47 28.00
C TYR A 220 -4.89 -15.50 28.75
N LYS A 221 -5.26 -15.19 29.99
CA LYS A 221 -4.53 -14.23 30.80
C LYS A 221 -4.13 -14.90 32.10
N TYR A 222 -2.88 -14.71 32.52
CA TYR A 222 -2.35 -15.32 33.72
C TYR A 222 -1.77 -14.22 34.58
N MET A 223 -2.22 -14.15 35.83
CA MET A 223 -1.87 -13.07 36.72
C MET A 223 -1.29 -13.65 38.00
N GLU A 224 -0.11 -13.18 38.34
CA GLU A 224 0.59 -13.56 39.55
C GLU A 224 0.93 -12.30 40.32
N ALA A 225 0.81 -12.36 41.65
CA ALA A 225 1.24 -11.28 42.51
C ALA A 225 2.00 -11.88 43.68
N ASP A 226 3.02 -11.15 44.12
CA ASP A 226 3.86 -11.52 45.25
C ASP A 226 3.96 -10.33 46.19
N ALA A 227 3.64 -10.57 47.46
CA ALA A 227 3.66 -9.54 48.50
C ALA A 227 4.96 -9.61 49.29
N SER A 228 5.31 -8.48 49.91
CA SER A 228 6.54 -8.40 50.69
C SER A 228 6.51 -9.29 51.92
N ASN A 229 5.32 -9.65 52.40
CA ASN A 229 5.22 -10.62 53.47
C ASN A 229 5.38 -12.07 52.99
N GLY A 230 5.69 -12.28 51.71
CA GLY A 230 5.86 -13.60 51.13
C GLY A 230 4.61 -14.25 50.59
N VAL A 231 3.44 -13.67 50.85
CA VAL A 231 2.20 -14.20 50.28
C VAL A 231 2.32 -14.19 48.77
N ASN A 232 1.83 -15.27 48.14
CA ASN A 232 1.80 -15.42 46.71
C ASN A 232 0.37 -15.62 46.28
N GLU A 233 -0.07 -14.89 45.25
CA GLU A 233 -1.41 -15.06 44.71
C GLU A 233 -1.30 -15.28 43.22
N LYS A 234 -2.29 -15.99 42.68
CA LYS A 234 -2.23 -16.52 41.33
C LYS A 234 -3.67 -16.60 40.84
N GLN A 235 -3.93 -16.07 39.64
CA GLN A 235 -5.27 -16.09 39.08
C GLN A 235 -5.18 -16.02 37.58
N ASP A 236 -6.02 -16.80 36.91
CA ASP A 236 -6.03 -16.78 35.47
C ASP A 236 -7.43 -16.47 34.95
N ALA A 237 -7.50 -16.12 33.67
CA ALA A 237 -8.74 -15.64 33.09
C ALA A 237 -8.72 -15.95 31.61
N MET A 238 -9.92 -15.96 31.03
CA MET A 238 -10.07 -16.16 29.61
C MET A 238 -11.09 -15.15 29.09
N SER A 239 -11.03 -14.90 27.79
CA SER A 239 -12.03 -14.10 27.12
C SER A 239 -12.08 -14.53 25.65
N ALA A 240 -13.29 -14.67 25.13
CA ALA A 240 -13.47 -15.16 23.77
C ALA A 240 -14.67 -14.48 23.16
N GLY A 241 -14.58 -14.26 21.85
CA GLY A 241 -15.69 -13.70 21.11
C GLY A 241 -15.87 -14.31 19.73
N LEU A 242 -17.12 -14.52 19.35
CA LEU A 242 -17.52 -14.91 18.01
C LEU A 242 -18.35 -13.80 17.39
N MET A 243 -18.01 -13.41 16.17
CA MET A 243 -18.75 -12.38 15.44
C MET A 243 -19.11 -12.89 14.06
N TYR A 244 -20.35 -12.63 13.64
CA TYR A 244 -20.75 -12.87 12.27
C TYR A 244 -21.15 -11.53 11.67
N THR A 245 -20.42 -11.10 10.64
CA THR A 245 -20.66 -9.84 9.95
C THR A 245 -21.15 -10.14 8.54
N THR A 246 -22.35 -9.67 8.19
CA THR A 246 -22.96 -9.89 6.89
C THR A 246 -23.56 -8.58 6.38
N GLY A 247 -22.98 -8.03 5.33
CA GLY A 247 -23.48 -6.77 4.81
C GLY A 247 -23.35 -5.68 5.87
N ASP A 248 -24.48 -5.08 6.22
CA ASP A 248 -24.50 -3.96 7.16
C ASP A 248 -24.81 -4.39 8.60
N TRP A 249 -24.72 -5.68 8.90
CA TRP A 249 -25.04 -6.19 10.24
C TRP A 249 -23.85 -6.97 10.80
N GLN A 250 -23.76 -7.01 12.13
CA GLN A 250 -22.75 -7.83 12.80
C GLN A 250 -23.34 -8.38 14.10
N TYR A 251 -23.35 -9.69 14.23
CA TYR A 251 -23.82 -10.38 15.42
C TYR A 251 -22.59 -10.77 16.25
N LYS A 252 -22.71 -10.69 17.57
CA LYS A 252 -21.53 -10.94 18.39
C LYS A 252 -21.92 -11.66 19.67
N LEU A 253 -21.20 -12.73 20.01
CA LEU A 253 -21.27 -13.35 21.32
C LEU A 253 -19.91 -13.22 21.99
N GLY A 254 -19.92 -12.84 23.26
CA GLY A 254 -18.68 -12.75 24.01
C GLY A 254 -18.81 -13.52 25.31
N TYR A 255 -17.67 -14.03 25.76
CA TYR A 255 -17.62 -14.69 27.07
C TYR A 255 -16.27 -14.43 27.70
N ALA A 256 -16.29 -14.00 28.95
CA ALA A 256 -15.07 -13.85 29.74
C ALA A 256 -15.30 -14.38 31.14
N ALA A 257 -14.22 -14.76 31.78
CA ALA A 257 -14.31 -15.37 33.09
C ALA A 257 -12.97 -15.25 33.79
N ASN A 258 -13.03 -14.96 35.08
CA ASN A 258 -11.91 -15.10 35.99
C ASN A 258 -12.14 -16.35 36.81
N PHE A 259 -11.09 -17.14 36.98
CA PHE A 259 -11.24 -18.38 37.74
C PHE A 259 -10.81 -18.16 39.19
N ASP A 260 -11.15 -19.11 40.05
CA ASP A 260 -10.87 -18.95 41.48
C ASP A 260 -9.43 -18.54 41.71
N LEU A 261 -9.23 -17.63 42.66
CA LEU A 261 -7.92 -17.12 42.96
C LEU A 261 -7.19 -18.08 43.89
N GLU A 262 -5.91 -18.33 43.60
CA GLU A 262 -5.07 -19.16 44.44
C GLU A 262 -4.17 -18.27 45.29
N ARG A 263 -4.21 -18.47 46.60
CA ARG A 263 -3.29 -17.78 47.51
C ARG A 263 -2.47 -18.82 48.26
N ASP A 264 -1.14 -18.75 48.11
CA ASP A 264 -0.21 -19.63 48.81
C ASP A 264 -0.61 -21.10 48.66
N GLY A 265 -0.92 -21.50 47.42
CA GLY A 265 -1.28 -22.86 47.11
C GLY A 265 -2.75 -23.21 47.26
N LYS A 266 -3.52 -22.44 48.05
CA LYS A 266 -4.90 -22.77 48.33
C LYS A 266 -5.81 -22.03 47.36
N THR A 267 -6.68 -22.77 46.69
CA THR A 267 -7.78 -22.16 45.97
C THR A 267 -8.71 -21.47 46.94
N LEU A 268 -9.01 -20.20 46.69
CA LEU A 268 -10.07 -19.55 47.44
C LEU A 268 -11.41 -19.84 46.76
N SER A 269 -12.31 -20.49 47.47
CA SER A 269 -13.56 -20.90 46.85
C SER A 269 -14.36 -19.67 46.44
N ASN A 270 -15.14 -19.85 45.37
CA ASN A 270 -16.16 -18.90 44.94
C ASN A 270 -15.61 -17.49 44.76
N THR A 271 -14.40 -17.39 44.17
CA THR A 271 -13.81 -16.10 43.79
C THR A 271 -13.77 -15.89 42.29
N SER A 272 -14.51 -16.68 41.53
CA SER A 272 -14.55 -16.56 40.08
C SER A 272 -15.60 -15.54 39.64
N ASP A 273 -15.42 -15.02 38.42
CA ASP A 273 -16.33 -14.12 37.73
C ASP A 273 -16.58 -14.66 36.33
N ASP A 274 -17.81 -14.55 35.84
CA ASP A 274 -17.98 -14.67 34.39
C ASP A 274 -19.05 -13.71 33.88
N VAL A 275 -18.95 -13.40 32.59
CA VAL A 275 -19.89 -12.56 31.89
C VAL A 275 -20.14 -13.19 30.55
N VAL A 276 -21.41 -13.32 30.16
CA VAL A 276 -21.79 -13.72 28.81
C VAL A 276 -22.59 -12.56 28.22
N SER A 277 -22.44 -12.36 26.92
CA SER A 277 -22.86 -11.09 26.32
C SER A 277 -23.19 -11.27 24.85
N ALA A 278 -24.36 -10.77 24.45
CA ALA A 278 -24.79 -10.77 23.06
C ALA A 278 -24.92 -9.33 22.56
N GLN A 279 -24.71 -9.14 21.26
CA GLN A 279 -24.71 -7.81 20.67
C GLN A 279 -25.05 -7.89 19.19
N ILE A 280 -26.02 -7.09 18.77
CA ILE A 280 -26.30 -6.88 17.36
C ILE A 280 -25.90 -5.46 17.03
N MET A 281 -25.26 -5.27 15.88
CA MET A 281 -24.72 -3.97 15.52
C MET A 281 -25.04 -3.67 14.06
N TYR A 282 -25.41 -2.42 13.80
CA TYR A 282 -25.79 -1.95 12.48
C TYR A 282 -24.83 -0.85 12.01
N PHE A 283 -24.22 -1.05 10.85
CA PHE A 283 -23.31 -0.05 10.27
C PHE A 283 -24.13 1.02 9.55
N VAL A 284 -24.75 1.90 10.36
CA VAL A 284 -25.65 2.93 9.86
C VAL A 284 -24.95 3.86 8.87
N ASP A 285 -23.63 3.97 8.96
CA ASP A 285 -22.90 4.88 8.09
C ASP A 285 -21.44 4.48 8.14
N PRO A 286 -20.66 4.81 7.09
CA PRO A 286 -19.21 4.57 7.12
C PRO A 286 -18.53 5.12 8.36
N SER A 287 -19.15 6.11 9.01
CA SER A 287 -18.58 6.80 10.16
C SER A 287 -19.23 6.45 11.49
N ALA A 288 -20.33 5.69 11.49
CA ALA A 288 -21.11 5.49 12.70
C ALA A 288 -21.73 4.10 12.71
N VAL A 289 -22.06 3.64 13.92
CA VAL A 289 -22.70 2.35 14.16
C VAL A 289 -23.84 2.56 15.14
N LEU A 290 -24.85 1.71 15.05
CA LEU A 290 -25.87 1.54 16.08
C LEU A 290 -25.75 0.15 16.67
N TYR A 291 -26.20 -0.04 17.91
CA TYR A 291 -26.03 -1.37 18.50
C TYR A 291 -26.95 -1.57 19.69
N ALA A 292 -27.47 -2.79 19.81
CA ALA A 292 -28.11 -3.27 21.02
C ALA A 292 -27.22 -4.33 21.64
N ARG A 293 -27.31 -4.45 22.96
CA ARG A 293 -26.44 -5.34 23.70
C ARG A 293 -27.13 -5.79 24.97
N ALA A 294 -27.00 -7.06 25.28
CA ALA A 294 -27.50 -7.61 26.52
C ALA A 294 -26.36 -8.40 27.14
N ARG A 295 -26.17 -8.26 28.45
CA ARG A 295 -25.05 -8.96 29.08
C ARG A 295 -25.45 -9.36 30.49
N MET A 296 -24.81 -10.40 30.99
CA MET A 296 -25.11 -10.96 32.30
C MET A 296 -23.79 -11.19 33.01
N ASN A 297 -23.58 -10.48 34.13
CA ASN A 297 -22.34 -10.52 34.90
C ASN A 297 -22.61 -11.26 36.20
N ASP A 298 -21.92 -12.40 36.39
CA ASP A 298 -21.97 -13.16 37.63
C ASP A 298 -20.61 -13.03 38.29
N PHE A 299 -20.53 -12.24 39.35
CA PHE A 299 -19.27 -11.93 40.03
C PHE A 299 -19.08 -12.81 41.25
N ASN A 300 -17.81 -12.94 41.65
CA ASN A 300 -17.41 -13.54 42.91
C ASN A 300 -18.22 -12.91 44.03
N GLU A 301 -18.36 -13.62 45.14
CA GLU A 301 -19.16 -13.12 46.24
C GLU A 301 -18.30 -12.62 47.41
N GLY A 302 -16.99 -12.52 47.21
CA GLY A 302 -16.15 -11.68 48.05
C GLY A 302 -14.90 -12.39 48.52
N LEU A 303 -13.89 -11.60 48.89
CA LEU A 303 -12.68 -12.16 49.46
C LEU A 303 -11.99 -11.09 50.28
N ASP A 304 -11.05 -11.53 51.11
CA ASP A 304 -10.29 -10.64 51.98
C ASP A 304 -8.91 -10.39 51.42
N GLY A 305 -8.49 -9.13 51.50
CA GLY A 305 -7.12 -8.76 51.21
C GLY A 305 -6.19 -9.21 52.29
N LEU A 306 -4.90 -8.92 52.08
CA LEU A 306 -3.84 -9.27 53.01
C LEU A 306 -3.91 -8.49 54.32
N ASP A 307 -4.70 -7.41 54.35
CA ASP A 307 -5.00 -6.64 55.56
C ASP A 307 -6.21 -7.16 56.32
N ASP A 308 -6.81 -8.26 55.87
CA ASP A 308 -7.95 -8.89 56.54
C ASP A 308 -9.21 -8.06 56.42
N ALA A 309 -9.19 -7.08 55.52
CA ALA A 309 -10.36 -6.33 55.10
C ALA A 309 -10.76 -6.77 53.70
N ALA A 310 -12.05 -6.63 53.38
CA ALA A 310 -12.49 -7.07 52.08
C ALA A 310 -11.75 -6.33 50.98
N ARG A 311 -11.34 -7.08 49.97
CA ARG A 311 -10.67 -6.54 48.79
C ARG A 311 -11.71 -6.09 47.78
N TRP A 312 -11.51 -4.89 47.22
CA TRP A 312 -12.49 -4.37 46.29
C TRP A 312 -12.32 -5.00 44.91
N THR A 313 -13.42 -5.52 44.37
CA THR A 313 -13.45 -6.10 43.04
C THR A 313 -14.64 -5.55 42.28
N SER A 314 -14.61 -5.72 40.96
CA SER A 314 -15.73 -5.38 40.09
C SER A 314 -17.03 -6.06 40.53
N GLY A 315 -16.95 -7.04 41.43
CA GLY A 315 -18.12 -7.72 41.94
C GLY A 315 -18.66 -7.15 43.23
N THR A 316 -17.90 -6.24 43.85
CA THR A 316 -18.33 -5.66 45.12
C THR A 316 -19.74 -5.09 45.04
N ASN A 317 -20.10 -4.46 43.93
CA ASN A 317 -21.41 -3.85 43.86
C ASN A 317 -22.48 -4.88 43.56
N GLY A 318 -22.09 -6.06 43.11
CA GLY A 318 -23.09 -7.09 42.91
C GLY A 318 -23.29 -7.54 41.46
N ASP A 319 -23.83 -8.75 41.35
CA ASP A 319 -24.22 -9.31 40.06
C ASP A 319 -25.22 -8.36 39.38
N TYR A 320 -25.16 -8.26 38.05
CA TYR A 320 -26.13 -7.43 37.36
C TYR A 320 -26.26 -7.83 35.90
N ASN A 321 -27.46 -7.63 35.36
CA ASN A 321 -27.71 -7.75 33.93
C ASN A 321 -27.83 -6.36 33.31
N GLU A 322 -27.59 -6.26 32.01
CA GLU A 322 -27.61 -4.94 31.39
C GLU A 322 -28.13 -5.06 29.97
N TYR A 323 -29.11 -4.22 29.66
CA TYR A 323 -29.67 -4.07 28.32
C TYR A 323 -29.36 -2.66 27.88
N SER A 324 -28.71 -2.53 26.72
CA SER A 324 -28.30 -1.24 26.21
C SER A 324 -28.47 -1.15 24.71
N VAL A 325 -28.74 0.06 24.26
CA VAL A 325 -28.60 0.46 22.87
C VAL A 325 -27.63 1.64 22.86
N GLY A 326 -26.92 1.82 21.76
CA GLY A 326 -26.01 2.93 21.69
C GLY A 326 -25.79 3.34 20.25
N VAL A 327 -25.05 4.44 20.10
CA VAL A 327 -24.63 4.97 18.81
C VAL A 327 -23.20 5.45 18.98
N GLU A 328 -22.39 5.30 17.92
CA GLU A 328 -21.02 5.81 17.95
C GLU A 328 -20.64 6.37 16.60
N TYR A 329 -20.15 7.61 16.60
CA TYR A 329 -19.91 8.36 15.37
C TYR A 329 -18.52 8.98 15.45
N TYR A 330 -17.63 8.59 14.54
CA TYR A 330 -16.26 9.05 14.52
C TYR A 330 -16.14 10.18 13.50
N PHE A 331 -15.43 11.24 13.89
CA PHE A 331 -15.20 12.36 12.99
C PHE A 331 -13.80 12.91 13.18
N GLU B 1 -10.24 31.38 16.93
CA GLU B 1 -8.97 30.77 16.57
C GLU B 1 -8.51 29.79 17.65
N VAL B 2 -8.02 28.62 17.23
CA VAL B 2 -7.49 27.63 18.14
C VAL B 2 -5.97 27.72 18.11
N TYR B 3 -5.37 27.80 19.28
CA TYR B 3 -3.93 27.84 19.41
C TYR B 3 -3.53 26.90 20.53
N GLY B 4 -2.23 26.64 20.62
CA GLY B 4 -1.74 25.71 21.62
C GLY B 4 -0.26 25.84 21.80
N ILE B 5 0.20 25.50 23.01
CA ILE B 5 1.60 25.18 23.25
C ILE B 5 1.66 23.71 23.62
N ILE B 6 2.39 22.92 22.83
CA ILE B 6 2.67 21.53 23.16
C ILE B 6 3.99 21.52 23.93
N ALA B 7 3.93 21.23 25.23
CA ALA B 7 5.09 21.27 26.10
C ALA B 7 5.16 19.98 26.91
N MET B 8 6.30 19.33 26.86
CA MET B 8 6.53 18.03 27.46
C MET B 8 7.93 18.04 28.06
N GLN B 9 8.08 17.52 29.26
CA GLN B 9 9.35 17.56 29.97
C GLN B 9 9.57 16.22 30.63
N ALA B 10 10.63 15.52 30.24
CA ALA B 10 11.01 14.31 30.96
C ALA B 10 12.02 14.71 32.02
N ALA B 11 11.59 14.72 33.29
CA ALA B 11 12.40 15.22 34.38
C ALA B 11 12.56 14.14 35.45
N TYR B 12 13.82 13.92 35.86
CA TYR B 12 14.17 13.06 36.99
C TYR B 12 14.54 13.95 38.17
N ARG B 13 13.99 13.67 39.33
CA ARG B 13 14.25 14.47 40.53
C ARG B 13 14.90 13.61 41.60
N ASP B 14 15.99 14.10 42.16
CA ASP B 14 16.65 13.44 43.27
C ASP B 14 16.50 14.35 44.49
N TYR B 15 15.74 13.88 45.47
CA TYR B 15 15.41 14.66 46.65
C TYR B 15 16.32 14.27 47.80
N ASP B 16 16.64 15.27 48.64
CA ASP B 16 17.32 15.09 49.94
C ASP B 16 16.47 15.83 50.98
N SER B 17 15.43 15.15 51.50
CA SER B 17 14.44 15.76 52.39
C SER B 17 14.69 15.49 53.87
N GLY B 18 15.61 14.57 54.18
CA GLY B 18 15.79 14.05 55.52
C GLY B 18 15.09 12.71 55.75
N ASP B 19 14.01 12.44 55.03
CA ASP B 19 13.29 11.19 55.13
C ASP B 19 13.59 10.36 53.89
N ALA B 20 13.97 9.10 54.07
CA ALA B 20 14.24 8.25 52.92
C ALA B 20 12.97 7.99 52.11
N LYS B 21 11.88 7.61 52.79
CA LYS B 21 10.65 7.29 52.08
C LYS B 21 10.09 8.51 51.35
N GLN B 22 10.16 9.68 51.99
CA GLN B 22 9.71 10.89 51.29
C GLN B 22 10.55 11.12 50.04
N ASP B 23 11.87 11.00 50.17
CA ASP B 23 12.76 11.00 49.02
C ASP B 23 12.22 10.10 47.90
N ASP B 24 11.98 8.83 48.19
CA ASP B 24 11.54 7.90 47.15
C ASP B 24 10.24 8.35 46.48
N ASN B 25 9.27 8.79 47.28
CA ASN B 25 7.97 9.16 46.74
C ASN B 25 8.09 10.38 45.82
N LEU B 26 8.70 11.46 46.32
CA LEU B 26 8.78 12.70 45.55
C LEU B 26 9.78 12.61 44.42
N GLY B 27 10.85 11.89 44.60
CA GLY B 27 11.81 11.75 43.54
C GLY B 27 11.44 10.68 42.55
N GLY B 28 12.19 10.64 41.47
CA GLY B 28 11.93 9.72 40.39
C GLY B 28 11.76 10.46 39.08
N MET B 29 11.47 9.69 38.06
CA MET B 29 11.19 10.28 36.77
C MET B 29 9.69 10.54 36.64
N GLN B 30 9.33 11.66 36.00
CA GLN B 30 7.96 11.95 35.59
C GLN B 30 8.00 12.67 34.25
N LEU B 31 6.86 12.74 33.59
CA LEU B 31 6.73 13.44 32.33
C LEU B 31 5.82 14.62 32.58
N ASN B 32 6.40 15.82 32.58
CA ASN B 32 5.69 17.05 32.89
C ASN B 32 5.09 17.56 31.59
N ASN B 33 3.80 17.30 31.41
CA ASN B 33 3.13 17.66 30.17
C ASN B 33 2.35 18.94 30.45
N GLU B 34 2.91 20.05 30.02
CA GLU B 34 2.30 21.34 30.22
C GLU B 34 1.60 21.81 28.95
N SER B 35 1.38 20.91 28.00
CA SER B 35 0.60 21.29 26.84
C SER B 35 -0.72 21.93 27.29
N ARG B 36 -1.19 22.87 26.48
CA ARG B 36 -2.42 23.60 26.74
C ARG B 36 -3.02 24.00 25.40
N ILE B 37 -4.33 23.93 25.31
CA ILE B 37 -5.08 24.36 24.16
C ILE B 37 -5.86 25.59 24.55
N GLY B 38 -5.90 26.58 23.66
CA GLY B 38 -6.57 27.82 23.95
C GLY B 38 -7.36 28.30 22.74
N PHE B 39 -8.31 29.20 23.02
CA PHE B 39 -9.17 29.82 22.03
C PHE B 39 -9.11 31.33 22.21
N ARG B 40 -8.97 32.05 21.10
CA ARG B 40 -8.85 33.51 21.15
C ARG B 40 -9.39 34.12 19.88
N GLY B 41 -9.76 35.38 19.98
CA GLY B 41 -10.25 36.09 18.81
C GLY B 41 -10.46 37.55 19.11
N LYS B 42 -10.59 38.31 18.03
CA LYS B 42 -10.90 39.73 18.10
C LYS B 42 -12.18 39.96 17.32
N LYS B 43 -12.88 41.03 17.66
CA LYS B 43 -14.15 41.35 17.00
C LYS B 43 -14.30 42.85 16.97
N GLN B 44 -14.46 43.40 15.76
CA GLN B 44 -14.71 44.82 15.58
C GLN B 44 -16.22 45.05 15.68
N PHE B 45 -16.65 45.71 16.75
CA PHE B 45 -18.08 45.94 16.94
C PHE B 45 -18.55 47.07 16.04
N ALA B 46 -19.74 46.90 15.45
CA ALA B 46 -20.34 47.95 14.63
C ALA B 46 -20.35 49.29 15.37
N ASN B 47 -20.76 49.29 16.64
CA ASN B 47 -21.09 50.52 17.35
C ASN B 47 -20.14 50.81 18.50
N PHE B 48 -18.88 50.43 18.35
CA PHE B 48 -17.85 50.68 19.35
C PHE B 48 -16.52 50.66 18.62
N GLU B 49 -15.66 51.63 18.88
CA GLU B 49 -14.44 51.70 18.07
C GLU B 49 -13.37 50.76 18.60
N PRO B 50 -13.09 50.76 19.91
CA PRO B 50 -12.09 49.85 20.44
C PRO B 50 -12.42 48.41 20.04
N THR B 51 -11.42 47.72 19.51
CA THR B 51 -11.63 46.35 19.09
C THR B 51 -11.80 45.42 20.29
N PHE B 52 -12.83 44.57 20.23
CA PHE B 52 -13.10 43.59 21.25
C PHE B 52 -12.13 42.43 21.12
N ILE B 53 -11.63 41.97 22.26
CA ILE B 53 -10.73 40.83 22.33
C ILE B 53 -11.19 39.94 23.45
N TRP B 54 -10.94 38.63 23.29
CA TRP B 54 -11.31 37.63 24.28
C TRP B 54 -10.33 36.47 24.14
N GLN B 55 -10.09 35.79 25.27
CA GLN B 55 -9.27 34.59 25.23
C GLN B 55 -9.73 33.60 26.30
N ILE B 56 -9.71 32.32 25.94
CA ILE B 56 -9.96 31.23 26.86
C ILE B 56 -8.83 30.23 26.66
N GLU B 57 -8.04 29.99 27.70
CA GLU B 57 -6.91 29.09 27.59
C GLU B 57 -7.03 27.99 28.63
N GLY B 58 -6.95 26.75 28.19
CA GLY B 58 -6.98 25.64 29.13
C GLY B 58 -5.67 25.49 29.88
N GLY B 59 -5.70 24.61 30.90
CA GLY B 59 -4.55 24.39 31.75
C GLY B 59 -3.67 23.26 31.26
N TYR B 60 -2.64 22.96 32.05
CA TYR B 60 -1.75 21.85 31.72
C TYR B 60 -2.53 20.54 31.65
N VAL B 61 -2.37 19.82 30.53
CA VAL B 61 -3.18 18.61 30.29
C VAL B 61 -2.76 17.44 31.18
N ASP B 62 -1.49 17.37 31.59
CA ASP B 62 -1.04 16.26 32.42
C ASP B 62 0.28 16.59 33.12
N PRO B 63 0.25 17.52 34.08
CA PRO B 63 1.48 17.95 34.76
C PRO B 63 2.07 16.84 35.61
N SER B 64 3.34 17.01 35.94
CA SER B 64 3.87 16.07 36.90
C SER B 64 3.31 16.43 38.27
N PHE B 65 3.37 15.46 39.18
CA PHE B 65 2.82 15.58 40.54
C PHE B 65 1.34 15.92 40.53
N GLY B 66 0.59 15.52 39.50
CA GLY B 66 -0.80 15.92 39.40
C GLY B 66 -1.59 14.95 38.56
N GLY B 67 -2.93 15.11 38.60
CA GLY B 67 -3.80 14.21 37.86
C GLY B 67 -3.85 14.57 36.40
N GLU B 68 -4.57 13.77 35.63
CA GLU B 68 -4.74 14.04 34.21
C GLU B 68 -5.90 14.99 33.97
N GLY B 69 -5.84 15.71 32.86
CA GLY B 69 -6.95 16.59 32.49
C GLY B 69 -6.89 18.00 33.04
N ALA B 70 -7.26 18.95 32.20
CA ALA B 70 -7.36 20.36 32.55
C ALA B 70 -8.60 20.90 31.86
N GLY B 71 -9.22 21.91 32.47
CA GLY B 71 -10.39 22.52 31.92
C GLY B 71 -10.07 23.83 31.23
N LEU B 72 -10.99 24.27 30.37
CA LEU B 72 -10.81 25.55 29.70
C LEU B 72 -11.05 26.68 30.69
N GLY B 73 -10.15 27.65 30.70
CA GLY B 73 -10.25 28.74 31.65
C GLY B 73 -9.27 28.67 32.80
N GLU B 74 -8.36 27.69 32.81
CA GLU B 74 -7.43 27.60 33.93
C GLU B 74 -6.28 28.56 33.78
N ARG B 75 -5.91 28.87 32.54
CA ARG B 75 -4.88 29.83 32.27
C ARG B 75 -5.51 31.13 31.77
N ASP B 76 -4.74 31.95 31.07
CA ASP B 76 -5.17 33.32 30.80
C ASP B 76 -6.46 33.33 30.01
N THR B 77 -7.50 33.90 30.63
CA THR B 77 -8.87 33.83 30.15
C THR B 77 -9.52 35.18 30.42
N PHE B 78 -10.01 35.84 29.38
CA PHE B 78 -10.46 37.22 29.55
C PHE B 78 -11.25 37.71 28.35
N VAL B 79 -11.99 38.79 28.59
CA VAL B 79 -12.45 39.70 27.55
C VAL B 79 -11.64 41.00 27.67
N GLY B 80 -11.85 41.89 26.71
CA GLY B 80 -11.25 43.20 26.80
C GLY B 80 -11.34 43.93 25.48
N PHE B 81 -10.81 45.15 25.50
CA PHE B 81 -10.84 46.06 24.37
C PHE B 81 -9.45 46.64 24.15
N GLU B 82 -9.13 46.93 22.89
CA GLU B 82 -7.84 47.49 22.52
C GLU B 82 -7.99 48.54 21.42
N SER B 83 -7.16 49.57 21.50
CA SER B 83 -6.99 50.59 20.47
C SER B 83 -5.55 51.08 20.51
N ALA B 84 -5.00 51.45 19.34
CA ALA B 84 -3.64 51.99 19.31
C ALA B 84 -3.50 53.22 20.21
N SER B 85 -4.54 54.07 20.28
CA SER B 85 -4.52 55.24 21.14
C SER B 85 -4.08 54.93 22.57
N TRP B 86 -4.92 54.21 23.33
CA TRP B 86 -4.73 54.04 24.76
C TRP B 86 -4.38 52.61 25.19
N GLY B 87 -4.05 51.73 24.26
CA GLY B 87 -3.59 50.39 24.63
C GLY B 87 -4.66 49.33 24.80
N GLN B 88 -4.46 48.44 25.76
CA GLN B 88 -5.25 47.22 25.92
C GLN B 88 -5.86 47.17 27.32
N VAL B 89 -7.13 46.83 27.40
CA VAL B 89 -7.76 46.62 28.69
C VAL B 89 -8.35 45.22 28.66
N ARG B 90 -7.98 44.44 29.68
CA ARG B 90 -8.43 43.07 29.86
C ARG B 90 -9.16 43.00 31.18
N LEU B 91 -10.29 42.28 31.14
CA LEU B 91 -11.11 41.93 32.29
C LEU B 91 -11.07 40.42 32.43
N GLY B 92 -10.88 39.92 33.65
CA GLY B 92 -10.94 38.50 33.89
C GLY B 92 -9.78 37.86 34.62
N ARG B 93 -9.06 36.97 33.94
CA ARG B 93 -8.00 36.15 34.54
C ARG B 93 -6.71 36.31 33.73
N VAL B 94 -5.76 37.08 34.28
CA VAL B 94 -4.52 37.47 33.61
C VAL B 94 -3.41 37.40 34.64
N LEU B 95 -2.16 37.59 34.18
CA LEU B 95 -1.02 37.73 35.09
C LEU B 95 -0.99 39.13 35.70
N THR B 96 -0.66 39.23 36.98
CA THR B 96 -0.41 40.56 37.52
C THR B 96 0.83 41.13 36.85
N PRO B 97 0.95 42.45 36.80
CA PRO B 97 2.17 43.06 36.19
C PRO B 97 3.44 42.60 36.86
N MET B 98 3.49 42.66 38.19
CA MET B 98 4.62 42.13 38.94
C MET B 98 4.94 40.71 38.52
N TYR B 99 3.93 39.83 38.52
CA TYR B 99 4.22 38.43 38.29
C TYR B 99 4.77 38.19 36.88
N GLU B 100 4.31 38.98 35.91
CA GLU B 100 4.76 38.72 34.55
C GLU B 100 6.27 38.89 34.45
N LEU B 101 6.82 39.86 35.19
CA LEU B 101 8.27 40.07 35.28
C LEU B 101 8.95 39.02 36.15
N VAL B 102 8.31 38.59 37.22
CA VAL B 102 8.89 37.52 38.03
C VAL B 102 9.03 36.26 37.21
N ASP B 103 8.02 35.96 36.38
CA ASP B 103 8.06 34.75 35.58
C ASP B 103 9.10 34.86 34.46
N TRP B 104 8.99 35.93 33.65
CA TRP B 104 9.87 36.19 32.54
C TRP B 104 10.56 37.53 32.71
N PRO B 105 11.91 37.58 32.65
CA PRO B 105 12.79 36.43 32.39
C PRO B 105 13.20 35.64 33.63
N ALA B 106 12.81 36.14 34.80
CA ALA B 106 13.50 35.82 36.04
C ALA B 106 13.37 34.35 36.45
N SER B 107 12.28 33.68 36.09
CA SER B 107 12.08 32.29 36.51
C SER B 107 12.58 31.27 35.50
N ASN B 108 13.17 31.71 34.40
CA ASN B 108 13.74 30.73 33.51
C ASN B 108 15.25 30.69 33.68
N PRO B 109 15.90 29.51 33.72
CA PRO B 109 15.36 28.16 33.53
C PRO B 109 15.16 27.38 34.83
N GLY B 110 13.92 26.97 35.13
CA GLY B 110 13.67 26.25 36.36
C GLY B 110 14.05 26.98 37.63
N LEU B 111 14.04 28.31 37.58
CA LEU B 111 14.27 29.13 38.77
C LEU B 111 13.00 29.34 39.56
N GLY B 112 11.85 28.88 39.05
CA GLY B 112 10.58 29.20 39.68
C GLY B 112 10.45 28.72 41.11
N ASP B 113 11.02 27.55 41.42
CA ASP B 113 10.85 27.05 42.78
C ASP B 113 11.36 28.06 43.79
N VAL B 114 12.40 28.78 43.44
CA VAL B 114 12.93 29.78 44.33
C VAL B 114 12.30 31.13 44.06
N TYR B 115 12.33 31.58 42.81
CA TYR B 115 11.99 32.97 42.54
C TYR B 115 10.52 33.20 42.27
N ASP B 116 9.76 32.14 41.95
CA ASP B 116 8.38 32.28 41.45
C ASP B 116 7.38 32.17 42.60
N TRP B 117 7.22 30.96 43.13
CA TRP B 117 6.37 30.74 44.29
C TRP B 117 7.17 30.46 45.55
N GLY B 118 8.50 30.49 45.48
CA GLY B 118 9.32 30.32 46.66
C GLY B 118 9.31 31.57 47.52
N GLY B 119 9.93 31.46 48.67
CA GLY B 119 9.87 32.51 49.67
C GLY B 119 9.32 32.00 50.99
N ALA B 120 9.43 32.86 52.00
CA ALA B 120 8.98 32.51 53.35
C ALA B 120 8.16 33.61 54.01
N ILE B 121 7.82 34.67 53.31
CA ILE B 121 7.11 35.76 53.96
C ILE B 121 5.64 35.38 54.14
N GLY B 122 5.02 35.92 55.20
CA GLY B 122 3.62 35.69 55.47
C GLY B 122 2.73 36.53 54.59
N GLY B 123 1.42 36.31 54.69
CA GLY B 123 0.52 36.97 53.75
C GLY B 123 0.76 36.52 52.32
N ALA B 124 0.57 37.44 51.38
CA ALA B 124 0.62 37.15 49.94
C ALA B 124 1.65 38.05 49.26
N LYS B 125 2.85 37.51 48.97
CA LYS B 125 3.86 38.35 48.33
C LYS B 125 3.35 38.92 47.03
N TYR B 126 2.51 38.17 46.32
CA TYR B 126 1.92 38.65 45.06
C TYR B 126 1.04 37.54 44.50
N GLN B 127 0.09 37.92 43.67
CA GLN B 127 -0.60 36.91 42.90
C GLN B 127 0.25 36.52 41.70
N ASP B 128 -0.12 35.40 41.07
CA ASP B 128 0.51 35.00 39.82
C ASP B 128 -0.49 35.25 38.72
N ARG B 129 -1.22 34.24 38.25
CA ARG B 129 -2.34 34.41 37.34
C ARG B 129 -3.60 34.53 38.19
N GLN B 130 -4.28 35.67 38.11
CA GLN B 130 -5.42 35.98 38.98
C GLN B 130 -6.67 36.24 38.18
N SER B 131 -7.78 35.73 38.67
CA SER B 131 -9.10 36.03 38.16
C SER B 131 -9.63 37.28 38.84
N ASN B 132 -10.77 37.77 38.35
CA ASN B 132 -11.35 38.98 38.92
C ASN B 132 -10.35 40.13 38.84
N THR B 133 -9.77 40.32 37.65
CA THR B 133 -8.67 41.25 37.43
C THR B 133 -8.98 42.17 36.26
N ILE B 134 -8.82 43.48 36.48
CA ILE B 134 -8.81 44.47 35.40
C ILE B 134 -7.36 44.88 35.18
N ARG B 135 -6.86 44.73 33.95
CA ARG B 135 -5.47 45.04 33.64
C ARG B 135 -5.41 45.93 32.42
N TRP B 136 -4.80 47.10 32.58
CA TRP B 136 -4.51 48.01 31.48
C TRP B 136 -3.05 47.85 31.05
N ASP B 137 -2.84 47.59 29.76
CA ASP B 137 -1.52 47.61 29.13
C ASP B 137 -1.45 48.81 28.19
N SER B 138 -0.55 49.74 28.46
CA SER B 138 -0.41 50.90 27.61
C SER B 138 0.27 50.52 26.30
N PRO B 139 0.19 51.40 25.29
CA PRO B 139 0.96 51.16 24.06
C PRO B 139 2.43 51.43 24.31
N MET B 140 3.30 51.18 23.33
CA MET B 140 4.73 51.49 23.43
C MET B 140 4.98 52.98 23.19
N TYR B 141 4.73 53.79 24.21
CA TYR B 141 4.94 55.23 24.10
C TYR B 141 6.34 55.54 23.57
N ALA B 142 6.40 56.22 22.43
CA ALA B 142 7.67 56.60 21.80
C ALA B 142 8.55 55.39 21.53
N ASP B 143 7.95 54.19 21.55
CA ASP B 143 8.66 52.96 21.24
C ASP B 143 9.63 52.54 22.34
N LYS B 144 9.48 53.08 23.55
CA LYS B 144 10.45 52.80 24.58
C LYS B 144 9.78 52.54 25.92
N PHE B 145 8.76 53.32 26.25
CA PHE B 145 8.12 53.28 27.56
C PHE B 145 6.78 52.56 27.47
N SER B 146 6.59 51.52 28.28
CA SER B 146 5.33 50.81 28.38
C SER B 146 4.97 50.64 29.85
N ILE B 147 3.68 50.61 30.13
CA ILE B 147 3.20 50.45 31.50
C ILE B 147 2.17 49.34 31.55
N ASP B 148 2.25 48.51 32.58
CA ASP B 148 1.22 47.55 32.96
C ASP B 148 0.61 48.01 34.27
N ALA B 149 -0.71 48.05 34.35
CA ALA B 149 -1.37 48.31 35.63
C ALA B 149 -2.59 47.42 35.76
N ALA B 150 -2.87 46.99 36.99
CA ALA B 150 -3.94 46.03 37.22
C ALA B 150 -4.47 46.19 38.64
N VAL B 151 -5.74 45.81 38.83
CA VAL B 151 -6.32 45.61 40.14
C VAL B 151 -7.24 44.41 40.09
N GLY B 152 -7.49 43.80 41.25
CA GLY B 152 -8.34 42.62 41.27
C GLY B 152 -8.68 42.18 42.67
N ALA B 153 -9.70 41.34 42.74
CA ALA B 153 -10.03 40.67 43.97
C ALA B 153 -8.96 39.65 44.32
N GLY B 154 -8.88 39.36 45.62
CA GLY B 154 -8.01 38.34 46.13
C GLY B 154 -8.55 36.94 45.94
N ASP B 155 -7.81 35.99 46.50
CA ASP B 155 -8.17 34.59 46.36
C ASP B 155 -9.47 34.27 47.13
N LYS B 156 -9.56 34.69 48.39
CA LYS B 156 -10.76 34.40 49.17
C LYS B 156 -11.94 35.23 48.71
N ALA B 157 -11.70 36.49 48.35
CA ALA B 157 -12.78 37.30 47.76
C ALA B 157 -13.33 36.64 46.50
N GLY B 158 -12.48 35.93 45.74
CA GLY B 158 -12.92 35.26 44.54
C GLY B 158 -13.94 34.14 44.76
N LEU B 159 -14.05 33.64 45.99
CA LEU B 159 -14.96 32.58 46.36
C LEU B 159 -16.07 33.08 47.28
N GLY B 160 -16.12 34.38 47.54
CA GLY B 160 -17.04 34.93 48.52
C GLY B 160 -16.71 34.59 49.95
N ALA B 161 -15.44 34.31 50.26
CA ALA B 161 -15.02 34.05 51.62
C ALA B 161 -14.08 35.12 52.17
N GLY B 162 -14.02 36.28 51.53
CA GLY B 162 -13.06 37.27 51.97
C GLY B 162 -13.21 38.59 51.25
N ASP B 163 -12.39 39.54 51.69
CA ASP B 163 -12.39 40.88 51.12
C ASP B 163 -11.00 41.28 50.66
N ASP B 164 -10.13 40.31 50.34
CA ASP B 164 -8.78 40.64 49.91
C ASP B 164 -8.78 41.17 48.48
N TYR B 165 -7.87 42.08 48.21
CA TYR B 165 -7.74 42.75 46.92
C TYR B 165 -6.28 43.13 46.72
N TRP B 166 -5.96 43.62 45.54
CA TRP B 166 -4.56 43.91 45.25
C TRP B 166 -4.49 44.84 44.04
N GLY B 167 -3.45 45.67 44.05
CA GLY B 167 -3.14 46.48 42.90
C GLY B 167 -1.69 46.31 42.53
N GLY B 168 -1.38 46.61 41.28
CA GLY B 168 -0.04 46.41 40.77
C GLY B 168 0.20 47.30 39.57
N ILE B 169 1.48 47.39 39.22
CA ILE B 169 1.96 48.32 38.21
C ILE B 169 3.37 47.87 37.85
N ALA B 170 3.68 47.92 36.58
CA ALA B 170 5.05 47.71 36.14
C ALA B 170 5.34 48.61 34.94
N ALA B 171 6.59 49.00 34.82
CA ALA B 171 7.03 49.87 33.74
C ALA B 171 8.24 49.24 33.08
N HIS B 172 8.36 49.51 31.79
CA HIS B 172 9.51 49.04 31.02
C HIS B 172 9.99 50.20 30.14
N TYR B 173 11.31 50.32 30.00
CA TYR B 173 11.93 51.31 29.14
C TYR B 173 13.01 50.61 28.34
N LYS B 174 12.91 50.66 27.00
CA LYS B 174 13.92 50.04 26.15
C LYS B 174 14.97 51.08 25.75
N LEU B 175 16.25 50.70 25.82
CA LEU B 175 17.42 51.56 25.60
C LEU B 175 18.41 50.75 24.78
N GLY B 176 18.11 50.61 23.49
CA GLY B 176 18.96 49.84 22.60
C GLY B 176 18.93 48.37 22.97
N PRO B 177 20.08 47.80 23.27
CA PRO B 177 20.14 46.42 23.74
C PRO B 177 19.76 46.23 25.21
N LEU B 178 19.16 47.24 25.83
CA LEU B 178 18.86 47.21 27.25
C LEU B 178 17.38 47.43 27.48
N GLN B 179 16.87 46.86 28.57
CA GLN B 179 15.51 47.18 28.99
C GLN B 179 15.50 47.27 30.51
N LEU B 180 14.85 48.30 31.01
CA LEU B 180 14.76 48.55 32.45
C LEU B 180 13.34 48.26 32.89
N ASP B 181 13.22 47.37 33.88
CA ASP B 181 11.95 46.87 34.38
C ASP B 181 11.78 47.31 35.82
N ALA B 182 10.59 47.79 36.16
CA ALA B 182 10.30 48.16 37.54
C ALA B 182 8.85 47.78 37.85
N ALA B 183 8.64 46.98 38.88
CA ALA B 183 7.28 46.52 39.17
C ALA B 183 6.96 46.72 40.63
N TYR B 184 5.66 46.69 40.93
CA TYR B 184 5.16 46.78 42.29
C TYR B 184 3.85 46.00 42.42
N GLU B 185 3.63 45.38 43.57
CA GLU B 185 2.32 44.83 43.88
C GLU B 185 2.02 45.01 45.35
N GLY B 186 0.84 45.55 45.64
CA GLY B 186 0.36 45.66 47.00
C GLY B 186 -0.84 44.74 47.17
N ASN B 187 -0.82 43.98 48.26
CA ASN B 187 -1.88 43.08 48.64
C ASN B 187 -2.46 43.49 49.98
N ARG B 188 -3.79 43.38 50.12
CA ARG B 188 -4.45 43.89 51.31
C ARG B 188 -5.53 42.91 51.75
N ASN B 189 -5.85 42.96 53.05
CA ASN B 189 -6.91 42.13 53.64
C ASN B 189 -6.65 40.65 53.39
N ILE B 190 -5.37 40.27 53.38
CA ILE B 190 -4.95 38.87 53.24
C ILE B 190 -5.10 38.19 54.60
N GLU B 191 -5.94 37.15 54.65
CA GLU B 191 -6.27 36.48 55.91
C GLU B 191 -5.49 35.18 55.96
N ALA B 192 -4.48 35.14 56.84
CA ALA B 192 -3.68 33.94 57.03
C ALA B 192 -3.07 33.94 58.43
N GLU B 193 -2.85 32.71 58.95
CA GLU B 193 -2.17 32.49 60.23
C GLU B 193 -2.84 33.26 61.36
N GLY B 194 -4.18 33.24 61.38
CA GLY B 194 -5.00 33.94 62.36
C GLY B 194 -4.83 35.44 62.37
N GLN B 195 -4.41 36.03 61.26
CA GLN B 195 -4.10 37.45 61.19
C GLN B 195 -4.55 37.96 59.84
N THR B 196 -4.81 39.25 59.78
CA THR B 196 -4.96 39.97 58.52
C THR B 196 -3.61 40.59 58.16
N TRP B 197 -3.19 40.48 56.91
CA TRP B 197 -1.91 40.99 56.47
C TRP B 197 -2.03 42.06 55.40
N GLU B 198 -0.97 42.85 55.26
CA GLU B 198 -0.77 43.69 54.08
C GLU B 198 0.62 43.45 53.53
N ASN B 199 0.73 43.31 52.22
CA ASN B 199 1.97 42.93 51.58
C ASN B 199 2.35 43.99 50.57
N ASN B 200 3.64 44.29 50.51
CA ASN B 200 4.16 45.19 49.50
C ASN B 200 5.40 44.56 48.90
N THR B 201 5.40 44.44 47.58
CA THR B 201 6.51 43.88 46.87
C THR B 201 6.96 44.86 45.80
N TYR B 202 8.27 45.06 45.72
CA TYR B 202 8.89 45.88 44.69
C TYR B 202 9.92 45.04 43.97
N LEU B 203 10.09 45.33 42.68
CA LEU B 203 10.99 44.61 41.80
C LEU B 203 11.64 45.62 40.86
N VAL B 204 12.98 45.53 40.72
CA VAL B 204 13.76 46.25 39.71
C VAL B 204 14.54 45.22 38.94
N GLY B 205 14.82 45.53 37.68
CA GLY B 205 15.51 44.57 36.84
C GLY B 205 15.92 45.15 35.51
N VAL B 206 16.93 44.54 34.92
CA VAL B 206 17.46 44.88 33.62
C VAL B 206 17.61 43.60 32.83
N GLN B 207 17.38 43.68 31.52
CA GLN B 207 17.73 42.62 30.58
C GLN B 207 18.50 43.25 29.43
N GLY B 208 19.37 42.45 28.83
CA GLY B 208 20.20 42.94 27.75
C GLY B 208 20.31 41.92 26.64
N TRP B 209 20.16 42.40 25.40
CA TRP B 209 20.27 41.59 24.19
C TRP B 209 21.27 42.28 23.28
N PHE B 210 22.43 41.66 23.07
CA PHE B 210 23.51 42.20 22.25
C PHE B 210 23.63 41.41 20.96
N GLU B 211 23.77 42.13 19.85
CA GLU B 211 24.11 41.48 18.59
C GLU B 211 25.36 40.60 18.70
N ASN B 212 26.16 40.79 19.74
CA ASN B 212 27.26 39.89 20.05
C ASN B 212 26.79 38.46 20.39
N GLY B 213 25.49 38.26 20.62
CA GLY B 213 24.96 36.94 20.94
C GLY B 213 24.83 36.66 22.42
N ILE B 214 25.32 37.55 23.28
CA ILE B 214 25.21 37.40 24.72
C ILE B 214 23.98 38.17 25.19
N SER B 215 23.16 37.52 26.02
CA SER B 215 22.03 38.17 26.68
C SER B 215 22.07 37.88 28.17
N PHE B 216 21.43 38.75 28.93
CA PHE B 216 21.49 38.59 30.38
C PHE B 216 20.27 39.28 30.96
N PHE B 217 19.92 38.87 32.17
CA PHE B 217 18.93 39.57 32.95
C PHE B 217 19.35 39.52 34.41
N ALA B 218 18.93 40.54 35.17
CA ALA B 218 19.19 40.61 36.60
C ALA B 218 18.02 41.30 37.25
N GLN B 219 17.49 40.69 38.31
CA GLN B 219 16.33 41.24 38.99
C GLN B 219 16.57 41.24 40.49
N TYR B 220 16.07 42.28 41.16
CA TYR B 220 16.11 42.39 42.60
C TYR B 220 14.67 42.52 43.10
N LYS B 221 14.30 41.73 44.09
CA LYS B 221 12.92 41.68 44.55
C LYS B 221 12.92 41.89 46.06
N TYR B 222 12.06 42.78 46.53
CA TYR B 222 12.02 43.19 47.92
C TYR B 222 10.59 43.00 48.41
N MET B 223 10.43 42.24 49.49
CA MET B 223 9.11 41.83 49.95
C MET B 223 8.91 42.27 51.38
N GLU B 224 7.84 43.02 51.60
CA GLU B 224 7.46 43.51 52.91
C GLU B 224 6.06 43.00 53.25
N ALA B 225 5.84 42.78 54.54
CA ALA B 225 4.57 42.22 54.99
C ALA B 225 4.32 42.67 56.43
N ASP B 226 3.07 43.03 56.70
CA ASP B 226 2.65 43.55 58.00
C ASP B 226 1.37 42.86 58.43
N ALA B 227 1.39 42.28 59.62
CA ALA B 227 0.27 41.54 60.17
C ALA B 227 -0.50 42.40 61.17
N SER B 228 -1.81 42.17 61.23
CA SER B 228 -2.68 42.99 62.07
C SER B 228 -2.31 42.93 63.55
N ASN B 229 -1.50 41.96 63.97
CA ASN B 229 -1.07 41.91 65.37
C ASN B 229 0.17 42.77 65.64
N GLY B 230 0.75 43.40 64.61
CA GLY B 230 1.92 44.25 64.75
C GLY B 230 3.18 43.68 64.13
N VAL B 231 3.26 42.36 63.97
CA VAL B 231 4.45 41.76 63.38
C VAL B 231 4.70 42.36 62.00
N ASN B 232 5.96 42.58 61.68
CA ASN B 232 6.39 43.04 60.37
C ASN B 232 7.40 42.05 59.83
N GLU B 233 7.30 41.72 58.55
CA GLU B 233 8.23 40.78 57.93
C GLU B 233 8.83 41.42 56.69
N LYS B 234 10.10 41.10 56.45
CA LYS B 234 10.86 41.54 55.29
C LYS B 234 11.65 40.36 54.77
N GLN B 235 11.77 40.27 53.46
CA GLN B 235 12.64 39.32 52.81
C GLN B 235 12.92 39.87 51.42
N ASP B 236 14.12 39.62 50.92
CA ASP B 236 14.46 40.07 49.60
C ASP B 236 14.99 38.89 48.80
N ALA B 237 15.21 39.12 47.52
CA ALA B 237 15.57 38.02 46.64
C ALA B 237 16.13 38.58 45.35
N MET B 238 16.76 37.70 44.59
CA MET B 238 17.40 38.10 43.36
C MET B 238 17.32 36.94 42.39
N SER B 239 17.51 37.28 41.12
CA SER B 239 17.50 36.32 40.04
C SER B 239 18.34 36.88 38.92
N ALA B 240 19.16 36.03 38.31
CA ALA B 240 20.05 36.47 37.26
C ALA B 240 20.26 35.34 36.27
N GLY B 241 20.40 35.72 35.01
CA GLY B 241 20.58 34.75 33.96
C GLY B 241 21.48 35.27 32.85
N LEU B 242 22.28 34.35 32.33
CA LEU B 242 23.29 34.66 31.33
C LEU B 242 23.09 33.71 30.15
N MET B 243 22.96 34.27 28.95
CA MET B 243 22.66 33.48 27.77
C MET B 243 23.64 33.78 26.64
N TYR B 244 24.04 32.74 25.93
CA TYR B 244 24.87 32.86 24.73
C TYR B 244 24.19 32.14 23.56
N THR B 245 23.86 32.89 22.52
CA THR B 245 23.04 32.41 21.40
C THR B 245 23.84 32.37 20.10
N THR B 246 24.16 31.16 19.62
CA THR B 246 24.93 30.94 18.38
C THR B 246 24.13 30.11 17.40
N GLY B 247 23.43 30.78 16.48
CA GLY B 247 22.74 30.07 15.41
C GLY B 247 21.51 29.34 15.89
N ASP B 248 21.60 28.02 15.96
CA ASP B 248 20.50 27.15 16.40
C ASP B 248 20.69 26.65 17.82
N TRP B 249 21.61 27.26 18.58
CA TRP B 249 21.89 26.84 19.95
C TRP B 249 21.78 28.02 20.89
N GLN B 250 21.50 27.72 22.16
CA GLN B 250 21.55 28.71 23.22
C GLN B 250 22.01 28.04 24.50
N TYR B 251 22.85 28.76 25.24
CA TYR B 251 23.38 28.30 26.51
C TYR B 251 22.86 29.25 27.59
N LYS B 252 22.48 28.68 28.73
CA LYS B 252 21.87 29.48 29.78
C LYS B 252 22.32 29.00 31.15
N LEU B 253 22.82 29.95 31.93
CA LEU B 253 23.12 29.76 33.33
C LEU B 253 22.23 30.71 34.11
N GLY B 254 21.47 30.16 35.02
CA GLY B 254 20.58 30.95 35.85
C GLY B 254 20.91 30.74 37.30
N TYR B 255 20.57 31.74 38.09
CA TYR B 255 20.75 31.68 39.53
C TYR B 255 19.69 32.55 40.18
N ALA B 256 19.08 32.04 41.23
CA ALA B 256 18.15 32.85 41.98
C ALA B 256 18.27 32.48 43.45
N ALA B 257 17.91 33.43 44.31
CA ALA B 257 18.09 33.22 45.73
C ALA B 257 17.05 33.99 46.51
N ASN B 258 16.56 33.37 47.57
CA ASN B 258 15.80 34.03 48.62
C ASN B 258 16.70 34.15 49.84
N PHE B 259 16.76 35.34 50.41
CA PHE B 259 17.61 35.58 51.56
C PHE B 259 16.81 35.47 52.87
N ASP B 260 17.54 35.21 53.96
CA ASP B 260 16.90 34.99 55.25
C ASP B 260 15.79 35.99 55.52
N LEU B 261 14.62 35.46 55.86
CA LEU B 261 13.50 36.31 56.26
C LEU B 261 13.87 37.10 57.51
N GLU B 262 13.26 38.27 57.67
CA GLU B 262 13.45 39.07 58.88
C GLU B 262 12.09 39.35 59.49
N ARG B 263 11.94 39.11 60.79
CA ARG B 263 10.67 39.27 61.48
C ARG B 263 10.84 40.17 62.70
N ASP B 264 10.19 41.32 62.66
CA ASP B 264 10.31 42.35 63.70
C ASP B 264 11.77 42.73 63.90
N GLY B 265 12.46 42.98 62.79
CA GLY B 265 13.86 43.35 62.86
C GLY B 265 14.85 42.23 63.13
N LYS B 266 14.41 41.06 63.60
CA LYS B 266 15.32 39.93 63.86
C LYS B 266 15.31 39.00 62.67
N THR B 267 16.51 38.56 62.26
CA THR B 267 16.64 37.64 61.13
C THR B 267 16.38 36.20 61.57
N LEU B 268 15.44 35.54 60.91
CA LEU B 268 15.21 34.11 61.14
C LEU B 268 16.25 33.33 60.36
N SER B 269 17.16 32.64 61.05
CA SER B 269 18.24 32.00 60.31
C SER B 269 17.69 30.79 59.54
N ASN B 270 18.49 30.33 58.56
CA ASN B 270 18.17 29.17 57.72
C ASN B 270 16.79 29.26 57.05
N THR B 271 16.39 30.48 56.65
CA THR B 271 15.15 30.66 55.90
C THR B 271 15.41 31.12 54.47
N SER B 272 16.61 30.85 53.95
CA SER B 272 17.00 31.24 52.60
C SER B 272 16.89 30.05 51.65
N ASP B 273 16.76 30.37 50.37
CA ASP B 273 16.67 29.35 49.32
C ASP B 273 17.61 29.80 48.21
N ASP B 274 18.14 28.83 47.49
CA ASP B 274 18.99 29.19 46.38
C ASP B 274 18.86 28.09 45.34
N VAL B 275 18.97 28.46 44.06
CA VAL B 275 18.84 27.52 42.96
C VAL B 275 19.87 27.90 41.92
N VAL B 276 20.54 26.90 41.37
CA VAL B 276 21.49 27.07 40.29
C VAL B 276 21.03 26.17 39.16
N SER B 277 21.06 26.70 37.94
CA SER B 277 20.41 26.04 36.82
C SER B 277 21.20 26.25 35.55
N ALA B 278 21.42 25.18 34.80
CA ALA B 278 22.08 25.26 33.50
C ALA B 278 21.24 24.58 32.44
N GLN B 279 21.22 25.16 31.25
CA GLN B 279 20.37 24.65 30.18
C GLN B 279 21.04 24.87 28.83
N ILE B 280 20.98 23.85 27.97
CA ILE B 280 21.25 24.01 26.54
C ILE B 280 19.92 23.83 25.82
N MET B 281 19.61 24.78 24.94
CA MET B 281 18.43 24.76 24.10
C MET B 281 18.86 24.76 22.64
N TYR B 282 18.13 24.05 21.78
CA TYR B 282 18.43 23.94 20.36
C TYR B 282 17.19 24.32 19.56
N PHE B 283 17.28 25.38 18.74
CA PHE B 283 16.10 25.88 18.03
C PHE B 283 15.77 24.95 16.87
N VAL B 284 15.18 23.80 17.21
CA VAL B 284 14.91 22.75 16.23
C VAL B 284 14.03 23.25 15.09
N ASP B 285 13.36 24.38 15.27
CA ASP B 285 12.45 24.82 14.22
C ASP B 285 11.94 26.21 14.58
N PRO B 286 11.57 27.02 13.59
CA PRO B 286 11.06 28.37 13.89
C PRO B 286 10.03 28.35 15.00
N SER B 287 9.31 27.25 15.14
CA SER B 287 8.16 27.20 16.02
C SER B 287 8.35 26.28 17.22
N ALA B 288 9.50 25.63 17.36
CA ALA B 288 9.68 24.65 18.41
C ALA B 288 11.10 24.70 18.95
N VAL B 289 11.33 23.92 19.99
CA VAL B 289 12.52 24.02 20.82
C VAL B 289 12.72 22.70 21.53
N LEU B 290 13.96 22.23 21.58
CA LEU B 290 14.35 21.11 22.40
C LEU B 290 15.20 21.63 23.54
N TYR B 291 15.31 20.87 24.62
CA TYR B 291 16.17 21.40 25.66
C TYR B 291 16.56 20.30 26.64
N ALA B 292 17.76 20.45 27.18
CA ALA B 292 18.22 19.69 28.32
C ALA B 292 18.46 20.71 29.41
N ARG B 293 18.28 20.29 30.66
CA ARG B 293 18.35 21.23 31.76
C ARG B 293 18.72 20.48 33.01
N ALA B 294 19.55 21.10 33.83
CA ALA B 294 19.93 20.53 35.12
C ALA B 294 19.95 21.65 36.16
N ARG B 295 19.40 21.35 37.33
CA ARG B 295 19.23 22.39 38.32
C ARG B 295 19.39 21.79 39.70
N MET B 296 19.89 22.63 40.62
CA MET B 296 20.08 22.28 42.02
C MET B 296 19.28 23.27 42.85
N ASN B 297 18.32 22.77 43.64
CA ASN B 297 17.49 23.58 44.52
C ASN B 297 17.91 23.35 45.97
N ASP B 298 18.30 24.40 46.66
CA ASP B 298 18.58 24.30 48.09
C ASP B 298 17.64 25.26 48.82
N PHE B 299 16.61 24.68 49.45
CA PHE B 299 15.56 25.44 50.10
C PHE B 299 15.84 25.59 51.58
N ASN B 300 15.11 26.51 52.20
CA ASN B 300 15.18 26.64 53.64
C ASN B 300 14.80 25.32 54.31
N GLU B 301 15.21 25.17 55.56
CA GLU B 301 14.90 23.95 56.29
C GLU B 301 13.73 24.12 57.24
N GLY B 302 13.01 25.24 57.15
CA GLY B 302 11.69 25.35 57.78
C GLY B 302 11.54 26.54 58.70
N LEU B 303 10.30 27.03 58.84
CA LEU B 303 10.01 28.11 59.78
C LEU B 303 8.54 28.10 60.11
N ASP B 304 8.21 28.65 61.28
CA ASP B 304 6.84 28.68 61.78
C ASP B 304 6.19 30.01 61.44
N GLY B 305 4.88 29.97 61.20
CA GLY B 305 4.11 31.18 61.00
C GLY B 305 3.66 31.80 62.32
N LEU B 306 2.92 32.89 62.20
CA LEU B 306 2.46 33.61 63.39
C LEU B 306 1.49 32.78 64.24
N ASP B 307 0.85 31.74 63.70
CA ASP B 307 0.02 30.85 64.49
C ASP B 307 0.82 29.73 65.15
N ASP B 308 2.14 29.89 65.21
CA ASP B 308 3.02 28.94 65.87
C ASP B 308 2.95 27.56 65.25
N ALA B 309 2.49 27.48 64.01
CA ALA B 309 2.49 26.26 63.22
C ALA B 309 3.41 26.44 62.01
N ALA B 310 3.91 25.31 61.51
CA ALA B 310 4.78 25.35 60.33
C ALA B 310 4.12 26.10 59.19
N ARG B 311 4.84 27.06 58.63
CA ARG B 311 4.40 27.77 57.44
C ARG B 311 4.86 27.00 56.19
N TRP B 312 3.98 26.85 55.21
CA TRP B 312 4.34 26.11 54.01
C TRP B 312 5.21 26.98 53.09
N THR B 313 6.27 26.37 52.56
CA THR B 313 7.06 26.98 51.49
C THR B 313 7.49 25.92 50.49
N SER B 314 8.04 26.41 49.37
CA SER B 314 8.47 25.57 48.27
C SER B 314 9.63 24.72 48.74
N GLY B 315 9.95 24.83 50.03
CA GLY B 315 10.99 24.05 50.69
C GLY B 315 10.48 23.00 51.66
N THR B 316 9.16 22.90 51.86
CA THR B 316 8.66 21.90 52.78
C THR B 316 8.90 20.48 52.26
N ASN B 317 8.79 20.28 50.94
CA ASN B 317 9.13 18.98 50.38
C ASN B 317 10.62 18.73 50.32
N GLY B 318 11.46 19.74 50.55
CA GLY B 318 12.88 19.49 50.74
C GLY B 318 13.71 19.66 49.47
N ASP B 319 15.03 19.73 49.68
CA ASP B 319 15.96 20.07 48.60
C ASP B 319 15.95 19.01 47.52
N TYR B 320 16.14 19.42 46.26
CA TYR B 320 16.19 18.42 45.21
C TYR B 320 16.98 18.95 44.03
N ASN B 321 17.55 18.02 43.26
CA ASN B 321 18.17 18.29 41.97
C ASN B 321 17.31 17.70 40.85
N GLU B 322 17.36 18.32 39.66
CA GLU B 322 16.51 17.92 38.56
C GLU B 322 17.27 17.91 37.24
N TYR B 323 17.25 16.79 36.55
CA TYR B 323 17.74 16.68 35.20
C TYR B 323 16.54 16.48 34.28
N SER B 324 16.46 17.25 33.21
CA SER B 324 15.30 17.08 32.36
C SER B 324 15.65 17.39 30.91
N VAL B 325 14.96 16.68 30.03
CA VAL B 325 14.95 16.96 28.62
C VAL B 325 13.52 17.32 28.27
N GLY B 326 13.35 18.32 27.43
CA GLY B 326 12.02 18.81 27.13
C GLY B 326 11.87 19.13 25.65
N VAL B 327 10.61 19.35 25.26
CA VAL B 327 10.30 19.89 23.94
C VAL B 327 9.18 20.91 24.13
N GLU B 328 9.11 21.86 23.20
CA GLU B 328 8.11 22.92 23.27
C GLU B 328 7.76 23.34 21.85
N TYR B 329 6.48 23.35 21.53
CA TYR B 329 6.01 23.57 20.17
C TYR B 329 4.83 24.53 20.19
N TYR B 330 4.86 25.54 19.33
CA TYR B 330 3.85 26.57 19.29
C TYR B 330 3.06 26.48 17.99
N PHE B 331 1.76 26.65 18.11
CA PHE B 331 0.92 26.73 16.94
C PHE B 331 -0.27 27.64 17.27
N GLU C 1 -18.43 22.13 13.81
CA GLU C 1 -18.50 23.55 14.14
C GLU C 1 -18.01 23.83 15.57
N VAL C 2 -17.13 24.81 15.72
CA VAL C 2 -16.83 25.35 17.04
C VAL C 2 -17.74 26.56 17.19
N TYR C 3 -18.26 26.76 18.39
CA TYR C 3 -19.11 27.90 18.69
C TYR C 3 -18.81 28.33 20.11
N GLY C 4 -19.38 29.47 20.49
CA GLY C 4 -19.00 30.07 21.75
C GLY C 4 -19.94 31.18 22.13
N ILE C 5 -20.06 31.40 23.42
CA ILE C 5 -20.61 32.62 23.98
C ILE C 5 -19.52 33.18 24.88
N ILE C 6 -18.99 34.34 24.50
CA ILE C 6 -18.13 35.10 25.38
C ILE C 6 -19.02 36.00 26.21
N ALA C 7 -18.94 35.86 27.53
CA ALA C 7 -19.83 36.58 28.44
C ALA C 7 -19.03 36.99 29.66
N MET C 8 -18.96 38.28 29.93
CA MET C 8 -18.24 38.75 31.09
C MET C 8 -19.11 39.77 31.78
N GLN C 9 -19.17 39.67 33.10
CA GLN C 9 -20.03 40.54 33.88
C GLN C 9 -19.21 41.06 35.04
N ALA C 10 -19.02 42.37 35.10
CA ALA C 10 -18.40 42.98 36.27
C ALA C 10 -19.52 43.32 37.23
N ALA C 11 -19.51 42.69 38.41
CA ALA C 11 -20.62 42.79 39.34
C ALA C 11 -20.16 43.28 40.69
N TYR C 12 -20.83 44.30 41.21
CA TYR C 12 -20.63 44.79 42.56
C TYR C 12 -21.84 44.40 43.39
N ARG C 13 -21.62 43.65 44.47
CA ARG C 13 -22.70 43.21 45.33
C ARG C 13 -22.55 43.82 46.71
N ASP C 14 -23.63 44.40 47.22
CA ASP C 14 -23.66 44.92 48.59
C ASP C 14 -24.67 44.08 49.36
N TYR C 15 -24.18 43.28 50.31
CA TYR C 15 -24.99 42.35 51.08
C TYR C 15 -25.43 42.97 52.40
N ASP C 16 -26.50 42.41 52.95
CA ASP C 16 -27.02 42.80 54.26
C ASP C 16 -27.53 41.50 54.90
N SER C 17 -26.60 40.70 55.41
CA SER C 17 -26.97 39.44 56.04
C SER C 17 -27.25 39.58 57.52
N GLY C 18 -26.93 40.72 58.13
CA GLY C 18 -26.95 40.85 59.57
C GLY C 18 -25.68 40.38 60.24
N ASP C 19 -24.63 40.08 59.47
CA ASP C 19 -23.28 39.83 59.95
C ASP C 19 -22.33 40.57 59.00
N ALA C 20 -21.63 41.59 59.52
CA ALA C 20 -20.83 42.45 58.65
C ALA C 20 -19.63 41.74 58.06
N LYS C 21 -19.11 40.71 58.74
CA LYS C 21 -18.04 39.91 58.14
C LYS C 21 -18.57 39.12 56.94
N GLN C 22 -19.70 38.42 57.12
CA GLN C 22 -20.35 37.77 55.99
C GLN C 22 -20.66 38.79 54.89
N ASP C 23 -21.09 39.99 55.26
CA ASP C 23 -21.34 41.03 54.25
C ASP C 23 -20.07 41.39 53.49
N ASP C 24 -18.92 41.41 54.18
CA ASP C 24 -17.66 41.73 53.50
C ASP C 24 -17.17 40.55 52.67
N ASN C 25 -17.36 39.33 53.16
CA ASN C 25 -16.87 38.15 52.45
C ASN C 25 -17.61 37.95 51.15
N LEU C 26 -18.94 38.00 51.22
CA LEU C 26 -19.79 37.77 50.06
C LEU C 26 -19.81 38.98 49.16
N GLY C 27 -19.92 40.15 49.73
CA GLY C 27 -19.95 41.35 48.93
C GLY C 27 -18.62 41.71 48.29
N GLY C 28 -18.72 42.70 47.42
CA GLY C 28 -17.60 43.26 46.70
C GLY C 28 -17.76 43.04 45.22
N MET C 29 -16.72 43.41 44.50
CA MET C 29 -16.68 43.28 43.06
C MET C 29 -16.11 41.91 42.71
N GLN C 30 -16.67 41.30 41.66
CA GLN C 30 -16.14 40.11 41.02
C GLN C 30 -16.38 40.26 39.54
N LEU C 31 -15.61 39.52 38.76
CA LEU C 31 -15.84 39.42 37.33
C LEU C 31 -16.45 38.05 37.14
N ASN C 32 -17.59 38.02 36.47
CA ASN C 32 -18.33 36.78 36.31
C ASN C 32 -18.17 36.41 34.85
N ASN C 33 -17.17 35.59 34.57
CA ASN C 33 -16.92 35.20 33.18
C ASN C 33 -17.68 33.91 32.95
N GLU C 34 -18.88 34.04 32.40
CA GLU C 34 -19.66 32.89 32.02
C GLU C 34 -19.35 32.46 30.61
N SER C 35 -18.18 32.77 30.11
CA SER C 35 -17.85 32.39 28.74
C SER C 35 -17.77 30.87 28.64
N ARG C 36 -18.25 30.32 27.52
CA ARG C 36 -18.12 28.88 27.28
C ARG C 36 -17.77 28.65 25.83
N ILE C 37 -17.07 27.54 25.57
CA ILE C 37 -16.81 27.05 24.22
C ILE C 37 -17.64 25.78 23.99
N GLY C 38 -17.96 25.51 22.74
CA GLY C 38 -18.78 24.34 22.46
C GLY C 38 -18.47 23.80 21.08
N PHE C 39 -18.78 22.50 20.92
CA PHE C 39 -18.71 21.84 19.62
C PHE C 39 -20.04 21.18 19.33
N ARG C 40 -20.52 21.36 18.11
CA ARG C 40 -21.77 20.74 17.67
C ARG C 40 -21.63 20.36 16.21
N GLY C 41 -22.53 19.49 15.76
CA GLY C 41 -22.55 19.10 14.37
C GLY C 41 -23.78 18.26 14.06
N LYS C 42 -23.91 17.95 12.78
CA LYS C 42 -24.94 17.04 12.31
C LYS C 42 -24.27 16.04 11.38
N LYS C 43 -25.01 15.00 11.02
CA LYS C 43 -24.49 14.05 10.06
C LYS C 43 -25.67 13.22 9.58
N GLN C 44 -25.85 13.20 8.27
CA GLN C 44 -26.79 12.32 7.60
C GLN C 44 -26.16 10.94 7.50
N PHE C 45 -26.57 10.02 8.36
CA PHE C 45 -26.15 8.65 8.19
C PHE C 45 -26.72 8.11 6.89
N ALA C 46 -25.92 7.29 6.20
CA ALA C 46 -26.35 6.78 4.90
C ALA C 46 -27.60 5.90 5.02
N ASN C 47 -27.70 5.09 6.07
CA ASN C 47 -28.76 4.09 6.18
C ASN C 47 -29.79 4.43 7.26
N PHE C 48 -30.06 5.72 7.48
CA PHE C 48 -31.02 6.15 8.49
C PHE C 48 -31.52 7.50 8.04
N GLU C 49 -32.83 7.70 8.04
CA GLU C 49 -33.40 8.90 7.47
C GLU C 49 -33.25 10.12 8.40
N PRO C 50 -33.59 10.00 9.69
CA PRO C 50 -33.38 11.14 10.61
C PRO C 50 -31.93 11.60 10.62
N THR C 51 -31.74 12.92 10.56
CA THR C 51 -30.43 13.53 10.67
C THR C 51 -29.86 13.33 12.07
N PHE C 52 -28.65 12.79 12.14
CA PHE C 52 -27.96 12.72 13.42
C PHE C 52 -27.49 14.11 13.84
N ILE C 53 -27.73 14.45 15.09
CA ILE C 53 -27.29 15.72 15.66
C ILE C 53 -26.55 15.43 16.95
N TRP C 54 -25.58 16.30 17.27
CA TRP C 54 -24.79 16.13 18.48
C TRP C 54 -24.19 17.47 18.87
N GLN C 55 -23.86 17.57 20.15
CA GLN C 55 -23.33 18.80 20.73
C GLN C 55 -22.62 18.45 22.03
N ILE C 56 -21.46 19.05 22.26
CA ILE C 56 -20.77 19.04 23.55
C ILE C 56 -20.48 20.49 23.92
N GLU C 57 -20.94 20.93 25.08
CA GLU C 57 -20.74 22.32 25.48
C GLU C 57 -19.98 22.37 26.78
N GLY C 58 -18.98 23.24 26.85
CA GLY C 58 -18.26 23.44 28.09
C GLY C 58 -19.00 24.33 29.04
N GLY C 59 -18.53 24.37 30.28
CA GLY C 59 -19.14 25.22 31.29
C GLY C 59 -18.52 26.62 31.34
N TYR C 60 -19.07 27.41 32.26
CA TYR C 60 -18.53 28.73 32.56
C TYR C 60 -17.05 28.66 32.92
N VAL C 61 -16.18 29.24 32.08
CA VAL C 61 -14.74 29.08 32.27
C VAL C 61 -14.28 29.68 33.61
N ASP C 62 -14.84 30.80 34.04
CA ASP C 62 -14.42 31.43 35.29
C ASP C 62 -15.57 32.19 35.92
N PRO C 63 -16.55 31.49 36.47
CA PRO C 63 -17.70 32.17 37.06
C PRO C 63 -17.29 32.93 38.31
N SER C 64 -18.19 33.80 38.75
CA SER C 64 -18.01 34.42 40.05
C SER C 64 -18.33 33.42 41.14
N PHE C 65 -17.73 33.64 42.31
CA PHE C 65 -17.90 32.83 43.50
C PHE C 65 -17.40 31.41 43.31
N GLY C 66 -16.78 31.14 42.16
CA GLY C 66 -16.25 29.82 41.90
C GLY C 66 -14.79 29.85 41.47
N GLY C 67 -14.29 28.69 41.13
CA GLY C 67 -12.92 28.58 40.70
C GLY C 67 -12.80 28.69 39.20
N GLU C 68 -11.56 28.73 38.74
CA GLU C 68 -11.33 28.75 37.32
C GLU C 68 -11.49 27.36 36.74
N GLY C 69 -11.66 27.31 35.43
CA GLY C 69 -11.69 26.04 34.76
C GLY C 69 -13.05 25.37 34.72
N ALA C 70 -13.46 25.05 33.50
CA ALA C 70 -14.63 24.24 33.20
C ALA C 70 -14.19 23.11 32.28
N GLY C 71 -14.81 21.94 32.42
CA GLY C 71 -14.59 20.86 31.50
C GLY C 71 -15.63 20.85 30.38
N LEU C 72 -15.35 20.07 29.35
CA LEU C 72 -16.32 19.87 28.28
C LEU C 72 -17.41 18.91 28.74
N GLY C 73 -18.65 19.26 28.41
CA GLY C 73 -19.79 18.47 28.80
C GLY C 73 -20.56 19.05 29.95
N GLU C 74 -20.10 20.17 30.53
CA GLU C 74 -20.81 20.72 31.67
C GLU C 74 -22.16 21.30 31.27
N ARG C 75 -22.29 21.83 30.07
CA ARG C 75 -23.55 22.37 29.63
C ARG C 75 -24.21 21.40 28.64
N ASP C 76 -25.23 21.86 27.91
CA ASP C 76 -26.00 20.96 27.05
C ASP C 76 -25.08 20.11 26.18
N THR C 77 -25.09 18.81 26.45
CA THR C 77 -24.23 17.83 25.79
C THR C 77 -25.07 16.60 25.49
N PHE C 78 -25.25 16.30 24.21
CA PHE C 78 -26.23 15.28 23.83
C PHE C 78 -25.92 14.80 22.42
N VAL C 79 -26.51 13.64 22.09
CA VAL C 79 -26.72 13.18 20.73
C VAL C 79 -28.22 13.11 20.48
N GLY C 80 -28.59 12.95 19.21
CA GLY C 80 -29.99 12.77 18.90
C GLY C 80 -30.24 12.77 17.40
N PHE C 81 -31.52 12.90 17.07
CA PHE C 81 -32.04 12.75 15.73
C PHE C 81 -33.11 13.80 15.51
N GLU C 82 -33.13 14.36 14.31
CA GLU C 82 -34.19 15.30 13.97
C GLU C 82 -34.68 14.96 12.58
N SER C 83 -35.98 15.20 12.37
CA SER C 83 -36.60 15.08 11.06
C SER C 83 -37.68 16.15 10.99
N ALA C 84 -37.87 16.72 9.79
CA ALA C 84 -38.87 17.77 9.65
C ALA C 84 -40.25 17.34 10.16
N SER C 85 -40.59 16.05 10.05
CA SER C 85 -41.94 15.58 10.35
C SER C 85 -42.22 15.59 11.84
N TRP C 86 -41.49 14.78 12.62
CA TRP C 86 -41.80 14.55 14.04
C TRP C 86 -40.92 15.33 15.02
N GLY C 87 -39.98 16.16 14.54
CA GLY C 87 -39.25 17.03 15.45
C GLY C 87 -37.81 16.63 15.71
N GLN C 88 -37.39 16.72 16.97
CA GLN C 88 -36.05 16.27 17.34
C GLN C 88 -36.09 15.61 18.71
N VAL C 89 -35.27 14.57 18.87
CA VAL C 89 -35.14 13.85 20.13
C VAL C 89 -33.69 13.96 20.55
N ARG C 90 -33.47 14.14 21.84
CA ARG C 90 -32.11 14.32 22.33
C ARG C 90 -31.90 13.44 23.53
N LEU C 91 -30.74 12.79 23.57
CA LEU C 91 -30.31 12.00 24.73
C LEU C 91 -29.04 12.61 25.29
N GLY C 92 -29.06 12.87 26.58
CA GLY C 92 -27.89 13.39 27.21
C GLY C 92 -28.21 14.37 28.30
N ARG C 93 -27.55 15.52 28.24
CA ARG C 93 -27.66 16.57 29.25
C ARG C 93 -28.31 17.76 28.57
N VAL C 94 -29.57 17.99 28.86
CA VAL C 94 -30.34 19.06 28.26
C VAL C 94 -31.10 19.77 29.37
N LEU C 95 -31.80 20.82 28.98
CA LEU C 95 -32.67 21.53 29.92
C LEU C 95 -34.02 20.82 30.02
N THR C 96 -34.55 20.83 31.22
CA THR C 96 -35.91 20.38 31.47
C THR C 96 -36.94 21.29 30.80
N PRO C 97 -37.97 20.74 30.16
CA PRO C 97 -39.01 21.62 29.59
C PRO C 97 -39.49 22.69 30.55
N MET C 98 -39.70 22.34 31.81
CA MET C 98 -40.04 23.35 32.78
C MET C 98 -38.92 24.37 32.92
N TYR C 99 -37.68 23.90 33.15
CA TYR C 99 -36.62 24.82 33.50
C TYR C 99 -36.33 25.76 32.36
N GLU C 100 -36.51 25.31 31.12
CA GLU C 100 -36.30 26.20 29.99
C GLU C 100 -37.17 27.44 30.12
N LEU C 101 -38.47 27.25 30.40
CA LEU C 101 -39.34 28.41 30.57
C LEU C 101 -38.98 29.23 31.80
N VAL C 102 -38.62 28.55 32.89
CA VAL C 102 -38.21 29.28 34.09
C VAL C 102 -37.00 30.17 33.79
N ASP C 103 -36.07 29.70 32.95
CA ASP C 103 -34.89 30.49 32.68
C ASP C 103 -35.19 31.60 31.69
N TRP C 104 -35.81 31.27 30.56
CA TRP C 104 -36.16 32.26 29.56
C TRP C 104 -37.64 32.13 29.23
N PRO C 105 -38.44 33.19 29.40
CA PRO C 105 -37.91 34.54 29.67
C PRO C 105 -37.78 34.92 31.15
N ALA C 106 -38.23 34.06 32.07
CA ALA C 106 -38.68 34.47 33.39
C ALA C 106 -37.57 34.77 34.40
N SER C 107 -36.29 34.51 34.09
CA SER C 107 -35.20 34.69 35.05
C SER C 107 -34.34 35.90 34.74
N ASN C 108 -34.61 36.59 33.65
CA ASN C 108 -33.81 37.65 33.12
C ASN C 108 -34.55 38.97 33.30
N PRO C 109 -33.91 40.00 33.85
CA PRO C 109 -32.47 40.14 34.10
C PRO C 109 -32.17 39.99 35.58
N GLY C 110 -31.42 38.96 35.95
CA GLY C 110 -31.05 38.80 37.35
C GLY C 110 -32.17 38.41 38.30
N LEU C 111 -33.20 37.73 37.83
CA LEU C 111 -34.28 37.29 38.70
C LEU C 111 -34.13 35.86 39.16
N GLY C 112 -33.03 35.19 38.75
CA GLY C 112 -32.88 33.77 39.04
C GLY C 112 -32.70 33.46 40.51
N ASP C 113 -32.04 34.35 41.25
CA ASP C 113 -31.88 34.16 42.68
C ASP C 113 -33.22 33.89 43.34
N VAL C 114 -34.27 34.58 42.89
CA VAL C 114 -35.59 34.34 43.43
C VAL C 114 -36.31 33.24 42.67
N TYR C 115 -36.35 33.36 41.34
CA TYR C 115 -37.25 32.56 40.54
C TYR C 115 -36.61 31.29 39.99
N ASP C 116 -35.29 31.24 39.86
CA ASP C 116 -34.66 30.06 39.30
C ASP C 116 -34.41 28.98 40.36
N TRP C 117 -33.39 29.14 41.18
CA TRP C 117 -33.11 28.20 42.27
C TRP C 117 -33.62 28.68 43.61
N GLY C 118 -34.23 29.87 43.65
CA GLY C 118 -34.78 30.39 44.88
C GLY C 118 -36.06 29.67 45.25
N GLY C 119 -36.53 29.95 46.46
CA GLY C 119 -37.72 29.30 46.97
C GLY C 119 -37.39 28.46 48.19
N ALA C 120 -38.40 28.10 48.98
CA ALA C 120 -38.18 27.42 50.24
C ALA C 120 -38.70 25.99 50.26
N ILE C 121 -39.21 25.49 49.16
CA ILE C 121 -39.92 24.22 49.19
C ILE C 121 -38.92 23.07 49.25
N GLY C 122 -39.34 21.99 49.94
CA GLY C 122 -38.52 20.81 50.10
C GLY C 122 -38.45 20.01 48.81
N GLY C 123 -37.76 18.88 48.90
CA GLY C 123 -37.56 18.06 47.70
C GLY C 123 -36.87 18.84 46.60
N ALA C 124 -37.25 18.53 45.37
CA ALA C 124 -36.65 19.16 44.19
C ALA C 124 -37.78 19.75 43.36
N LYS C 125 -38.02 21.05 43.50
CA LYS C 125 -39.09 21.68 42.74
C LYS C 125 -39.01 21.30 41.26
N TYR C 126 -37.80 21.19 40.71
CA TYR C 126 -37.58 20.76 39.33
C TYR C 126 -36.07 20.64 39.08
N GLN C 127 -35.70 19.86 38.07
CA GLN C 127 -34.31 19.89 37.67
C GLN C 127 -34.09 21.07 36.74
N ASP C 128 -32.83 21.39 36.44
CA ASP C 128 -32.60 22.49 35.51
C ASP C 128 -31.92 21.99 34.25
N ARG C 129 -30.60 21.86 34.25
CA ARG C 129 -29.88 21.11 33.23
C ARG C 129 -29.58 19.75 33.84
N GLN C 130 -30.25 18.70 33.30
CA GLN C 130 -30.15 17.34 33.83
C GLN C 130 -29.49 16.44 32.81
N SER C 131 -28.52 15.64 33.27
CA SER C 131 -27.99 14.55 32.47
C SER C 131 -28.94 13.37 32.54
N ASN C 132 -28.62 12.35 31.74
CA ASN C 132 -29.44 11.13 31.72
C ASN C 132 -30.88 11.48 31.39
N THR C 133 -31.04 12.27 30.35
CA THR C 133 -32.34 12.76 29.98
C THR C 133 -32.58 12.38 28.54
N ILE C 134 -33.83 12.07 28.22
CA ILE C 134 -34.29 11.99 26.85
C ILE C 134 -35.40 13.00 26.71
N ARG C 135 -35.30 13.83 25.67
CA ARG C 135 -36.16 14.99 25.47
C ARG C 135 -36.64 15.01 24.02
N TRP C 136 -37.97 15.03 23.86
CA TRP C 136 -38.59 15.28 22.56
C TRP C 136 -38.95 16.75 22.45
N ASP C 137 -38.56 17.38 21.34
CA ASP C 137 -38.95 18.74 20.96
C ASP C 137 -39.73 18.64 19.67
N SER C 138 -41.01 19.01 19.70
CA SER C 138 -41.85 18.85 18.54
C SER C 138 -41.53 19.92 17.50
N PRO C 139 -41.94 19.69 16.25
CA PRO C 139 -41.91 20.78 15.28
C PRO C 139 -42.84 21.89 15.75
N MET C 140 -42.80 23.02 15.06
CA MET C 140 -43.68 24.12 15.42
C MET C 140 -44.93 24.01 14.53
N TYR C 141 -45.91 23.22 15.00
CA TYR C 141 -47.09 22.83 14.22
C TYR C 141 -47.86 24.06 13.73
N ALA C 142 -48.09 24.14 12.41
CA ALA C 142 -48.78 25.29 11.82
C ALA C 142 -48.07 26.60 12.16
N ASP C 143 -46.76 26.51 12.40
CA ASP C 143 -45.94 27.65 12.75
C ASP C 143 -46.41 28.32 14.04
N LYS C 144 -47.11 27.59 14.91
CA LYS C 144 -47.80 28.22 16.03
C LYS C 144 -47.67 27.45 17.35
N PHE C 145 -47.84 26.14 17.31
CA PHE C 145 -47.97 25.30 18.50
C PHE C 145 -46.79 24.33 18.60
N SER C 146 -46.17 24.26 19.79
CA SER C 146 -45.04 23.36 19.97
C SER C 146 -45.07 22.74 21.37
N ILE C 147 -44.52 21.53 21.45
CA ILE C 147 -44.48 20.72 22.65
C ILE C 147 -43.04 20.31 22.96
N ASP C 148 -42.71 20.31 24.24
CA ASP C 148 -41.47 19.76 24.74
C ASP C 148 -41.84 18.68 25.76
N ALA C 149 -41.14 17.55 25.71
CA ALA C 149 -41.37 16.47 26.65
C ALA C 149 -40.06 15.80 26.98
N ALA C 150 -39.88 15.49 28.26
CA ALA C 150 -38.66 14.85 28.70
C ALA C 150 -38.96 13.94 29.87
N VAL C 151 -38.18 12.89 29.96
CA VAL C 151 -38.05 12.10 31.16
C VAL C 151 -36.56 11.92 31.37
N GLY C 152 -36.17 11.70 32.60
CA GLY C 152 -34.76 11.56 32.87
C GLY C 152 -34.57 10.97 34.24
N ALA C 153 -33.36 10.47 34.46
CA ALA C 153 -32.92 10.02 35.77
C ALA C 153 -32.59 11.23 36.60
N GLY C 154 -32.65 11.05 37.93
CA GLY C 154 -32.40 12.13 38.86
C GLY C 154 -30.94 12.23 39.22
N ASP C 155 -30.62 13.27 40.00
CA ASP C 155 -29.24 13.55 40.38
C ASP C 155 -28.55 12.35 41.06
N LYS C 156 -29.23 11.69 42.00
CA LYS C 156 -28.55 10.59 42.70
C LYS C 156 -28.50 9.33 41.86
N ALA C 157 -29.53 9.07 41.07
CA ALA C 157 -29.48 7.93 40.15
C ALA C 157 -28.31 8.07 39.18
N GLY C 158 -27.99 9.30 38.76
CA GLY C 158 -26.90 9.49 37.84
C GLY C 158 -25.55 9.09 38.37
N LEU C 159 -25.45 8.86 39.68
CA LEU C 159 -24.25 8.38 40.34
C LEU C 159 -24.45 7.02 40.98
N GLY C 160 -25.53 6.30 40.64
CA GLY C 160 -25.81 5.03 41.27
C GLY C 160 -26.02 5.11 42.77
N ALA C 161 -26.47 6.25 43.27
CA ALA C 161 -26.70 6.44 44.71
C ALA C 161 -28.17 6.68 45.04
N GLY C 162 -29.06 6.51 44.06
CA GLY C 162 -30.48 6.71 44.33
C GLY C 162 -31.32 6.23 43.16
N ASP C 163 -32.63 6.42 43.30
CA ASP C 163 -33.58 6.02 42.28
C ASP C 163 -34.53 7.16 41.94
N ASP C 164 -34.09 8.40 42.13
CA ASP C 164 -34.89 9.53 41.74
C ASP C 164 -34.96 9.62 40.22
N TYR C 165 -36.13 9.97 39.72
CA TYR C 165 -36.37 10.24 38.32
C TYR C 165 -37.40 11.37 38.26
N TRP C 166 -37.73 11.81 37.05
CA TRP C 166 -38.57 12.98 36.93
C TRP C 166 -39.11 12.97 35.50
N GLY C 167 -40.24 13.63 35.31
CA GLY C 167 -40.77 13.84 33.98
C GLY C 167 -41.35 15.22 33.90
N GLY C 168 -41.40 15.74 32.67
CA GLY C 168 -41.90 17.08 32.44
C GLY C 168 -42.32 17.27 31.01
N ILE C 169 -43.20 18.25 30.81
CA ILE C 169 -43.74 18.59 29.51
C ILE C 169 -44.07 20.08 29.53
N ALA C 170 -44.03 20.69 28.35
CA ALA C 170 -44.23 22.12 28.23
C ALA C 170 -44.89 22.39 26.89
N ALA C 171 -45.85 23.30 26.88
CA ALA C 171 -46.53 23.66 25.65
C ALA C 171 -46.32 25.14 25.36
N HIS C 172 -46.32 25.48 24.08
CA HIS C 172 -46.23 26.85 23.65
C HIS C 172 -47.20 27.09 22.49
N TYR C 173 -48.00 28.13 22.60
CA TYR C 173 -48.92 28.48 21.53
C TYR C 173 -48.83 29.96 21.23
N LYS C 174 -48.59 30.29 19.95
CA LYS C 174 -48.47 31.67 19.49
C LYS C 174 -49.84 32.22 19.12
N LEU C 175 -50.32 33.21 19.88
CA LEU C 175 -51.56 33.91 19.58
C LEU C 175 -51.22 35.34 19.17
N GLY C 176 -51.27 35.63 17.86
CA GLY C 176 -50.92 36.94 17.37
C GLY C 176 -49.57 37.42 17.88
N PRO C 177 -49.56 38.51 18.64
CA PRO C 177 -48.31 38.96 19.26
C PRO C 177 -47.99 38.26 20.58
N LEU C 178 -48.79 37.31 21.03
CA LEU C 178 -48.56 36.68 22.32
C LEU C 178 -48.05 35.27 22.14
N GLN C 179 -47.26 34.83 23.12
CA GLN C 179 -46.95 33.42 23.30
C GLN C 179 -47.55 32.97 24.62
N LEU C 180 -48.38 31.95 24.57
CA LEU C 180 -48.89 31.30 25.77
C LEU C 180 -48.06 30.07 26.10
N ASP C 181 -47.70 29.92 27.37
CA ASP C 181 -46.82 28.86 27.83
C ASP C 181 -47.42 28.10 29.00
N ALA C 182 -47.41 26.79 28.91
CA ALA C 182 -47.72 25.98 30.08
C ALA C 182 -46.69 24.85 30.15
N ALA C 183 -46.43 24.42 31.39
CA ALA C 183 -45.39 23.44 31.62
C ALA C 183 -45.59 22.77 32.98
N TYR C 184 -45.06 21.57 33.09
CA TYR C 184 -45.24 20.75 34.28
C TYR C 184 -43.99 19.91 34.50
N GLU C 185 -43.63 19.71 35.76
CA GLU C 185 -42.56 18.79 36.09
C GLU C 185 -42.95 18.00 37.33
N GLY C 186 -42.71 16.70 37.26
CA GLY C 186 -42.84 15.84 38.43
C GLY C 186 -41.51 15.21 38.76
N ASN C 187 -41.11 15.33 40.01
CA ASN C 187 -39.95 14.61 40.49
C ASN C 187 -40.40 13.58 41.53
N ARG C 188 -39.73 12.42 41.51
CA ARG C 188 -40.07 11.28 42.32
C ARG C 188 -38.83 10.73 42.98
N ASN C 189 -38.98 10.22 44.21
CA ASN C 189 -37.92 9.49 44.92
C ASN C 189 -36.76 10.40 45.29
N ILE C 190 -37.03 11.68 45.58
CA ILE C 190 -35.97 12.63 45.91
C ILE C 190 -35.64 12.50 47.40
N GLU C 191 -34.43 12.05 47.70
CA GLU C 191 -34.01 11.84 49.09
C GLU C 191 -33.41 13.13 49.63
N ALA C 192 -34.08 13.77 50.58
CA ALA C 192 -33.55 14.98 51.21
C ALA C 192 -34.17 15.17 52.60
N GLU C 193 -33.39 15.81 53.47
CA GLU C 193 -33.85 16.13 54.83
C GLU C 193 -34.39 14.91 55.56
N GLY C 194 -33.82 13.74 55.29
CA GLY C 194 -34.22 12.52 55.99
C GLY C 194 -35.49 11.89 55.49
N GLN C 195 -36.04 12.40 54.40
CA GLN C 195 -37.32 11.96 53.89
C GLN C 195 -37.17 11.63 52.42
N THR C 196 -38.22 11.02 51.88
CA THR C 196 -38.35 10.82 50.46
C THR C 196 -39.49 11.72 49.98
N TRP C 197 -39.19 12.57 49.00
CA TRP C 197 -40.10 13.59 48.49
C TRP C 197 -40.63 13.21 47.11
N GLU C 198 -41.85 13.68 46.86
CA GLU C 198 -42.39 13.81 45.52
C GLU C 198 -42.73 15.27 45.34
N ASN C 199 -42.20 15.85 44.28
CA ASN C 199 -42.47 17.22 43.92
C ASN C 199 -43.36 17.24 42.68
N ASN C 200 -44.34 18.12 42.68
CA ASN C 200 -45.05 18.45 41.46
C ASN C 200 -45.01 19.96 41.32
N THR C 201 -44.73 20.43 40.10
CA THR C 201 -44.58 21.85 39.84
C THR C 201 -45.24 22.18 38.52
N TYR C 202 -46.02 23.27 38.54
CA TYR C 202 -46.87 23.67 37.43
C TYR C 202 -46.55 25.12 37.08
N LEU C 203 -46.71 25.46 35.80
CA LEU C 203 -46.32 26.79 35.35
C LEU C 203 -47.16 27.24 34.15
N VAL C 204 -47.64 28.48 34.19
CA VAL C 204 -48.30 29.13 33.07
C VAL C 204 -47.69 30.52 32.87
N GLY C 205 -47.70 30.99 31.63
CA GLY C 205 -47.05 32.24 31.34
C GLY C 205 -47.42 32.75 29.97
N VAL C 206 -47.22 34.04 29.79
CA VAL C 206 -47.50 34.68 28.52
C VAL C 206 -46.35 35.60 28.22
N GLN C 207 -46.02 35.71 26.94
CA GLN C 207 -44.98 36.61 26.46
C GLN C 207 -45.57 37.43 25.34
N GLY C 208 -45.24 38.70 25.31
CA GLY C 208 -45.72 39.59 24.26
C GLY C 208 -44.59 40.37 23.63
N TRP C 209 -44.65 40.46 22.29
CA TRP C 209 -43.78 41.30 21.49
C TRP C 209 -44.69 42.18 20.65
N PHE C 210 -44.73 43.47 20.95
CA PHE C 210 -45.57 44.41 20.24
C PHE C 210 -44.75 45.28 19.29
N GLU C 211 -45.44 45.84 18.26
CA GLU C 211 -44.79 46.57 17.16
C GLU C 211 -44.40 48.00 17.52
N ASN C 212 -44.87 48.50 18.66
CA ASN C 212 -44.50 49.81 19.17
C ASN C 212 -43.22 49.78 20.02
N GLY C 213 -42.49 48.67 19.99
CA GLY C 213 -41.28 48.52 20.77
C GLY C 213 -41.45 47.94 22.16
N ILE C 214 -42.67 47.80 22.65
CA ILE C 214 -42.87 47.21 23.97
C ILE C 214 -42.90 45.70 23.86
N SER C 215 -42.32 45.02 24.84
CA SER C 215 -42.56 43.60 25.03
C SER C 215 -42.54 43.31 26.52
N PHE C 216 -43.14 42.19 26.88
CA PHE C 216 -43.32 41.87 28.29
C PHE C 216 -43.41 40.37 28.43
N PHE C 217 -43.27 39.91 29.66
CA PHE C 217 -43.54 38.53 29.98
C PHE C 217 -44.08 38.49 31.40
N ALA C 218 -44.90 37.48 31.68
CA ALA C 218 -45.38 37.23 33.03
C ALA C 218 -45.59 35.73 33.20
N GLN C 219 -45.27 35.22 34.39
CA GLN C 219 -45.37 33.79 34.67
C GLN C 219 -45.77 33.56 36.12
N TYR C 220 -46.62 32.56 36.32
CA TYR C 220 -47.02 32.07 37.63
C TYR C 220 -46.57 30.62 37.76
N LYS C 221 -45.94 30.30 38.89
CA LYS C 221 -45.37 28.99 39.15
C LYS C 221 -45.96 28.46 40.45
N TYR C 222 -46.37 27.20 40.44
CA TYR C 222 -46.94 26.58 41.63
C TYR C 222 -46.17 25.29 41.92
N MET C 223 -45.62 25.19 43.13
CA MET C 223 -44.77 24.08 43.53
C MET C 223 -45.42 23.37 44.72
N GLU C 224 -45.58 22.07 44.60
CA GLU C 224 -46.06 21.25 45.70
C GLU C 224 -45.04 20.16 46.03
N ALA C 225 -44.96 19.84 47.31
CA ALA C 225 -44.01 18.85 47.80
C ALA C 225 -44.68 17.96 48.84
N ASP C 226 -44.36 16.67 48.78
CA ASP C 226 -44.91 15.67 49.69
C ASP C 226 -43.78 14.80 50.25
N ALA C 227 -43.57 14.87 51.56
CA ALA C 227 -42.55 14.07 52.22
C ALA C 227 -43.11 12.72 52.70
N SER C 228 -42.21 11.74 52.83
CA SER C 228 -42.61 10.37 53.19
C SER C 228 -43.12 10.26 54.63
N ASN C 229 -42.73 11.18 55.51
CA ASN C 229 -43.33 11.31 56.83
C ASN C 229 -44.67 12.06 56.80
N GLY C 230 -45.22 12.33 55.62
CA GLY C 230 -46.56 12.88 55.49
C GLY C 230 -46.66 14.39 55.49
N VAL C 231 -45.55 15.11 55.56
CA VAL C 231 -45.60 16.56 55.43
C VAL C 231 -45.93 16.94 53.99
N ASN C 232 -46.80 17.93 53.83
CA ASN C 232 -47.13 18.51 52.56
C ASN C 232 -46.69 19.96 52.55
N GLU C 233 -46.17 20.41 51.41
CA GLU C 233 -45.66 21.77 51.31
C GLU C 233 -46.10 22.37 49.99
N LYS C 234 -46.51 23.63 50.04
CA LYS C 234 -46.90 24.36 48.86
C LYS C 234 -46.24 25.71 48.89
N GLN C 235 -45.93 26.22 47.71
CA GLN C 235 -45.41 27.56 47.54
C GLN C 235 -45.70 27.97 46.12
N ASP C 236 -45.99 29.24 45.93
CA ASP C 236 -46.18 29.75 44.58
C ASP C 236 -45.26 30.95 44.38
N ALA C 237 -45.21 31.43 43.14
CA ALA C 237 -44.16 32.36 42.75
C ALA C 237 -44.53 32.96 41.40
N MET C 238 -44.08 34.19 41.16
CA MET C 238 -44.40 34.88 39.92
C MET C 238 -43.17 35.61 39.42
N SER C 239 -43.21 35.96 38.14
CA SER C 239 -42.14 36.74 37.56
C SER C 239 -42.66 37.48 36.34
N ALA C 240 -42.28 38.74 36.22
CA ALA C 240 -42.70 39.53 35.08
C ALA C 240 -41.57 40.45 34.65
N GLY C 241 -41.68 40.94 33.42
CA GLY C 241 -40.71 41.85 32.87
C GLY C 241 -41.32 42.77 31.83
N LEU C 242 -40.87 44.01 31.83
CA LEU C 242 -41.33 45.00 30.87
C LEU C 242 -40.12 45.45 30.05
N MET C 243 -40.32 45.61 28.75
CA MET C 243 -39.20 45.97 27.90
C MET C 243 -39.64 46.97 26.85
N TYR C 244 -38.77 47.94 26.54
CA TYR C 244 -39.00 48.88 25.46
C TYR C 244 -37.73 48.93 24.63
N THR C 245 -37.86 48.77 23.32
CA THR C 245 -36.70 48.55 22.44
C THR C 245 -36.73 49.56 21.31
N THR C 246 -35.70 50.42 21.27
CA THR C 246 -35.58 51.50 20.29
C THR C 246 -34.21 51.46 19.64
N GLY C 247 -34.18 51.28 18.33
CA GLY C 247 -32.95 51.31 17.59
C GLY C 247 -31.99 50.32 18.18
N ASP C 248 -30.93 50.82 18.81
CA ASP C 248 -29.89 49.96 19.35
C ASP C 248 -29.94 49.83 20.87
N TRP C 249 -31.07 50.22 21.50
CA TRP C 249 -31.18 50.22 22.95
C TRP C 249 -32.37 49.37 23.39
N GLN C 250 -32.24 48.79 24.59
CA GLN C 250 -33.38 48.13 25.22
C GLN C 250 -33.39 48.41 26.71
N TYR C 251 -34.53 48.87 27.21
CA TYR C 251 -34.72 49.12 28.63
C TYR C 251 -35.53 47.97 29.19
N LYS C 252 -35.29 47.64 30.46
CA LYS C 252 -35.93 46.44 31.00
C LYS C 252 -36.09 46.58 32.50
N LEU C 253 -37.30 46.31 32.96
CA LEU C 253 -37.63 46.19 34.37
C LEU C 253 -38.12 44.77 34.61
N GLY C 254 -37.66 44.18 35.71
CA GLY C 254 -38.05 42.83 36.04
C GLY C 254 -38.43 42.73 37.51
N TYR C 255 -39.36 41.83 37.78
CA TYR C 255 -39.81 41.61 39.14
C TYR C 255 -40.20 40.15 39.29
N ALA C 256 -39.80 39.58 40.42
CA ALA C 256 -40.18 38.21 40.73
C ALA C 256 -40.28 38.06 42.24
N ALA C 257 -41.14 37.13 42.64
CA ALA C 257 -41.43 36.92 44.05
C ALA C 257 -41.82 35.48 44.26
N ASN C 258 -41.26 34.91 45.32
CA ASN C 258 -41.73 33.68 45.93
C ASN C 258 -42.61 34.07 47.09
N PHE C 259 -43.83 33.56 47.10
CA PHE C 259 -44.71 33.88 48.22
C PHE C 259 -44.46 32.90 49.35
N ASP C 260 -45.07 33.20 50.49
CA ASP C 260 -44.79 32.43 51.69
C ASP C 260 -45.04 30.95 51.43
N LEU C 261 -44.24 30.11 52.08
CA LEU C 261 -44.40 28.67 51.97
C LEU C 261 -45.49 28.25 52.94
N GLU C 262 -46.35 27.36 52.49
CA GLU C 262 -47.40 26.76 53.30
C GLU C 262 -46.95 25.34 53.58
N ARG C 263 -47.00 24.92 54.85
CA ARG C 263 -46.62 23.57 55.26
C ARG C 263 -47.74 22.96 56.10
N ASP C 264 -48.22 21.79 55.68
CA ASP C 264 -49.31 21.10 56.38
C ASP C 264 -50.46 22.08 56.68
N GLY C 265 -50.91 22.78 55.63
CA GLY C 265 -52.00 23.73 55.69
C GLY C 265 -51.70 25.07 56.33
N LYS C 266 -50.68 25.16 57.18
CA LYS C 266 -50.36 26.38 57.90
C LYS C 266 -49.31 27.15 57.13
N THR C 267 -49.61 28.39 56.79
CA THR C 267 -48.62 29.17 56.08
C THR C 267 -47.51 29.59 57.04
N LEU C 268 -46.25 29.50 56.59
CA LEU C 268 -45.07 29.82 57.40
C LEU C 268 -44.68 31.28 57.20
N SER C 269 -44.76 32.08 58.26
CA SER C 269 -44.58 33.52 58.12
C SER C 269 -43.16 33.87 57.69
N ASN C 270 -43.04 34.89 56.81
CA ASN C 270 -41.76 35.52 56.48
C ASN C 270 -40.83 34.60 55.70
N THR C 271 -41.41 33.78 54.81
CA THR C 271 -40.63 32.87 53.98
C THR C 271 -40.72 33.24 52.50
N SER C 272 -41.00 34.52 52.21
CA SER C 272 -41.20 35.01 50.86
C SER C 272 -39.97 35.73 50.34
N ASP C 273 -39.78 35.67 49.03
CA ASP C 273 -38.64 36.31 48.38
C ASP C 273 -39.14 37.31 47.36
N ASP C 274 -38.29 38.28 47.08
CA ASP C 274 -38.65 39.41 46.25
C ASP C 274 -37.41 39.84 45.50
N VAL C 275 -37.54 40.16 44.21
CA VAL C 275 -36.43 40.77 43.48
C VAL C 275 -36.99 41.77 42.48
N VAL C 276 -36.44 42.99 42.47
CA VAL C 276 -36.71 43.99 41.44
C VAL C 276 -35.40 44.29 40.72
N SER C 277 -35.50 44.48 39.41
CA SER C 277 -34.31 44.56 38.59
C SER C 277 -34.57 45.51 37.43
N ALA C 278 -33.60 46.38 37.14
CA ALA C 278 -33.66 47.21 35.94
C ALA C 278 -32.43 46.99 35.09
N GLN C 279 -32.57 47.18 33.78
CA GLN C 279 -31.42 46.95 32.94
C GLN C 279 -31.49 47.79 31.68
N ILE C 280 -30.34 48.26 31.23
CA ILE C 280 -30.20 48.94 29.95
C ILE C 280 -29.19 48.15 29.13
N MET C 281 -29.51 47.97 27.86
CA MET C 281 -28.71 47.13 26.99
C MET C 281 -28.54 47.83 25.65
N TYR C 282 -27.35 47.73 25.07
CA TYR C 282 -26.99 48.41 23.84
C TYR C 282 -26.52 47.37 22.83
N PHE C 283 -27.25 47.24 21.73
CA PHE C 283 -26.92 46.23 20.73
C PHE C 283 -25.64 46.69 20.02
N VAL C 284 -24.53 46.47 20.71
CA VAL C 284 -23.27 47.02 20.25
C VAL C 284 -22.86 46.39 18.93
N ASP C 285 -23.49 45.28 18.58
CA ASP C 285 -23.22 44.60 17.31
C ASP C 285 -24.32 43.59 17.08
N PRO C 286 -24.56 43.20 15.83
CA PRO C 286 -25.49 42.09 15.57
C PRO C 286 -25.05 40.82 16.32
N SER C 287 -23.77 40.72 16.65
CA SER C 287 -23.25 39.55 17.33
C SER C 287 -23.11 39.70 18.85
N ALA C 288 -23.45 40.85 19.44
CA ALA C 288 -23.07 41.08 20.83
C ALA C 288 -23.84 42.28 21.41
N VAL C 289 -23.87 42.33 22.73
CA VAL C 289 -24.63 43.36 23.45
C VAL C 289 -23.80 43.83 24.63
N LEU C 290 -23.87 45.12 24.93
CA LEU C 290 -23.39 45.60 26.22
C LEU C 290 -24.59 45.81 27.11
N TYR C 291 -24.35 45.83 28.42
CA TYR C 291 -25.48 46.06 29.30
C TYR C 291 -24.99 46.55 30.64
N ALA C 292 -25.77 47.44 31.25
CA ALA C 292 -25.65 47.73 32.67
C ALA C 292 -26.92 47.24 33.37
N ARG C 293 -26.80 46.89 34.64
CA ARG C 293 -27.89 46.22 35.34
C ARG C 293 -27.83 46.52 36.82
N ALA C 294 -28.97 46.86 37.40
CA ALA C 294 -29.06 47.00 38.84
C ALA C 294 -30.27 46.24 39.34
N ARG C 295 -30.13 45.62 40.50
CA ARG C 295 -31.20 44.78 41.01
C ARG C 295 -31.10 44.73 42.52
N MET C 296 -32.23 44.42 43.16
CA MET C 296 -32.34 44.39 44.61
C MET C 296 -33.03 43.09 45.02
N ASN C 297 -32.40 42.33 45.91
CA ASN C 297 -32.89 41.02 46.35
C ASN C 297 -33.29 41.09 47.81
N ASP C 298 -34.56 40.89 48.11
CA ASP C 298 -35.01 40.75 49.49
C ASP C 298 -35.45 39.31 49.68
N PHE C 299 -34.65 38.53 50.40
CA PHE C 299 -34.93 37.12 50.59
C PHE C 299 -35.56 36.85 51.95
N ASN C 300 -36.11 35.65 52.06
CA ASN C 300 -36.66 35.17 53.32
C ASN C 300 -35.56 35.13 54.36
N GLU C 301 -35.98 35.23 55.61
CA GLU C 301 -35.02 35.29 56.69
C GLU C 301 -34.94 33.97 57.43
N GLY C 302 -35.54 32.91 56.88
CA GLY C 302 -35.32 31.59 57.46
C GLY C 302 -36.50 30.64 57.51
N LEU C 303 -36.20 29.36 57.32
CA LEU C 303 -37.15 28.31 57.65
C LEU C 303 -36.36 27.04 57.96
N ASP C 304 -37.02 26.12 58.65
CA ASP C 304 -36.43 24.83 58.97
C ASP C 304 -36.91 23.78 57.98
N GLY C 305 -36.03 22.81 57.71
CA GLY C 305 -36.42 21.62 56.99
C GLY C 305 -36.94 20.55 57.94
N LEU C 306 -37.31 19.42 57.35
CA LEU C 306 -37.92 18.38 58.15
C LEU C 306 -36.92 17.63 59.04
N ASP C 307 -35.62 17.92 58.91
CA ASP C 307 -34.59 17.32 59.75
C ASP C 307 -34.16 18.25 60.89
N ASP C 308 -35.02 19.18 61.29
CA ASP C 308 -34.76 20.08 62.42
C ASP C 308 -33.46 20.87 62.24
N ALA C 309 -33.10 21.11 60.98
CA ALA C 309 -31.97 21.95 60.61
C ALA C 309 -32.45 23.02 59.64
N ALA C 310 -31.75 24.16 59.63
CA ALA C 310 -32.10 25.18 58.68
C ALA C 310 -32.10 24.60 57.27
N ARG C 311 -33.12 24.94 56.49
CA ARG C 311 -33.16 24.55 55.09
C ARG C 311 -32.48 25.59 54.24
N TRP C 312 -31.47 25.19 53.49
CA TRP C 312 -30.81 26.12 52.61
C TRP C 312 -31.78 26.65 51.55
N THR C 313 -31.72 27.97 51.32
CA THR C 313 -32.41 28.66 50.24
C THR C 313 -31.45 29.68 49.65
N SER C 314 -31.86 30.34 48.57
CA SER C 314 -30.99 31.30 47.92
C SER C 314 -30.92 32.55 48.80
N GLY C 315 -31.61 32.48 49.94
CA GLY C 315 -31.68 33.58 50.86
C GLY C 315 -30.73 33.41 52.03
N THR C 316 -30.20 32.20 52.19
CA THR C 316 -29.32 31.92 53.32
C THR C 316 -28.15 32.89 53.39
N ASN C 317 -27.51 33.19 52.25
CA ASN C 317 -26.39 34.12 52.27
C ASN C 317 -26.81 35.52 52.65
N GLY C 318 -28.08 35.87 52.48
CA GLY C 318 -28.58 37.14 52.94
C GLY C 318 -29.03 38.04 51.78
N ASP C 319 -29.86 39.02 52.15
CA ASP C 319 -30.33 40.03 51.21
C ASP C 319 -29.13 40.76 50.58
N TYR C 320 -29.26 41.16 49.31
CA TYR C 320 -28.12 41.83 48.72
C TYR C 320 -28.54 42.59 47.47
N ASN C 321 -27.81 43.67 47.18
CA ASN C 321 -27.99 44.43 45.95
C ASN C 321 -26.80 44.20 45.02
N GLU C 322 -27.02 44.45 43.74
CA GLU C 322 -25.99 44.19 42.75
C GLU C 322 -26.07 45.21 41.63
N TYR C 323 -24.94 45.84 41.34
CA TYR C 323 -24.80 46.72 40.20
C TYR C 323 -23.80 46.05 39.28
N SER C 324 -24.10 46.03 37.98
CA SER C 324 -23.23 45.30 37.08
C SER C 324 -23.26 45.88 35.68
N VAL C 325 -22.15 45.69 34.98
CA VAL C 325 -22.09 45.87 33.52
C VAL C 325 -21.52 44.59 32.95
N GLY C 326 -21.91 44.27 31.73
CA GLY C 326 -21.43 43.05 31.14
C GLY C 326 -21.34 43.19 29.64
N VAL C 327 -20.71 42.21 29.03
CA VAL C 327 -20.67 42.10 27.59
C VAL C 327 -20.99 40.67 27.21
N GLU C 328 -21.68 40.48 26.11
CA GLU C 328 -21.97 39.14 25.60
C GLU C 328 -21.83 39.11 24.09
N TYR C 329 -21.07 38.13 23.61
CA TYR C 329 -20.69 38.03 22.21
C TYR C 329 -20.81 36.57 21.77
N TYR C 330 -21.57 36.31 20.71
CA TYR C 330 -21.81 34.96 20.22
C TYR C 330 -21.06 34.77 18.91
N PHE C 331 -20.41 33.62 18.77
CA PHE C 331 -19.71 33.29 17.52
C PHE C 331 -19.94 31.84 17.16
N GLU D 1 14.99 -28.92 -15.69
CA GLU D 1 15.72 -27.76 -15.19
C GLU D 1 15.84 -26.74 -16.29
N VAL D 2 15.41 -25.53 -16.00
CA VAL D 2 15.68 -24.41 -16.88
C VAL D 2 17.01 -23.82 -16.49
N TYR D 3 17.85 -23.54 -17.48
CA TYR D 3 19.08 -22.84 -17.21
C TYR D 3 19.21 -21.74 -18.23
N GLY D 4 20.20 -20.90 -18.03
CA GLY D 4 20.39 -19.81 -18.96
C GLY D 4 21.76 -19.20 -18.83
N ILE D 5 22.23 -18.58 -19.92
CA ILE D 5 23.35 -17.65 -19.92
C ILE D 5 22.82 -16.31 -20.40
N ILE D 6 22.96 -15.29 -19.56
CA ILE D 6 22.61 -13.93 -19.96
C ILE D 6 23.92 -13.28 -20.39
N ALA D 7 24.04 -12.99 -21.68
CA ALA D 7 25.26 -12.45 -22.28
C ALA D 7 24.87 -11.26 -23.13
N MET D 8 25.39 -10.10 -22.79
CA MET D 8 25.18 -8.91 -23.59
C MET D 8 26.51 -8.23 -23.81
N GLN D 9 26.74 -7.78 -25.03
CA GLN D 9 27.99 -7.13 -25.37
C GLN D 9 27.64 -5.90 -26.17
N ALA D 10 28.06 -4.74 -25.69
CA ALA D 10 27.94 -3.53 -26.47
C ALA D 10 29.27 -3.39 -27.21
N ALA D 11 29.23 -3.55 -28.52
CA ALA D 11 30.45 -3.59 -29.33
C ALA D 11 30.42 -2.49 -30.37
N TYR D 12 31.44 -1.63 -30.37
CA TYR D 12 31.64 -0.62 -31.40
C TYR D 12 32.68 -1.13 -32.39
N ARG D 13 32.37 -1.08 -33.68
CA ARG D 13 33.30 -1.56 -34.68
C ARG D 13 33.64 -0.48 -35.68
N ASP D 14 34.91 -0.42 -36.03
CA ASP D 14 35.46 0.53 -36.97
C ASP D 14 36.18 -0.27 -38.06
N TYR D 15 35.59 -0.30 -39.24
CA TYR D 15 36.09 -1.08 -40.37
C TYR D 15 36.95 -0.21 -41.30
N ASP D 16 37.80 -0.89 -42.06
CA ASP D 16 38.65 -0.29 -43.09
C ASP D 16 38.64 -1.29 -44.24
N SER D 17 37.54 -1.32 -44.99
CA SER D 17 37.38 -2.32 -46.03
C SER D 17 37.87 -1.87 -47.40
N GLY D 18 38.09 -0.57 -47.58
CA GLY D 18 38.32 -0.01 -48.87
C GLY D 18 37.14 0.73 -49.44
N ASP D 19 35.95 0.50 -48.90
CA ASP D 19 34.75 1.22 -49.27
C ASP D 19 34.21 1.95 -48.04
N ALA D 20 34.10 3.28 -48.13
CA ALA D 20 33.57 4.03 -47.00
C ALA D 20 32.11 3.65 -46.70
N LYS D 21 31.31 3.32 -47.71
CA LYS D 21 29.92 2.98 -47.42
C LYS D 21 29.83 1.66 -46.68
N GLN D 22 30.54 0.64 -47.18
CA GLN D 22 30.65 -0.61 -46.44
C GLN D 22 31.19 -0.37 -45.04
N ASP D 23 32.19 0.49 -44.90
CA ASP D 23 32.68 0.76 -43.56
C ASP D 23 31.57 1.29 -42.68
N ASP D 24 30.67 2.11 -43.26
CA ASP D 24 29.60 2.69 -42.48
C ASP D 24 28.51 1.67 -42.16
N ASN D 25 28.10 0.86 -43.15
CA ASN D 25 27.08 -0.14 -42.89
C ASN D 25 27.54 -1.15 -41.85
N LEU D 26 28.76 -1.69 -42.04
CA LEU D 26 29.24 -2.77 -41.19
C LEU D 26 29.65 -2.28 -39.82
N GLY D 27 30.27 -1.11 -39.76
CA GLY D 27 30.74 -0.56 -38.51
C GLY D 27 29.64 0.16 -37.77
N GLY D 28 30.03 0.79 -36.68
CA GLY D 28 29.07 1.36 -35.76
C GLY D 28 28.96 0.51 -34.50
N MET D 29 28.09 0.99 -33.61
CA MET D 29 27.84 0.33 -32.35
C MET D 29 26.68 -0.64 -32.54
N GLN D 30 26.69 -1.73 -31.78
CA GLN D 30 25.58 -2.68 -31.74
C GLN D 30 25.58 -3.35 -30.38
N LEU D 31 24.42 -3.88 -30.00
CA LEU D 31 24.35 -4.68 -28.79
C LEU D 31 24.19 -6.13 -29.23
N ASN D 32 25.16 -6.95 -28.86
CA ASN D 32 25.22 -8.35 -29.25
C ASN D 32 24.69 -9.15 -28.08
N ASN D 33 23.44 -9.58 -28.18
CA ASN D 33 22.74 -10.25 -27.08
C ASN D 33 22.80 -11.75 -27.34
N GLU D 34 23.78 -12.40 -26.73
CA GLU D 34 23.95 -13.83 -26.89
C GLU D 34 23.29 -14.60 -25.76
N SER D 35 22.40 -13.96 -25.00
CA SER D 35 21.68 -14.72 -24.00
C SER D 35 20.96 -15.90 -24.66
N ARG D 36 20.85 -16.99 -23.89
CA ARG D 36 20.20 -18.19 -24.39
C ARG D 36 19.53 -18.87 -23.23
N ILE D 37 18.42 -19.55 -23.50
CA ILE D 37 17.71 -20.33 -22.51
C ILE D 37 17.83 -21.79 -22.88
N GLY D 38 17.84 -22.64 -21.87
CA GLY D 38 17.97 -24.07 -22.11
C GLY D 38 17.22 -24.89 -21.08
N PHE D 39 16.92 -26.12 -21.47
CA PHE D 39 16.35 -27.12 -20.60
C PHE D 39 17.25 -28.33 -20.64
N ARG D 40 17.48 -28.94 -19.49
CA ARG D 40 18.27 -30.16 -19.43
C ARG D 40 17.80 -30.95 -18.23
N GLY D 41 18.10 -32.24 -18.27
CA GLY D 41 17.73 -33.11 -17.16
C GLY D 41 18.36 -34.45 -17.35
N LYS D 42 18.30 -35.25 -16.29
CA LYS D 42 18.70 -36.65 -16.30
C LYS D 42 17.53 -37.49 -15.84
N LYS D 43 17.56 -38.77 -16.22
CA LYS D 43 16.56 -39.69 -15.72
C LYS D 43 17.20 -41.05 -15.59
N GLN D 44 16.90 -41.73 -14.49
CA GLN D 44 17.39 -43.08 -14.22
C GLN D 44 16.27 -44.03 -14.58
N PHE D 45 16.37 -44.63 -15.77
CA PHE D 45 15.38 -45.61 -16.19
C PHE D 45 15.39 -46.80 -15.25
N ALA D 46 14.20 -47.38 -15.06
CA ALA D 46 14.04 -48.54 -14.18
C ALA D 46 14.81 -49.76 -14.68
N ASN D 47 14.70 -50.09 -15.97
CA ASN D 47 15.26 -51.33 -16.50
C ASN D 47 16.54 -51.13 -17.32
N PHE D 48 17.37 -50.14 -16.97
CA PHE D 48 18.56 -49.84 -17.76
C PHE D 48 19.54 -49.07 -16.88
N GLU D 49 20.77 -49.56 -16.80
CA GLU D 49 21.66 -49.04 -15.76
C GLU D 49 22.18 -47.64 -16.05
N PRO D 50 22.61 -47.34 -17.27
CA PRO D 50 23.20 -46.02 -17.54
C PRO D 50 22.18 -44.91 -17.33
N THR D 51 22.65 -43.79 -16.80
CA THR D 51 21.75 -42.66 -16.55
C THR D 51 21.44 -41.93 -17.86
N PHE D 52 20.15 -41.83 -18.16
CA PHE D 52 19.69 -41.09 -19.32
C PHE D 52 19.91 -39.61 -19.12
N ILE D 53 20.26 -38.91 -20.20
CA ILE D 53 20.48 -37.47 -20.12
C ILE D 53 20.07 -36.83 -21.42
N TRP D 54 19.65 -35.58 -21.31
CA TRP D 54 19.07 -34.86 -22.43
C TRP D 54 19.24 -33.37 -22.17
N GLN D 55 19.37 -32.62 -23.26
CA GLN D 55 19.54 -31.19 -23.19
C GLN D 55 18.97 -30.54 -24.44
N ILE D 56 18.27 -29.44 -24.26
CA ILE D 56 17.73 -28.64 -25.34
C ILE D 56 18.12 -27.20 -25.03
N GLU D 57 19.00 -26.62 -25.84
CA GLU D 57 19.48 -25.27 -25.60
C GLU D 57 19.08 -24.38 -26.77
N GLY D 58 18.49 -23.21 -26.45
CA GLY D 58 18.10 -22.27 -27.47
C GLY D 58 19.26 -21.45 -28.01
N GLY D 59 19.03 -20.79 -29.14
CA GLY D 59 20.05 -19.94 -29.73
C GLY D 59 20.14 -18.55 -29.09
N TYR D 60 21.14 -17.80 -29.56
CA TYR D 60 21.31 -16.39 -29.20
C TYR D 60 20.04 -15.61 -29.49
N VAL D 61 19.47 -14.97 -28.47
CA VAL D 61 18.13 -14.41 -28.63
C VAL D 61 18.13 -13.12 -29.44
N ASP D 62 19.23 -12.37 -29.47
CA ASP D 62 19.31 -11.21 -30.36
C ASP D 62 20.76 -10.84 -30.59
N PRO D 63 21.44 -11.54 -31.46
CA PRO D 63 22.86 -11.30 -31.66
C PRO D 63 23.06 -10.06 -32.51
N SER D 64 24.29 -9.58 -32.53
CA SER D 64 24.55 -8.48 -33.42
C SER D 64 24.63 -9.00 -34.86
N PHE D 65 24.44 -8.09 -35.80
CA PHE D 65 24.40 -8.41 -37.22
C PHE D 65 23.29 -9.37 -37.60
N GLY D 66 22.39 -9.74 -36.66
CA GLY D 66 21.29 -10.61 -36.97
C GLY D 66 19.97 -10.05 -36.47
N GLY D 67 18.89 -10.71 -36.93
CA GLY D 67 17.57 -10.41 -36.43
C GLY D 67 17.33 -10.97 -35.03
N GLU D 68 16.16 -10.66 -34.50
CA GLU D 68 15.80 -11.09 -33.16
C GLU D 68 15.16 -12.48 -33.20
N GLY D 69 15.21 -13.17 -32.07
CA GLY D 69 14.54 -14.44 -31.94
C GLY D 69 15.43 -15.63 -32.24
N ALA D 70 15.42 -16.62 -31.32
CA ALA D 70 16.10 -17.90 -31.49
C ALA D 70 15.15 -19.02 -31.10
N GLY D 71 15.15 -20.09 -31.88
CA GLY D 71 14.39 -21.26 -31.51
C GLY D 71 15.15 -22.15 -30.54
N LEU D 72 14.41 -22.98 -29.81
CA LEU D 72 15.04 -23.99 -28.97
C LEU D 72 15.61 -25.09 -29.85
N GLY D 73 16.80 -25.55 -29.51
CA GLY D 73 17.46 -26.54 -30.33
C GLY D 73 18.57 -26.00 -31.20
N GLU D 74 18.87 -24.69 -31.13
CA GLU D 74 19.93 -24.13 -31.94
C GLU D 74 21.31 -24.39 -31.35
N ARG D 75 21.41 -24.55 -30.03
CA ARG D 75 22.69 -24.86 -29.40
C ARG D 75 22.70 -26.34 -28.96
N ASP D 76 23.69 -26.75 -28.16
CA ASP D 76 23.82 -28.16 -27.80
C ASP D 76 22.47 -28.73 -27.39
N THR D 77 21.98 -29.71 -28.17
CA THR D 77 20.68 -30.31 -27.95
C THR D 77 20.78 -31.80 -28.30
N PHE D 78 20.59 -32.66 -27.31
CA PHE D 78 21.01 -34.05 -27.45
C PHE D 78 20.28 -34.94 -26.44
N VAL D 79 20.40 -36.25 -26.66
CA VAL D 79 20.08 -37.26 -25.68
C VAL D 79 21.33 -38.11 -25.53
N GLY D 80 21.40 -38.81 -24.41
CA GLY D 80 22.56 -39.65 -24.17
C GLY D 80 22.37 -40.48 -22.93
N PHE D 81 23.38 -41.31 -22.69
CA PHE D 81 23.48 -42.12 -21.49
C PHE D 81 24.85 -41.89 -20.87
N GLU D 82 24.90 -41.88 -19.54
CA GLU D 82 26.17 -41.72 -18.88
C GLU D 82 26.33 -42.75 -17.77
N SER D 83 27.58 -43.06 -17.47
CA SER D 83 27.96 -44.09 -16.51
C SER D 83 29.35 -43.75 -15.99
N ALA D 84 29.59 -44.01 -14.71
CA ALA D 84 30.90 -43.71 -14.14
C ALA D 84 32.01 -44.54 -14.81
N SER D 85 31.72 -45.80 -15.12
CA SER D 85 32.70 -46.68 -15.78
C SER D 85 33.12 -46.13 -17.13
N TRP D 86 32.21 -46.02 -18.09
CA TRP D 86 32.61 -45.80 -19.48
C TRP D 86 32.32 -44.40 -19.98
N GLY D 87 31.88 -43.50 -19.12
CA GLY D 87 31.83 -42.08 -19.46
C GLY D 87 30.44 -41.60 -19.88
N GLN D 88 30.38 -40.89 -21.01
CA GLN D 88 29.18 -40.24 -21.49
C GLN D 88 29.05 -40.41 -22.99
N VAL D 89 27.85 -40.73 -23.48
CA VAL D 89 27.60 -40.76 -24.91
C VAL D 89 26.43 -39.86 -25.21
N ARG D 90 26.61 -38.98 -26.17
CA ARG D 90 25.59 -38.03 -26.58
C ARG D 90 25.29 -38.25 -28.05
N LEU D 91 24.00 -38.15 -28.40
CA LEU D 91 23.53 -38.21 -29.77
C LEU D 91 22.76 -36.95 -30.07
N GLY D 92 23.07 -36.32 -31.19
CA GLY D 92 22.31 -35.15 -31.50
C GLY D 92 23.18 -34.06 -32.03
N ARG D 93 23.12 -32.89 -31.38
CA ARG D 93 23.78 -31.67 -31.82
C ARG D 93 24.72 -31.22 -30.71
N VAL D 94 26.02 -31.43 -30.90
CA VAL D 94 27.03 -31.11 -29.92
C VAL D 94 28.21 -30.45 -30.64
N LEU D 95 29.23 -30.13 -29.85
CA LEU D 95 30.49 -29.61 -30.38
C LEU D 95 31.38 -30.76 -30.86
N THR D 96 31.87 -30.64 -32.06
CA THR D 96 32.98 -31.46 -32.53
C THR D 96 34.12 -31.52 -31.52
N PRO D 97 34.86 -32.64 -31.38
CA PRO D 97 36.02 -32.61 -30.46
C PRO D 97 37.04 -31.54 -30.82
N MET D 98 37.34 -31.38 -32.11
CA MET D 98 38.23 -30.32 -32.57
C MET D 98 37.71 -28.97 -32.13
N TYR D 99 36.51 -28.65 -32.57
CA TYR D 99 35.99 -27.31 -32.33
C TYR D 99 35.93 -26.99 -30.86
N GLU D 100 35.63 -27.96 -30.01
CA GLU D 100 35.54 -27.58 -28.61
C GLU D 100 36.86 -26.98 -28.14
N LEU D 101 37.98 -27.52 -28.62
CA LEU D 101 39.30 -26.96 -28.31
C LEU D 101 39.57 -25.67 -29.09
N VAL D 102 39.16 -25.62 -30.35
CA VAL D 102 39.32 -24.37 -31.09
C VAL D 102 38.58 -23.23 -30.38
N ASP D 103 37.42 -23.52 -29.76
CA ASP D 103 36.66 -22.44 -29.13
C ASP D 103 37.22 -22.07 -27.77
N TRP D 104 37.54 -23.06 -26.95
CA TRP D 104 38.03 -22.84 -25.60
C TRP D 104 39.25 -23.73 -25.41
N PRO D 105 40.44 -23.17 -25.15
CA PRO D 105 40.57 -21.73 -24.86
C PRO D 105 40.89 -20.77 -26.03
N ALA D 106 41.04 -21.29 -27.26
CA ALA D 106 41.79 -20.60 -28.30
C ALA D 106 41.02 -19.51 -29.06
N SER D 107 39.77 -19.22 -28.73
CA SER D 107 39.00 -18.21 -29.46
C SER D 107 38.66 -17.01 -28.60
N ASN D 108 39.11 -17.03 -27.37
CA ASN D 108 38.86 -15.99 -26.39
C ASN D 108 40.14 -15.23 -26.11
N PRO D 109 40.13 -13.90 -26.14
CA PRO D 109 38.94 -13.05 -26.26
C PRO D 109 38.79 -12.48 -27.66
N GLY D 110 37.71 -12.78 -28.36
CA GLY D 110 37.56 -12.18 -29.68
C GLY D 110 38.56 -12.63 -30.71
N LEU D 111 39.16 -13.80 -30.52
CA LEU D 111 40.07 -14.38 -31.49
C LEU D 111 39.33 -15.20 -32.55
N GLY D 112 38.00 -15.28 -32.47
CA GLY D 112 37.27 -16.21 -33.31
C GLY D 112 37.29 -15.86 -34.80
N ASP D 113 37.19 -14.57 -35.15
CA ASP D 113 37.17 -14.23 -36.57
C ASP D 113 38.35 -14.83 -37.29
N VAL D 114 39.49 -14.87 -36.63
CA VAL D 114 40.68 -15.46 -37.22
C VAL D 114 40.72 -16.95 -36.98
N TYR D 115 40.64 -17.36 -35.71
CA TYR D 115 41.00 -18.74 -35.38
C TYR D 115 39.83 -19.70 -35.46
N ASP D 116 38.61 -19.19 -35.41
CA ASP D 116 37.45 -20.05 -35.24
C ASP D 116 36.85 -20.40 -36.59
N TRP D 117 36.27 -19.43 -37.25
CA TRP D 117 35.78 -19.58 -38.61
C TRP D 117 36.66 -18.86 -39.62
N GLY D 118 37.78 -18.26 -39.18
CA GLY D 118 38.70 -17.63 -40.10
C GLY D 118 39.54 -18.63 -40.88
N GLY D 119 40.18 -18.14 -41.92
CA GLY D 119 41.04 -18.96 -42.74
C GLY D 119 40.51 -19.11 -44.15
N ALA D 120 41.36 -19.66 -45.01
CA ALA D 120 41.10 -19.60 -46.44
C ALA D 120 41.12 -20.96 -47.12
N ILE D 121 41.32 -22.04 -46.39
CA ILE D 121 41.35 -23.36 -47.01
C ILE D 121 39.95 -23.76 -47.48
N GLY D 122 39.89 -24.48 -48.61
CA GLY D 122 38.65 -24.98 -49.14
C GLY D 122 38.17 -26.25 -48.46
N GLY D 123 36.98 -26.71 -48.90
CA GLY D 123 36.35 -27.80 -48.17
C GLY D 123 35.83 -27.27 -46.85
N ALA D 124 35.81 -28.14 -45.85
CA ALA D 124 35.47 -27.77 -44.47
C ALA D 124 36.60 -28.23 -43.54
N LYS D 125 37.42 -27.27 -43.08
CA LYS D 125 38.46 -27.57 -42.09
C LYS D 125 37.90 -28.33 -40.90
N TYR D 126 36.70 -27.97 -40.43
CA TYR D 126 36.05 -28.79 -39.43
C TYR D 126 34.62 -28.29 -39.23
N GLN D 127 33.81 -29.14 -38.60
CA GLN D 127 32.52 -28.63 -38.13
C GLN D 127 32.73 -27.88 -36.82
N ASP D 128 31.67 -27.21 -36.35
CA ASP D 128 31.70 -26.51 -35.07
C ASP D 128 30.70 -27.16 -34.14
N ARG D 129 29.49 -26.62 -34.01
CA ARG D 129 28.41 -27.37 -33.39
C ARG D 129 27.66 -28.01 -34.54
N GLN D 130 27.46 -29.32 -34.47
CA GLN D 130 26.99 -30.08 -35.62
C GLN D 130 25.92 -31.06 -35.16
N SER D 131 24.78 -31.05 -35.83
CA SER D 131 23.72 -32.01 -35.58
C SER D 131 24.09 -33.36 -36.20
N ASN D 132 23.34 -34.40 -35.84
CA ASN D 132 23.58 -35.73 -36.39
C ASN D 132 24.94 -36.27 -35.94
N THR D 133 25.19 -36.18 -34.65
CA THR D 133 26.50 -36.50 -34.13
C THR D 133 26.38 -37.47 -32.96
N ILE D 134 27.20 -38.53 -33.01
CA ILE D 134 27.44 -39.40 -31.87
C ILE D 134 28.75 -38.95 -31.26
N ARG D 135 28.73 -38.56 -29.98
CA ARG D 135 29.95 -38.15 -29.32
C ARG D 135 30.13 -38.93 -28.04
N TRP D 136 31.34 -39.51 -27.86
CA TRP D 136 31.76 -40.19 -26.64
C TRP D 136 32.77 -39.34 -25.89
N ASP D 137 32.47 -39.09 -24.62
CA ASP D 137 33.36 -38.40 -23.71
C ASP D 137 33.72 -39.43 -22.65
N SER D 138 34.99 -39.85 -22.62
CA SER D 138 35.44 -40.81 -21.65
C SER D 138 35.41 -40.19 -20.27
N PRO D 139 35.52 -41.00 -19.23
CA PRO D 139 35.84 -40.44 -17.92
C PRO D 139 37.21 -39.78 -17.98
N MET D 140 37.55 -39.12 -16.88
CA MET D 140 38.88 -38.58 -16.72
C MET D 140 39.70 -39.65 -16.01
N TYR D 141 40.29 -40.55 -16.81
CA TYR D 141 41.03 -41.72 -16.30
C TYR D 141 42.17 -41.27 -15.38
N ALA D 142 42.23 -41.89 -14.19
CA ALA D 142 43.22 -41.58 -13.16
C ALA D 142 43.24 -40.09 -12.81
N ASP D 143 42.18 -39.35 -13.17
CA ASP D 143 42.06 -37.93 -12.88
C ASP D 143 43.01 -37.04 -13.70
N LYS D 144 43.57 -37.58 -14.79
CA LYS D 144 44.50 -36.79 -15.60
C LYS D 144 44.36 -36.99 -17.11
N PHE D 145 43.72 -38.07 -17.58
CA PHE D 145 43.65 -38.37 -19.00
C PHE D 145 42.18 -38.46 -19.40
N SER D 146 41.81 -37.78 -20.50
CA SER D 146 40.45 -37.96 -21.02
C SER D 146 40.46 -37.84 -22.52
N ILE D 147 39.43 -38.43 -23.13
CA ILE D 147 39.33 -38.58 -24.56
C ILE D 147 37.93 -38.20 -25.03
N ASP D 148 37.85 -37.47 -26.14
CA ASP D 148 36.59 -37.12 -26.78
C ASP D 148 36.61 -37.68 -28.19
N ALA D 149 35.56 -38.39 -28.57
CA ALA D 149 35.50 -38.96 -29.90
C ALA D 149 34.10 -38.77 -30.46
N ALA D 150 34.03 -38.50 -31.75
CA ALA D 150 32.78 -38.10 -32.40
C ALA D 150 32.79 -38.55 -33.85
N VAL D 151 31.60 -38.84 -34.35
CA VAL D 151 31.37 -39.17 -35.75
C VAL D 151 30.03 -38.54 -36.12
N GLY D 152 29.92 -38.07 -37.35
CA GLY D 152 28.63 -37.47 -37.63
C GLY D 152 28.45 -37.15 -39.10
N ALA D 153 27.25 -36.69 -39.41
CA ALA D 153 26.90 -36.29 -40.76
C ALA D 153 27.39 -34.88 -41.02
N GLY D 154 27.60 -34.58 -42.31
CA GLY D 154 27.95 -33.25 -42.75
C GLY D 154 26.77 -32.32 -42.84
N ASP D 155 27.05 -31.09 -43.27
CA ASP D 155 25.99 -30.10 -43.34
C ASP D 155 24.95 -30.46 -44.40
N LYS D 156 25.39 -30.96 -45.57
CA LYS D 156 24.46 -31.32 -46.65
C LYS D 156 23.73 -32.62 -46.38
N ALA D 157 24.42 -33.63 -45.83
CA ALA D 157 23.75 -34.85 -45.41
C ALA D 157 22.57 -34.55 -44.50
N GLY D 158 22.79 -33.70 -43.49
CA GLY D 158 21.71 -33.29 -42.59
C GLY D 158 20.44 -32.80 -43.27
N LEU D 159 20.50 -32.42 -44.56
CA LEU D 159 19.32 -31.98 -45.29
C LEU D 159 18.91 -32.99 -46.37
N GLY D 160 19.42 -34.23 -46.30
CA GLY D 160 19.36 -35.15 -47.42
C GLY D 160 19.79 -34.56 -48.76
N ALA D 161 20.80 -33.69 -48.77
CA ALA D 161 21.30 -33.08 -49.99
C ALA D 161 22.74 -33.46 -50.33
N GLY D 162 23.38 -34.30 -49.53
CA GLY D 162 24.75 -34.68 -49.81
C GLY D 162 25.10 -35.90 -48.98
N ASP D 163 26.32 -36.39 -49.18
CA ASP D 163 26.78 -37.57 -48.44
C ASP D 163 28.03 -37.28 -47.64
N ASP D 164 28.20 -36.03 -47.17
CA ASP D 164 29.36 -35.69 -46.34
C ASP D 164 29.24 -36.25 -44.92
N TYR D 165 30.38 -36.63 -44.37
CA TYR D 165 30.50 -37.10 -43.01
C TYR D 165 31.85 -36.65 -42.47
N TRP D 166 32.03 -36.85 -41.18
CA TRP D 166 33.23 -36.37 -40.54
C TRP D 166 33.44 -37.21 -39.30
N GLY D 167 34.70 -37.33 -38.91
CA GLY D 167 35.05 -37.92 -37.63
C GLY D 167 36.12 -37.07 -36.96
N GLY D 168 36.20 -37.23 -35.65
CA GLY D 168 37.10 -36.40 -34.87
C GLY D 168 37.39 -37.02 -33.52
N ILE D 169 38.53 -36.62 -32.97
CA ILE D 169 38.98 -37.17 -31.71
C ILE D 169 39.89 -36.12 -31.09
N ALA D 170 39.86 -36.07 -29.76
CA ALA D 170 40.63 -35.10 -29.00
C ALA D 170 41.00 -35.75 -27.68
N ALA D 171 42.23 -35.51 -27.26
CA ALA D 171 42.74 -36.09 -26.04
C ALA D 171 43.33 -34.96 -25.21
N HIS D 172 43.19 -35.11 -23.89
CA HIS D 172 43.68 -34.14 -22.92
C HIS D 172 44.42 -34.88 -21.81
N TYR D 173 45.61 -34.38 -21.46
CA TYR D 173 46.43 -34.94 -20.40
C TYR D 173 46.81 -33.82 -19.45
N LYS D 174 46.43 -33.95 -18.18
CA LYS D 174 46.71 -32.95 -17.16
C LYS D 174 48.06 -33.26 -16.49
N LEU D 175 49.00 -32.34 -16.64
CA LEU D 175 50.39 -32.48 -16.20
C LEU D 175 50.64 -31.42 -15.13
N GLY D 176 50.21 -31.68 -13.90
CA GLY D 176 50.36 -30.69 -12.85
C GLY D 176 49.57 -29.43 -13.15
N PRO D 177 50.25 -28.28 -13.19
CA PRO D 177 49.58 -27.03 -13.56
C PRO D 177 49.33 -26.87 -15.05
N LEU D 178 49.82 -27.79 -15.87
CA LEU D 178 49.67 -27.71 -17.31
C LEU D 178 48.62 -28.71 -17.79
N GLN D 179 48.09 -28.46 -18.99
CA GLN D 179 47.28 -29.46 -19.70
C GLN D 179 47.75 -29.55 -21.15
N LEU D 180 47.88 -30.77 -21.66
CA LEU D 180 48.22 -30.96 -23.05
C LEU D 180 46.97 -31.39 -23.80
N ASP D 181 46.73 -30.75 -24.96
CA ASP D 181 45.59 -31.04 -25.81
C ASP D 181 46.06 -31.44 -27.20
N ALA D 182 45.50 -32.51 -27.72
CA ALA D 182 45.67 -32.83 -29.12
C ALA D 182 44.30 -33.17 -29.66
N ALA D 183 44.05 -32.76 -30.91
CA ALA D 183 42.79 -33.10 -31.54
C ALA D 183 43.02 -33.29 -33.02
N TYR D 184 42.07 -33.98 -33.64
CA TYR D 184 42.08 -34.24 -35.08
C TYR D 184 40.63 -34.18 -35.57
N GLU D 185 40.45 -33.85 -36.84
CA GLU D 185 39.13 -33.99 -37.42
C GLU D 185 39.28 -34.21 -38.91
N GLY D 186 38.57 -35.23 -39.42
CA GLY D 186 38.51 -35.51 -40.83
C GLY D 186 37.11 -35.25 -41.36
N ASN D 187 37.04 -34.56 -42.48
CA ASN D 187 35.80 -34.32 -43.18
C ASN D 187 35.89 -34.91 -44.59
N ARG D 188 34.81 -35.56 -45.03
CA ARG D 188 34.81 -36.29 -46.29
C ARG D 188 33.54 -35.98 -47.09
N ASN D 189 33.68 -36.03 -48.42
CA ASN D 189 32.59 -35.80 -49.35
C ASN D 189 32.01 -34.40 -49.19
N ILE D 190 32.88 -33.43 -48.91
CA ILE D 190 32.50 -32.03 -48.88
C ILE D 190 32.42 -31.51 -50.30
N GLU D 191 31.23 -31.08 -50.73
CA GLU D 191 31.04 -30.51 -52.05
C GLU D 191 31.14 -28.99 -51.96
N ALA D 192 32.07 -28.41 -52.72
CA ALA D 192 32.29 -26.98 -52.76
C ALA D 192 33.15 -26.64 -53.96
N GLU D 193 32.89 -25.48 -54.58
CA GLU D 193 33.74 -24.96 -55.65
C GLU D 193 33.90 -25.98 -56.77
N GLY D 194 32.79 -26.63 -57.13
CA GLY D 194 32.78 -27.59 -58.20
C GLY D 194 33.55 -28.87 -57.95
N GLN D 195 34.05 -29.07 -56.74
CA GLN D 195 34.88 -30.23 -56.45
C GLN D 195 34.33 -30.95 -55.23
N THR D 196 34.85 -32.14 -55.02
CA THR D 196 34.59 -32.84 -53.79
C THR D 196 35.88 -32.84 -52.99
N TRP D 197 35.77 -32.61 -51.70
CA TRP D 197 36.94 -32.37 -50.88
C TRP D 197 37.05 -33.39 -49.76
N GLU D 198 38.28 -33.62 -49.34
CA GLU D 198 38.58 -34.28 -48.07
C GLU D 198 39.48 -33.35 -47.29
N ASN D 199 39.13 -33.11 -46.03
CA ASN D 199 39.85 -32.19 -45.18
C ASN D 199 40.46 -32.93 -44.00
N ASN D 200 41.65 -32.51 -43.60
CA ASN D 200 42.26 -33.07 -42.42
C ASN D 200 42.84 -31.95 -41.61
N THR D 201 42.41 -31.84 -40.36
CA THR D 201 42.89 -30.81 -39.48
C THR D 201 43.47 -31.46 -38.24
N TYR D 202 44.63 -30.98 -37.83
CA TYR D 202 45.31 -31.48 -36.65
C TYR D 202 45.60 -30.31 -35.71
N LEU D 203 45.45 -30.56 -34.41
CA LEU D 203 45.69 -29.53 -33.43
C LEU D 203 46.49 -30.10 -32.26
N VAL D 204 47.51 -29.37 -31.85
CA VAL D 204 48.24 -29.63 -30.62
C VAL D 204 48.26 -28.33 -29.83
N GLY D 205 48.21 -28.44 -28.50
CA GLY D 205 48.14 -27.23 -27.71
C GLY D 205 48.38 -27.47 -26.24
N VAL D 206 48.69 -26.38 -25.54
CA VAL D 206 48.96 -26.45 -24.11
C VAL D 206 48.19 -25.34 -23.40
N GLN D 207 47.81 -25.63 -22.17
CA GLN D 207 47.16 -24.69 -21.25
C GLN D 207 47.91 -24.72 -19.92
N GLY D 208 48.02 -23.56 -19.29
CA GLY D 208 48.64 -23.48 -17.98
C GLY D 208 47.92 -22.61 -16.98
N TRP D 209 47.75 -23.13 -15.76
CA TRP D 209 47.18 -22.39 -14.63
C TRP D 209 48.13 -22.53 -13.44
N PHE D 210 48.73 -21.42 -13.02
CA PHE D 210 49.70 -21.41 -11.93
C PHE D 210 49.14 -20.66 -10.73
N GLU D 211 49.68 -20.97 -9.55
CA GLU D 211 49.17 -20.31 -8.34
C GLU D 211 49.61 -18.86 -8.21
N ASN D 212 50.56 -18.37 -8.99
CA ASN D 212 50.87 -16.96 -8.96
C ASN D 212 49.87 -16.12 -9.79
N GLY D 213 48.80 -16.73 -10.30
CA GLY D 213 47.76 -16.03 -11.03
C GLY D 213 47.99 -15.86 -12.51
N ILE D 214 49.11 -16.38 -13.03
CA ILE D 214 49.38 -16.38 -14.46
C ILE D 214 48.71 -17.59 -15.09
N SER D 215 48.03 -17.37 -16.21
CA SER D 215 47.50 -18.44 -17.03
C SER D 215 47.88 -18.13 -18.47
N PHE D 216 47.90 -19.17 -19.30
CA PHE D 216 48.28 -19.00 -20.69
C PHE D 216 47.75 -20.20 -21.46
N PHE D 217 47.72 -20.05 -22.77
CA PHE D 217 47.38 -21.14 -23.65
C PHE D 217 48.05 -20.87 -24.99
N ALA D 218 48.47 -21.93 -25.65
CA ALA D 218 49.06 -21.80 -26.97
C ALA D 218 48.61 -22.99 -27.79
N GLN D 219 48.19 -22.72 -29.01
CA GLN D 219 47.71 -23.77 -29.87
C GLN D 219 48.31 -23.62 -31.25
N TYR D 220 48.63 -24.75 -31.85
CA TYR D 220 49.04 -24.82 -33.24
C TYR D 220 48.04 -25.68 -33.97
N LYS D 221 47.63 -25.22 -35.16
CA LYS D 221 46.59 -25.87 -35.94
C LYS D 221 47.07 -26.02 -37.38
N TYR D 222 46.95 -27.24 -37.91
CA TYR D 222 47.39 -27.60 -39.25
C TYR D 222 46.17 -28.08 -40.01
N MET D 223 45.95 -27.51 -41.20
CA MET D 223 44.78 -27.79 -42.02
C MET D 223 45.21 -28.14 -43.43
N GLU D 224 44.82 -29.32 -43.86
CA GLU D 224 45.07 -29.77 -45.21
C GLU D 224 43.75 -30.09 -45.87
N ALA D 225 43.66 -29.82 -47.16
CA ALA D 225 42.47 -30.14 -47.93
C ALA D 225 42.91 -30.75 -49.25
N ASP D 226 42.04 -31.56 -49.82
CA ASP D 226 42.32 -32.23 -51.09
C ASP D 226 41.04 -32.29 -51.91
N ALA D 227 41.08 -31.68 -53.09
CA ALA D 227 39.95 -31.65 -54.02
C ALA D 227 40.02 -32.83 -55.00
N SER D 228 38.85 -33.18 -55.53
CA SER D 228 38.71 -34.27 -56.50
C SER D 228 39.53 -34.08 -57.76
N ASN D 229 39.86 -32.83 -58.12
CA ASN D 229 40.64 -32.56 -59.33
C ASN D 229 42.14 -32.63 -59.09
N GLY D 230 42.59 -33.10 -57.92
CA GLY D 230 43.99 -33.24 -57.58
C GLY D 230 44.57 -32.11 -56.77
N VAL D 231 43.91 -30.94 -56.75
CA VAL D 231 44.45 -29.80 -56.04
C VAL D 231 44.59 -30.14 -54.56
N ASN D 232 45.73 -29.74 -53.98
CA ASN D 232 45.98 -29.88 -52.55
C ASN D 232 46.21 -28.50 -51.95
N GLU D 233 45.59 -28.24 -50.80
CA GLU D 233 45.75 -26.99 -50.08
C GLU D 233 46.20 -27.28 -48.67
N LYS D 234 47.02 -26.36 -48.14
CA LYS D 234 47.58 -26.47 -46.80
C LYS D 234 47.55 -25.10 -46.14
N GLN D 235 47.25 -25.07 -44.85
CA GLN D 235 47.32 -23.83 -44.10
C GLN D 235 47.49 -24.16 -42.63
N ASP D 236 48.42 -23.50 -41.95
CA ASP D 236 48.49 -23.63 -40.51
C ASP D 236 48.10 -22.32 -39.85
N ALA D 237 48.04 -22.36 -38.52
CA ALA D 237 47.50 -21.25 -37.76
C ALA D 237 47.91 -21.44 -36.31
N MET D 238 47.91 -20.34 -35.57
CA MET D 238 48.20 -20.42 -34.15
C MET D 238 47.26 -19.47 -33.43
N SER D 239 47.10 -19.75 -32.14
CA SER D 239 46.43 -18.84 -31.22
C SER D 239 47.07 -18.95 -29.84
N ALA D 240 47.14 -17.81 -29.15
CA ALA D 240 47.87 -17.76 -27.90
C ALA D 240 47.25 -16.71 -26.99
N GLY D 241 47.24 -17.04 -25.69
CA GLY D 241 46.70 -16.17 -24.67
C GLY D 241 47.49 -16.15 -23.39
N LEU D 242 47.70 -14.95 -22.87
CA LEU D 242 48.31 -14.72 -21.58
C LEU D 242 47.31 -14.00 -20.70
N MET D 243 47.17 -14.46 -19.47
CA MET D 243 46.18 -13.96 -18.54
C MET D 243 46.82 -13.75 -17.19
N TYR D 244 46.52 -12.64 -16.54
CA TYR D 244 46.92 -12.43 -15.16
C TYR D 244 45.66 -12.27 -14.34
N THR D 245 45.49 -13.13 -13.33
CA THR D 245 44.31 -13.08 -12.48
C THR D 245 44.75 -12.70 -11.07
N THR D 246 44.25 -11.56 -10.58
CA THR D 246 44.54 -11.11 -9.22
C THR D 246 43.26 -10.60 -8.59
N GLY D 247 42.84 -11.27 -7.52
CA GLY D 247 41.65 -10.85 -6.80
C GLY D 247 40.41 -11.03 -7.64
N ASP D 248 39.68 -9.95 -7.88
CA ASP D 248 38.48 -10.05 -8.69
C ASP D 248 38.74 -9.61 -10.11
N TRP D 249 39.99 -9.40 -10.49
CA TRP D 249 40.36 -8.86 -11.80
C TRP D 249 41.11 -9.90 -12.62
N GLN D 250 40.90 -9.85 -13.93
CA GLN D 250 41.67 -10.67 -14.87
C GLN D 250 42.01 -9.84 -16.09
N TYR D 251 43.31 -9.66 -16.33
CA TYR D 251 43.86 -9.02 -17.51
C TYR D 251 44.26 -10.10 -18.48
N LYS D 252 43.98 -9.89 -19.78
CA LYS D 252 44.16 -10.96 -20.75
C LYS D 252 44.61 -10.40 -22.08
N LEU D 253 45.66 -11.00 -22.62
CA LEU D 253 46.18 -10.65 -23.94
C LEU D 253 46.05 -11.87 -24.84
N GLY D 254 45.50 -11.67 -26.02
CA GLY D 254 45.34 -12.77 -26.97
C GLY D 254 45.86 -12.40 -28.34
N TYR D 255 46.45 -13.39 -29.00
CA TYR D 255 46.92 -13.25 -30.38
C TYR D 255 46.62 -14.54 -31.13
N ALA D 256 46.09 -14.40 -32.35
CA ALA D 256 45.91 -15.56 -33.22
C ALA D 256 46.22 -15.16 -34.66
N ALA D 257 46.77 -16.11 -35.41
CA ALA D 257 47.07 -15.83 -36.80
C ALA D 257 46.78 -17.05 -37.64
N ASN D 258 46.31 -16.81 -38.85
CA ASN D 258 46.37 -17.78 -39.94
C ASN D 258 47.47 -17.33 -40.88
N PHE D 259 48.29 -18.27 -41.30
CA PHE D 259 49.39 -17.98 -42.23
C PHE D 259 48.98 -18.25 -43.67
N ASP D 260 49.85 -17.87 -44.60
CA ASP D 260 49.51 -17.89 -46.02
C ASP D 260 49.04 -19.29 -46.46
N LEU D 261 47.99 -19.32 -47.28
CA LEU D 261 47.54 -20.59 -47.81
C LEU D 261 48.57 -21.09 -48.83
N GLU D 262 48.72 -22.41 -48.91
CA GLU D 262 49.56 -23.03 -49.91
C GLU D 262 48.70 -23.93 -50.78
N ARG D 263 48.74 -23.70 -52.09
CA ARG D 263 47.98 -24.50 -53.04
C ARG D 263 48.95 -25.16 -54.01
N ASP D 264 48.95 -26.50 -54.04
CA ASP D 264 49.81 -27.27 -54.94
C ASP D 264 51.28 -26.88 -54.79
N GLY D 265 51.76 -26.80 -53.55
CA GLY D 265 53.15 -26.44 -53.29
C GLY D 265 53.53 -24.97 -53.46
N LYS D 266 52.61 -24.10 -53.88
CA LYS D 266 52.90 -22.68 -54.04
C LYS D 266 52.17 -21.85 -52.98
N THR D 267 52.88 -20.95 -52.33
CA THR D 267 52.25 -20.03 -51.41
C THR D 267 51.42 -19.01 -52.19
N LEU D 268 50.21 -18.75 -51.69
CA LEU D 268 49.38 -17.64 -52.15
C LEU D 268 49.65 -16.46 -51.25
N SER D 269 50.25 -15.40 -51.78
CA SER D 269 50.68 -14.30 -50.92
C SER D 269 49.50 -13.51 -50.41
N ASN D 270 49.65 -13.02 -49.19
CA ASN D 270 48.65 -12.15 -48.55
C ASN D 270 47.31 -12.87 -48.36
N THR D 271 47.38 -14.13 -47.93
CA THR D 271 46.20 -14.89 -47.53
C THR D 271 46.18 -15.16 -46.03
N SER D 272 47.01 -14.46 -45.26
CA SER D 272 47.04 -14.62 -43.82
C SER D 272 46.12 -13.62 -43.15
N ASP D 273 45.66 -13.98 -41.94
CA ASP D 273 44.92 -13.10 -41.04
C ASP D 273 45.66 -13.03 -39.71
N ASP D 274 45.40 -11.98 -38.94
CA ASP D 274 45.75 -12.03 -37.53
C ASP D 274 44.88 -11.09 -36.72
N VAL D 275 44.92 -11.29 -35.41
CA VAL D 275 44.09 -10.53 -34.49
C VAL D 275 44.85 -10.47 -33.17
N VAL D 276 44.92 -9.27 -32.60
CA VAL D 276 45.44 -9.05 -31.27
C VAL D 276 44.29 -8.50 -30.45
N SER D 277 44.26 -8.84 -29.17
CA SER D 277 43.05 -8.64 -28.39
C SER D 277 43.42 -8.39 -26.95
N ALA D 278 42.92 -7.29 -26.40
CA ALA D 278 43.13 -6.94 -25.01
C ALA D 278 41.79 -6.99 -24.28
N GLN D 279 41.78 -7.62 -23.13
CA GLN D 279 40.55 -7.74 -22.35
C GLN D 279 40.86 -7.56 -20.88
N ILE D 280 40.02 -6.79 -20.20
CA ILE D 280 40.02 -6.71 -18.75
C ILE D 280 38.67 -7.23 -18.29
N MET D 281 38.68 -8.00 -17.21
CA MET D 281 37.46 -8.67 -16.76
C MET D 281 37.38 -8.60 -15.24
N TYR D 282 36.16 -8.41 -14.75
CA TYR D 282 35.90 -8.18 -13.33
C TYR D 282 34.90 -9.23 -12.89
N PHE D 283 35.25 -9.97 -11.85
CA PHE D 283 34.41 -11.04 -11.33
C PHE D 283 33.39 -10.41 -10.39
N VAL D 284 32.34 -9.84 -11.00
CA VAL D 284 31.40 -9.02 -10.25
C VAL D 284 30.53 -9.84 -9.33
N ASP D 285 30.58 -11.16 -9.44
CA ASP D 285 29.76 -12.03 -8.62
C ASP D 285 30.19 -13.46 -8.94
N PRO D 286 30.03 -14.40 -8.00
CA PRO D 286 30.41 -15.79 -8.27
C PRO D 286 29.79 -16.37 -9.55
N SER D 287 28.73 -15.72 -10.05
CA SER D 287 28.00 -16.20 -11.22
C SER D 287 28.03 -15.24 -12.40
N ALA D 288 28.78 -14.15 -12.32
CA ALA D 288 28.76 -13.20 -13.43
C ALA D 288 30.08 -12.46 -13.54
N VAL D 289 30.33 -11.95 -14.73
CA VAL D 289 31.51 -11.15 -15.02
C VAL D 289 31.08 -9.93 -15.82
N LEU D 290 31.80 -8.82 -15.63
CA LEU D 290 31.82 -7.70 -16.57
C LEU D 290 33.15 -7.69 -17.30
N TYR D 291 33.17 -7.19 -18.54
CA TYR D 291 34.44 -7.10 -19.24
C TYR D 291 34.43 -5.91 -20.17
N ALA D 292 35.62 -5.40 -20.44
CA ALA D 292 35.85 -4.52 -21.57
C ALA D 292 36.93 -5.15 -22.42
N ARG D 293 36.88 -4.90 -23.73
CA ARG D 293 37.70 -5.66 -24.66
C ARG D 293 37.96 -4.82 -25.89
N ALA D 294 39.20 -4.84 -26.33
CA ALA D 294 39.56 -4.19 -27.58
C ALA D 294 40.32 -5.20 -28.41
N ARG D 295 40.09 -5.17 -29.71
CA ARG D 295 40.77 -6.10 -30.58
C ARG D 295 40.92 -5.49 -31.97
N MET D 296 41.93 -5.97 -32.68
CA MET D 296 42.24 -5.47 -34.02
C MET D 296 42.37 -6.68 -34.94
N ASN D 297 41.51 -6.74 -35.96
CA ASN D 297 41.51 -7.85 -36.92
C ASN D 297 42.12 -7.34 -38.23
N ASP D 298 43.17 -8.03 -38.67
CA ASP D 298 43.78 -7.77 -39.98
C ASP D 298 43.61 -9.04 -40.82
N PHE D 299 42.72 -8.98 -41.78
CA PHE D 299 42.37 -10.16 -42.55
C PHE D 299 43.08 -10.15 -43.89
N ASN D 300 43.22 -11.34 -44.46
CA ASN D 300 43.71 -11.53 -45.83
C ASN D 300 42.99 -10.57 -46.76
N GLU D 301 43.56 -10.29 -47.93
CA GLU D 301 42.90 -9.42 -48.87
C GLU D 301 42.37 -10.19 -50.08
N GLY D 302 42.03 -11.47 -49.86
CA GLY D 302 41.24 -12.22 -50.81
C GLY D 302 42.03 -13.25 -51.57
N LEU D 303 41.30 -14.24 -52.09
CA LEU D 303 41.83 -15.34 -52.88
C LEU D 303 40.67 -15.94 -53.63
N ASP D 304 41.01 -16.78 -54.60
CA ASP D 304 40.00 -17.45 -55.42
C ASP D 304 39.94 -18.93 -55.04
N GLY D 305 38.73 -19.49 -55.12
CA GLY D 305 38.55 -20.93 -55.04
C GLY D 305 38.82 -21.62 -56.37
N LEU D 306 38.63 -22.93 -56.38
CA LEU D 306 38.92 -23.76 -57.54
C LEU D 306 37.94 -23.55 -58.67
N ASP D 307 36.86 -22.80 -58.43
CA ASP D 307 35.93 -22.41 -59.48
C ASP D 307 36.21 -21.00 -59.99
N ASP D 308 37.45 -20.52 -59.83
CA ASP D 308 37.89 -19.22 -60.31
C ASP D 308 36.92 -18.10 -59.92
N ALA D 309 36.31 -18.25 -58.74
CA ALA D 309 35.47 -17.24 -58.13
C ALA D 309 35.99 -16.93 -56.73
N ALA D 310 35.57 -15.80 -56.18
CA ALA D 310 36.09 -15.41 -54.87
C ALA D 310 35.66 -16.38 -53.78
N ARG D 311 36.61 -16.77 -52.93
CA ARG D 311 36.35 -17.63 -51.79
C ARG D 311 35.99 -16.78 -50.58
N TRP D 312 34.89 -17.12 -49.92
CA TRP D 312 34.47 -16.33 -48.79
C TRP D 312 35.32 -16.66 -47.58
N THR D 313 35.85 -15.61 -46.94
CA THR D 313 36.57 -15.74 -45.69
C THR D 313 36.04 -14.72 -44.72
N SER D 314 36.36 -14.91 -43.44
CA SER D 314 36.04 -13.94 -42.41
C SER D 314 36.69 -12.58 -42.70
N GLY D 315 37.46 -12.49 -43.78
CA GLY D 315 38.05 -11.23 -44.18
C GLY D 315 37.32 -10.53 -45.31
N THR D 316 36.45 -11.23 -46.03
CA THR D 316 35.79 -10.59 -47.16
C THR D 316 35.01 -9.35 -46.75
N ASN D 317 34.64 -9.23 -45.47
CA ASN D 317 33.94 -8.03 -45.04
C ASN D 317 34.87 -6.91 -44.66
N GLY D 318 36.16 -7.17 -44.57
CA GLY D 318 37.15 -6.14 -44.37
C GLY D 318 37.70 -6.14 -42.96
N ASP D 319 38.91 -5.60 -42.84
CA ASP D 319 39.55 -5.44 -41.54
C ASP D 319 38.68 -4.61 -40.59
N TYR D 320 38.79 -4.87 -39.29
CA TYR D 320 38.05 -3.99 -38.40
C TYR D 320 38.61 -4.09 -37.00
N ASN D 321 38.48 -2.99 -36.24
CA ASN D 321 38.76 -2.96 -34.82
C ASN D 321 37.45 -2.96 -34.05
N GLU D 322 37.51 -3.35 -32.78
CA GLU D 322 36.28 -3.43 -32.00
C GLU D 322 36.56 -3.09 -30.55
N TYR D 323 35.70 -2.24 -29.98
CA TYR D 323 35.75 -1.88 -28.58
C TYR D 323 34.43 -2.25 -27.95
N SER D 324 34.47 -2.93 -26.81
CA SER D 324 33.24 -3.45 -26.25
C SER D 324 33.35 -3.64 -24.74
N VAL D 325 32.19 -3.51 -24.09
CA VAL D 325 31.96 -3.93 -22.72
C VAL D 325 30.85 -4.96 -22.80
N GLY D 326 30.73 -5.76 -21.76
CA GLY D 326 29.77 -6.83 -21.81
C GLY D 326 29.55 -7.39 -20.43
N VAL D 327 28.48 -8.18 -20.33
CA VAL D 327 28.12 -8.85 -19.09
C VAL D 327 27.74 -10.29 -19.43
N GLU D 328 27.99 -11.19 -18.48
CA GLU D 328 27.68 -12.60 -18.65
C GLU D 328 27.28 -13.18 -17.31
N TYR D 329 26.09 -13.75 -17.25
CA TYR D 329 25.50 -14.21 -16.00
C TYR D 329 24.94 -15.60 -16.25
N TYR D 330 25.29 -16.53 -15.36
CA TYR D 330 24.92 -17.94 -15.48
C TYR D 330 23.93 -18.27 -14.38
N PHE D 331 22.85 -18.94 -14.74
CA PHE D 331 21.91 -19.37 -13.75
C PHE D 331 21.37 -20.74 -14.12
N GLU E 1 2.90 -25.24 -15.89
CA GLU E 1 3.58 -26.53 -15.95
C GLU E 1 4.51 -26.55 -17.15
N VAL E 2 5.67 -27.15 -16.97
CA VAL E 2 6.61 -27.35 -18.05
C VAL E 2 6.68 -28.84 -18.29
N TYR E 3 6.42 -29.25 -19.52
CA TYR E 3 6.45 -30.64 -19.88
C TYR E 3 7.32 -30.80 -21.12
N GLY E 4 7.56 -32.06 -21.48
CA GLY E 4 8.46 -32.33 -22.58
C GLY E 4 8.35 -33.75 -23.06
N ILE E 5 8.59 -33.95 -24.35
CA ILE E 5 8.79 -35.28 -24.90
C ILE E 5 10.19 -35.31 -25.50
N ILE E 6 11.10 -36.03 -24.85
CA ILE E 6 12.44 -36.22 -25.40
C ILE E 6 12.37 -37.45 -26.30
N ALA E 7 12.71 -37.27 -27.57
CA ALA E 7 12.45 -38.24 -28.62
C ALA E 7 13.61 -38.21 -29.59
N MET E 8 14.34 -39.31 -29.67
CA MET E 8 15.56 -39.34 -30.45
C MET E 8 15.56 -40.66 -31.21
N GLN E 9 15.65 -40.56 -32.51
CA GLN E 9 15.63 -41.72 -33.37
C GLN E 9 16.88 -41.66 -34.22
N ALA E 10 17.68 -42.72 -34.23
CA ALA E 10 18.78 -42.84 -35.17
C ALA E 10 18.30 -43.70 -36.33
N ALA E 11 18.26 -43.13 -37.53
CA ALA E 11 17.67 -43.80 -38.68
C ALA E 11 18.67 -43.89 -39.81
N TYR E 12 18.87 -45.11 -40.28
CA TYR E 12 19.63 -45.36 -41.50
C TYR E 12 18.64 -45.62 -42.62
N ARG E 13 18.67 -44.79 -43.64
CA ARG E 13 17.79 -44.96 -44.79
C ARG E 13 18.62 -45.42 -45.99
N ASP E 14 18.16 -46.50 -46.62
CA ASP E 14 18.73 -46.98 -47.88
C ASP E 14 17.69 -46.72 -48.95
N TYR E 15 18.00 -45.83 -49.88
CA TYR E 15 17.09 -45.41 -50.95
C TYR E 15 17.39 -46.15 -52.25
N ASP E 16 16.35 -46.32 -53.07
CA ASP E 16 16.44 -46.83 -54.45
C ASP E 16 15.53 -45.94 -55.32
N SER E 17 16.07 -44.78 -55.71
CA SER E 17 15.27 -43.77 -56.42
C SER E 17 15.40 -43.84 -57.93
N GLY E 18 16.39 -44.55 -58.46
CA GLY E 18 16.73 -44.49 -59.85
C GLY E 18 17.77 -43.46 -60.23
N ASP E 19 18.23 -42.65 -59.27
CA ASP E 19 19.37 -41.74 -59.45
C ASP E 19 20.38 -42.03 -58.35
N ALA E 20 21.56 -42.51 -58.74
CA ALA E 20 22.50 -43.00 -57.73
C ALA E 20 23.03 -41.89 -56.84
N LYS E 21 23.13 -40.65 -57.34
CA LYS E 21 23.50 -39.53 -56.49
C LYS E 21 22.35 -39.12 -55.57
N GLN E 22 21.12 -39.09 -56.10
CA GLN E 22 20.00 -38.83 -55.22
C GLN E 22 19.95 -39.87 -54.11
N ASP E 23 20.19 -41.14 -54.46
CA ASP E 23 20.22 -42.18 -53.44
C ASP E 23 21.20 -41.84 -52.35
N ASP E 24 22.40 -41.37 -52.73
CA ASP E 24 23.44 -41.06 -51.76
C ASP E 24 23.08 -39.83 -50.94
N ASN E 25 22.48 -38.83 -51.58
CA ASN E 25 22.07 -37.61 -50.88
C ASN E 25 21.04 -37.93 -49.81
N LEU E 26 19.93 -38.57 -50.21
CA LEU E 26 18.83 -38.84 -49.29
C LEU E 26 19.16 -39.97 -48.33
N GLY E 27 19.96 -40.95 -48.74
CA GLY E 27 20.21 -42.09 -47.90
C GLY E 27 21.28 -41.82 -46.87
N GLY E 28 21.43 -42.74 -45.97
CA GLY E 28 22.43 -42.64 -44.95
C GLY E 28 21.81 -42.55 -43.58
N MET E 29 22.68 -42.34 -42.60
CA MET E 29 22.27 -42.20 -41.22
C MET E 29 21.99 -40.73 -40.90
N GLN E 30 20.94 -40.50 -40.11
CA GLN E 30 20.66 -39.20 -39.50
C GLN E 30 20.09 -39.45 -38.12
N LEU E 31 20.20 -38.44 -37.27
CA LEU E 31 19.56 -38.47 -35.97
C LEU E 31 18.29 -37.66 -36.08
N ASN E 32 17.16 -38.29 -35.82
CA ASN E 32 15.86 -37.65 -35.92
C ASN E 32 15.46 -37.24 -34.51
N ASN E 33 15.73 -36.01 -34.16
CA ASN E 33 15.50 -35.53 -32.79
C ASN E 33 14.16 -34.82 -32.78
N GLU E 34 13.14 -35.52 -32.33
CA GLU E 34 11.80 -34.94 -32.28
C GLU E 34 11.46 -34.49 -30.87
N SER E 35 12.46 -34.26 -30.05
CA SER E 35 12.23 -33.67 -28.75
C SER E 35 11.50 -32.34 -28.88
N ARG E 36 10.65 -32.04 -27.90
CA ARG E 36 9.98 -30.75 -27.81
C ARG E 36 9.63 -30.42 -26.35
N ILE E 37 9.77 -29.14 -25.99
CA ILE E 37 9.39 -28.63 -24.67
C ILE E 37 8.03 -27.98 -24.80
N GLY E 38 7.23 -28.06 -23.74
CA GLY E 38 5.90 -27.49 -23.77
C GLY E 38 5.59 -26.75 -22.49
N PHE E 39 4.62 -25.84 -22.60
CA PHE E 39 4.02 -25.15 -21.47
C PHE E 39 2.51 -25.33 -21.52
N ARG E 40 1.91 -25.72 -20.39
CA ARG E 40 0.47 -25.78 -20.30
C ARG E 40 0.03 -25.40 -18.90
N GLY E 41 -1.28 -25.27 -18.74
CA GLY E 41 -1.83 -24.88 -17.46
C GLY E 41 -3.33 -24.79 -17.54
N LYS E 42 -3.94 -24.72 -16.36
CA LYS E 42 -5.37 -24.45 -16.24
C LYS E 42 -5.56 -23.26 -15.31
N LYS E 43 -6.75 -22.69 -15.38
CA LYS E 43 -7.12 -21.62 -14.46
C LYS E 43 -8.62 -21.66 -14.27
N GLN E 44 -9.04 -21.84 -13.01
CA GLN E 44 -10.44 -21.67 -12.63
C GLN E 44 -10.69 -20.18 -12.45
N PHE E 45 -11.37 -19.57 -13.42
CA PHE E 45 -11.66 -18.13 -13.33
C PHE E 45 -12.71 -17.88 -12.24
N ALA E 46 -12.60 -16.75 -11.56
CA ALA E 46 -13.53 -16.44 -10.49
C ALA E 46 -14.96 -16.31 -11.02
N ASN E 47 -15.15 -15.54 -12.09
CA ASN E 47 -16.48 -15.25 -12.62
C ASN E 47 -16.87 -16.09 -13.83
N PHE E 48 -16.40 -17.33 -13.90
CA PHE E 48 -16.73 -18.16 -15.07
C PHE E 48 -16.58 -19.63 -14.67
N GLU E 49 -17.63 -20.43 -14.91
CA GLU E 49 -17.61 -21.80 -14.40
C GLU E 49 -16.64 -22.68 -15.19
N PRO E 50 -16.82 -22.89 -16.51
CA PRO E 50 -15.88 -23.75 -17.25
C PRO E 50 -14.42 -23.39 -17.00
N THR E 51 -13.58 -24.40 -16.89
CA THR E 51 -12.18 -24.18 -16.53
C THR E 51 -11.36 -23.73 -17.74
N PHE E 52 -10.55 -22.70 -17.55
CA PHE E 52 -9.70 -22.21 -18.60
C PHE E 52 -8.53 -23.16 -18.77
N ILE E 53 -8.18 -23.44 -20.02
CA ILE E 53 -7.07 -24.31 -20.37
C ILE E 53 -6.31 -23.65 -21.50
N TRP E 54 -5.00 -23.89 -21.54
CA TRP E 54 -4.14 -23.33 -22.57
C TRP E 54 -2.89 -24.20 -22.67
N GLN E 55 -2.23 -24.13 -23.82
CA GLN E 55 -1.04 -24.93 -24.06
C GLN E 55 -0.20 -24.26 -25.14
N ILE E 56 1.12 -24.32 -24.98
CA ILE E 56 2.04 -23.84 -25.98
C ILE E 56 3.15 -24.86 -26.12
N GLU E 57 3.11 -25.65 -27.19
CA GLU E 57 4.09 -26.71 -27.41
C GLU E 57 5.08 -26.29 -28.48
N GLY E 58 6.35 -26.59 -28.25
CA GLY E 58 7.39 -26.33 -29.23
C GLY E 58 7.44 -27.36 -30.34
N GLY E 59 8.20 -27.02 -31.38
CA GLY E 59 8.43 -27.94 -32.47
C GLY E 59 9.58 -28.90 -32.17
N TYR E 60 9.73 -29.89 -33.05
CA TYR E 60 10.91 -30.74 -33.07
C TYR E 60 12.18 -29.89 -33.07
N VAL E 61 12.97 -30.01 -32.00
CA VAL E 61 14.12 -29.15 -31.82
C VAL E 61 15.23 -29.41 -32.85
N ASP E 62 15.28 -30.58 -33.50
CA ASP E 62 16.39 -30.87 -34.41
C ASP E 62 16.09 -32.12 -35.24
N PRO E 63 15.05 -32.10 -36.08
CA PRO E 63 14.61 -33.31 -36.77
C PRO E 63 15.49 -33.63 -37.96
N SER E 64 15.42 -34.89 -38.39
CA SER E 64 16.16 -35.24 -39.59
C SER E 64 15.61 -34.48 -40.79
N PHE E 65 16.43 -34.40 -41.84
CA PHE E 65 16.15 -33.68 -43.07
C PHE E 65 15.81 -32.22 -42.86
N GLY E 66 16.00 -31.70 -41.65
CA GLY E 66 15.67 -30.32 -41.35
C GLY E 66 16.80 -29.61 -40.62
N GLY E 67 16.55 -28.33 -40.33
CA GLY E 67 17.51 -27.54 -39.61
C GLY E 67 17.29 -27.56 -38.11
N GLU E 68 18.32 -27.15 -37.39
CA GLU E 68 18.18 -27.02 -35.94
C GLU E 68 17.23 -25.89 -35.60
N GLY E 69 16.58 -26.02 -34.45
CA GLY E 69 15.76 -24.93 -33.97
C GLY E 69 14.29 -25.10 -34.27
N ALA E 70 13.50 -24.87 -33.22
CA ALA E 70 12.05 -24.83 -33.32
C ALA E 70 11.57 -23.66 -32.49
N GLY E 71 10.39 -23.17 -32.80
CA GLY E 71 9.78 -22.11 -32.04
C GLY E 71 8.71 -22.67 -31.12
N LEU E 72 8.37 -21.88 -30.11
CA LEU E 72 7.18 -22.17 -29.33
C LEU E 72 5.96 -21.91 -30.19
N GLY E 73 5.00 -22.82 -30.17
CA GLY E 73 3.79 -22.65 -30.93
C GLY E 73 3.69 -23.52 -32.16
N GLU E 74 4.76 -24.24 -32.53
CA GLU E 74 4.74 -25.03 -33.75
C GLU E 74 3.93 -26.32 -33.63
N ARG E 75 3.75 -26.84 -32.42
CA ARG E 75 2.90 -28.00 -32.15
C ARG E 75 1.63 -27.48 -31.50
N ASP E 76 0.82 -28.37 -30.90
CA ASP E 76 -0.50 -27.94 -30.44
C ASP E 76 -0.37 -26.77 -29.47
N THR E 77 -0.99 -25.65 -29.85
CA THR E 77 -0.90 -24.39 -29.12
C THR E 77 -2.28 -23.76 -29.18
N PHE E 78 -2.92 -23.60 -28.03
CA PHE E 78 -4.33 -23.22 -28.00
C PHE E 78 -4.71 -22.65 -26.64
N VAL E 79 -5.94 -22.13 -26.58
CA VAL E 79 -6.67 -21.83 -25.36
C VAL E 79 -8.01 -22.56 -25.47
N GLY E 80 -8.83 -22.43 -24.45
CA GLY E 80 -10.09 -23.14 -24.47
C GLY E 80 -10.64 -23.29 -23.07
N PHE E 81 -11.76 -24.03 -23.00
CA PHE E 81 -12.59 -24.11 -21.80
C PHE E 81 -13.07 -25.53 -21.65
N GLU E 82 -13.06 -26.04 -20.43
CA GLU E 82 -13.51 -27.41 -20.23
C GLU E 82 -14.50 -27.46 -19.07
N SER E 83 -15.35 -28.49 -19.11
CA SER E 83 -16.42 -28.73 -18.17
C SER E 83 -16.84 -30.19 -18.30
N ALA E 84 -17.09 -30.84 -17.16
CA ALA E 84 -17.47 -32.25 -17.21
C ALA E 84 -18.80 -32.47 -17.91
N SER E 85 -19.67 -31.46 -17.90
CA SER E 85 -20.97 -31.60 -18.55
C SER E 85 -20.83 -31.77 -20.07
N TRP E 86 -20.12 -30.85 -20.73
CA TRP E 86 -20.06 -30.82 -22.18
C TRP E 86 -18.66 -31.03 -22.78
N GLY E 87 -17.64 -31.33 -21.98
CA GLY E 87 -16.35 -31.60 -22.58
C GLY E 87 -15.40 -30.42 -22.64
N GLN E 88 -14.59 -30.33 -23.68
CA GLN E 88 -13.68 -29.20 -23.84
C GLN E 88 -13.77 -28.62 -25.25
N VAL E 89 -13.68 -27.31 -25.33
CA VAL E 89 -13.53 -26.62 -26.60
C VAL E 89 -12.16 -25.97 -26.60
N ARG E 90 -11.40 -26.20 -27.67
CA ARG E 90 -10.09 -25.59 -27.86
C ARG E 90 -10.14 -24.68 -29.09
N LEU E 91 -9.48 -23.52 -28.97
CA LEU E 91 -9.29 -22.61 -30.08
C LEU E 91 -7.79 -22.47 -30.30
N GLY E 92 -7.36 -22.61 -31.56
CA GLY E 92 -5.97 -22.46 -31.88
C GLY E 92 -5.43 -23.47 -32.87
N ARG E 93 -4.33 -24.08 -32.51
CA ARG E 93 -3.60 -24.98 -33.38
C ARG E 93 -3.72 -26.36 -32.75
N VAL E 94 -4.53 -27.22 -33.35
CA VAL E 94 -4.82 -28.55 -32.82
C VAL E 94 -4.87 -29.54 -33.97
N LEU E 95 -4.90 -30.82 -33.63
CA LEU E 95 -5.05 -31.86 -34.63
C LEU E 95 -6.48 -31.89 -35.14
N THR E 96 -6.60 -32.08 -36.45
CA THR E 96 -7.87 -32.39 -37.08
C THR E 96 -8.47 -33.67 -36.48
N PRO E 97 -9.79 -33.72 -36.27
CA PRO E 97 -10.41 -34.99 -35.81
C PRO E 97 -10.07 -36.19 -36.69
N MET E 98 -10.14 -36.02 -38.01
CA MET E 98 -9.68 -37.06 -38.91
C MET E 98 -8.22 -37.39 -38.66
N TYR E 99 -7.35 -36.37 -38.68
CA TYR E 99 -5.91 -36.59 -38.59
C TYR E 99 -5.53 -37.26 -37.29
N GLU E 100 -6.19 -36.92 -36.18
CA GLU E 100 -5.86 -37.60 -34.94
C GLU E 100 -5.92 -39.12 -35.10
N LEU E 101 -7.00 -39.64 -35.72
CA LEU E 101 -7.12 -41.09 -35.96
C LEU E 101 -6.11 -41.59 -37.00
N VAL E 102 -5.92 -40.80 -38.07
CA VAL E 102 -4.90 -41.18 -39.05
C VAL E 102 -3.55 -41.35 -38.38
N ASP E 103 -3.20 -40.44 -37.47
CA ASP E 103 -1.87 -40.51 -36.84
C ASP E 103 -1.78 -41.68 -35.88
N TRP E 104 -2.72 -41.76 -34.93
CA TRP E 104 -2.80 -42.86 -33.99
C TRP E 104 -4.20 -43.49 -34.06
N PRO E 105 -4.30 -44.80 -34.27
CA PRO E 105 -3.14 -45.70 -34.26
C PRO E 105 -2.46 -45.91 -35.61
N ALA E 106 -3.05 -45.33 -36.67
CA ALA E 106 -2.84 -45.84 -38.01
C ALA E 106 -1.50 -45.50 -38.66
N SER E 107 -0.67 -44.61 -38.10
CA SER E 107 0.60 -44.29 -38.75
C SER E 107 1.80 -44.95 -38.08
N ASN E 108 1.60 -45.68 -36.99
CA ASN E 108 2.66 -46.29 -36.21
C ASN E 108 2.73 -47.79 -36.48
N PRO E 109 3.92 -48.35 -36.73
CA PRO E 109 5.25 -47.72 -36.71
C PRO E 109 5.83 -47.36 -38.08
N GLY E 110 5.87 -46.09 -38.45
CA GLY E 110 6.52 -45.76 -39.70
C GLY E 110 5.65 -45.87 -40.91
N LEU E 111 4.35 -46.08 -40.72
CA LEU E 111 3.45 -46.14 -41.86
C LEU E 111 3.11 -44.75 -42.39
N GLY E 112 3.57 -43.69 -41.72
CA GLY E 112 3.10 -42.35 -42.04
C GLY E 112 3.51 -41.90 -43.43
N ASP E 113 4.59 -42.46 -43.95
CA ASP E 113 5.02 -42.06 -45.28
C ASP E 113 3.98 -42.39 -46.32
N VAL E 114 3.27 -43.50 -46.13
CA VAL E 114 2.18 -43.86 -47.02
C VAL E 114 0.83 -43.43 -46.47
N TYR E 115 0.57 -43.62 -45.17
CA TYR E 115 -0.78 -43.42 -44.65
C TYR E 115 -1.04 -42.02 -44.07
N ASP E 116 0.02 -41.23 -43.82
CA ASP E 116 -0.12 -39.92 -43.19
C ASP E 116 -0.09 -38.78 -44.21
N TRP E 117 1.07 -38.50 -44.84
CA TRP E 117 1.18 -37.53 -45.92
C TRP E 117 1.34 -38.18 -47.30
N GLY E 118 1.47 -39.51 -47.35
CA GLY E 118 1.46 -40.25 -48.59
C GLY E 118 0.09 -40.19 -49.30
N GLY E 119 0.05 -40.74 -50.49
CA GLY E 119 -1.14 -40.56 -51.29
C GLY E 119 -0.89 -39.64 -52.47
N ALA E 120 -1.67 -39.83 -53.53
CA ALA E 120 -1.49 -39.12 -54.79
C ALA E 120 -2.62 -38.15 -55.09
N ILE E 121 -3.63 -38.08 -54.25
CA ILE E 121 -4.79 -37.28 -54.57
C ILE E 121 -4.40 -35.80 -54.57
N GLY E 122 -5.08 -35.02 -55.42
CA GLY E 122 -4.87 -33.59 -55.48
C GLY E 122 -5.63 -32.88 -54.38
N GLY E 123 -5.44 -31.56 -54.35
CA GLY E 123 -6.05 -30.80 -53.26
C GLY E 123 -5.48 -31.24 -51.92
N ALA E 124 -6.30 -31.15 -50.88
CA ALA E 124 -5.90 -31.48 -49.51
C ALA E 124 -6.79 -32.56 -48.91
N LYS E 125 -6.35 -33.82 -48.93
CA LYS E 125 -7.14 -34.89 -48.33
C LYS E 125 -7.60 -34.55 -46.91
N TYR E 126 -6.81 -33.79 -46.16
CA TYR E 126 -7.13 -33.33 -44.80
C TYR E 126 -5.95 -32.50 -44.29
N GLN E 127 -6.24 -31.64 -43.32
CA GLN E 127 -5.22 -30.98 -42.51
C GLN E 127 -4.78 -31.90 -41.39
N ASP E 128 -3.52 -31.74 -40.95
CA ASP E 128 -3.02 -32.56 -39.85
C ASP E 128 -3.05 -31.76 -38.54
N ARG E 129 -2.00 -31.00 -38.25
CA ARG E 129 -2.08 -29.97 -37.22
C ARG E 129 -2.33 -28.67 -37.94
N GLN E 130 -3.39 -27.99 -37.56
CA GLN E 130 -3.91 -26.85 -38.29
C GLN E 130 -4.21 -25.73 -37.31
N SER E 131 -3.74 -24.52 -37.64
CA SER E 131 -4.04 -23.34 -36.84
C SER E 131 -5.44 -22.85 -37.14
N ASN E 132 -5.90 -21.87 -36.38
CA ASN E 132 -7.19 -21.24 -36.70
C ASN E 132 -8.29 -22.29 -36.68
N THR E 133 -8.30 -23.07 -35.62
CA THR E 133 -9.21 -24.17 -35.49
C THR E 133 -9.96 -24.02 -34.19
N ILE E 134 -11.27 -24.22 -34.25
CA ILE E 134 -12.04 -24.47 -33.06
C ILE E 134 -12.47 -25.93 -33.11
N ARG E 135 -12.13 -26.67 -32.03
CA ARG E 135 -12.36 -28.09 -31.91
C ARG E 135 -13.14 -28.34 -30.62
N TRP E 136 -14.19 -29.13 -30.73
CA TRP E 136 -14.97 -29.54 -29.57
C TRP E 136 -14.70 -31.03 -29.31
N ASP E 137 -14.23 -31.35 -28.12
CA ASP E 137 -14.11 -32.74 -27.70
C ASP E 137 -15.24 -33.03 -26.72
N SER E 138 -16.05 -34.03 -27.03
CA SER E 138 -17.17 -34.39 -26.15
C SER E 138 -16.68 -35.11 -24.90
N PRO E 139 -17.53 -35.24 -23.89
CA PRO E 139 -17.20 -36.13 -22.79
C PRO E 139 -17.21 -37.57 -23.27
N MET E 140 -16.94 -38.50 -22.36
CA MET E 140 -16.93 -39.93 -22.67
C MET E 140 -18.30 -40.48 -22.26
N TYR E 141 -19.31 -40.25 -23.11
CA TYR E 141 -20.69 -40.54 -22.76
C TYR E 141 -20.87 -42.01 -22.38
N ALA E 142 -21.43 -42.25 -21.19
CA ALA E 142 -21.63 -43.60 -20.65
C ALA E 142 -20.35 -44.39 -20.60
N ASP E 143 -19.21 -43.71 -20.69
CA ASP E 143 -17.89 -44.34 -20.74
C ASP E 143 -17.70 -45.19 -21.99
N LYS E 144 -18.33 -44.83 -23.10
CA LYS E 144 -18.22 -45.65 -24.29
C LYS E 144 -18.14 -44.81 -25.57
N PHE E 145 -18.89 -43.71 -25.62
CA PHE E 145 -19.10 -42.95 -26.84
C PHE E 145 -18.48 -41.57 -26.73
N SER E 146 -17.75 -41.13 -27.76
CA SER E 146 -17.22 -39.77 -27.78
C SER E 146 -17.14 -39.23 -29.21
N ILE E 147 -17.25 -37.89 -29.31
CA ILE E 147 -17.24 -37.18 -30.57
C ILE E 147 -16.13 -36.14 -30.56
N ASP E 148 -15.44 -36.00 -31.70
CA ASP E 148 -14.53 -34.89 -31.97
C ASP E 148 -15.15 -34.09 -33.12
N ALA E 149 -15.25 -32.77 -32.95
CA ALA E 149 -15.75 -31.91 -34.01
C ALA E 149 -14.89 -30.66 -34.07
N ALA E 150 -14.62 -30.22 -35.30
CA ALA E 150 -13.80 -29.04 -35.51
C ALA E 150 -14.12 -28.43 -36.86
N VAL E 151 -14.02 -27.12 -36.92
CA VAL E 151 -13.92 -26.38 -38.17
C VAL E 151 -12.75 -25.44 -38.01
N GLY E 152 -12.18 -25.05 -39.14
CA GLY E 152 -11.08 -24.11 -39.05
C GLY E 152 -10.84 -23.44 -40.38
N ALA E 153 -9.96 -22.43 -40.34
CA ALA E 153 -9.40 -21.82 -41.53
C ALA E 153 -8.35 -22.76 -42.13
N GLY E 154 -8.03 -22.51 -43.40
CA GLY E 154 -7.10 -23.33 -44.13
C GLY E 154 -5.71 -22.74 -44.11
N ASP E 155 -4.85 -23.30 -44.97
CA ASP E 155 -3.45 -22.87 -44.96
C ASP E 155 -3.31 -21.46 -45.52
N LYS E 156 -3.92 -21.16 -46.65
CA LYS E 156 -3.77 -19.83 -47.22
C LYS E 156 -4.61 -18.80 -46.49
N ALA E 157 -5.82 -19.16 -46.06
CA ALA E 157 -6.59 -18.24 -45.22
C ALA E 157 -5.74 -17.74 -44.07
N GLY E 158 -4.99 -18.65 -43.43
CA GLY E 158 -4.10 -18.37 -42.32
C GLY E 158 -3.04 -17.32 -42.61
N LEU E 159 -2.69 -17.11 -43.88
CA LEU E 159 -1.73 -16.09 -44.29
C LEU E 159 -2.38 -14.89 -44.95
N GLY E 160 -3.71 -14.82 -45.02
CA GLY E 160 -4.38 -13.73 -45.71
C GLY E 160 -4.25 -13.81 -47.21
N ALA E 161 -4.08 -15.01 -47.75
CA ALA E 161 -3.82 -15.26 -49.17
C ALA E 161 -4.81 -16.25 -49.76
N GLY E 162 -6.02 -16.37 -49.20
CA GLY E 162 -6.90 -17.45 -49.63
C GLY E 162 -8.14 -17.52 -48.78
N ASP E 163 -9.08 -18.36 -49.23
CA ASP E 163 -10.35 -18.59 -48.55
C ASP E 163 -10.52 -20.07 -48.27
N ASP E 164 -9.40 -20.74 -48.07
CA ASP E 164 -9.37 -22.06 -47.45
C ASP E 164 -10.24 -22.14 -46.21
N TYR E 165 -10.96 -23.26 -46.10
CA TYR E 165 -11.61 -23.67 -44.86
C TYR E 165 -11.93 -25.16 -44.95
N TRP E 166 -12.15 -25.75 -43.78
CA TRP E 166 -12.35 -27.18 -43.66
C TRP E 166 -13.19 -27.41 -42.41
N GLY E 167 -13.81 -28.59 -42.36
CA GLY E 167 -14.49 -29.04 -41.16
C GLY E 167 -14.42 -30.56 -41.11
N GLY E 168 -14.59 -31.08 -39.90
CA GLY E 168 -14.40 -32.51 -39.70
C GLY E 168 -15.01 -32.95 -38.40
N ILE E 169 -15.17 -34.27 -38.29
CA ILE E 169 -15.80 -34.88 -37.13
C ILE E 169 -15.34 -36.32 -37.07
N ALA E 170 -15.20 -36.84 -35.86
CA ALA E 170 -14.77 -38.20 -35.62
C ALA E 170 -15.60 -38.77 -34.48
N ALA E 171 -16.03 -40.02 -34.62
CA ALA E 171 -16.75 -40.71 -33.58
C ALA E 171 -15.96 -41.95 -33.17
N HIS E 172 -15.95 -42.22 -31.87
CA HIS E 172 -15.40 -43.46 -31.31
C HIS E 172 -16.44 -44.10 -30.40
N TYR E 173 -16.63 -45.41 -30.55
CA TYR E 173 -17.49 -46.17 -29.64
C TYR E 173 -16.71 -47.36 -29.13
N LYS E 174 -16.57 -47.44 -27.80
CA LYS E 174 -15.94 -48.58 -27.14
C LYS E 174 -17.01 -49.64 -26.92
N LEU E 175 -16.74 -50.86 -27.41
CA LEU E 175 -17.68 -51.98 -27.40
C LEU E 175 -16.87 -53.19 -26.91
N GLY E 176 -16.85 -53.39 -25.60
CA GLY E 176 -16.06 -54.47 -25.04
C GLY E 176 -14.57 -54.25 -25.23
N PRO E 177 -13.91 -55.20 -25.88
CA PRO E 177 -12.47 -55.04 -26.18
C PRO E 177 -12.20 -54.37 -27.53
N LEU E 178 -13.24 -53.86 -28.19
CA LEU E 178 -13.07 -53.14 -29.44
C LEU E 178 -13.16 -51.65 -29.20
N GLN E 179 -12.77 -50.90 -30.22
CA GLN E 179 -13.18 -49.52 -30.37
C GLN E 179 -13.53 -49.32 -31.82
N LEU E 180 -14.68 -48.71 -32.07
CA LEU E 180 -15.12 -48.38 -33.43
C LEU E 180 -14.87 -46.91 -33.67
N ASP E 181 -14.09 -46.61 -34.72
CA ASP E 181 -13.77 -45.24 -35.09
C ASP E 181 -14.40 -44.90 -36.43
N ALA E 182 -14.94 -43.70 -36.53
CA ALA E 182 -15.39 -43.18 -37.82
C ALA E 182 -15.05 -41.71 -37.88
N ALA E 183 -14.69 -41.24 -39.08
CA ALA E 183 -14.23 -39.87 -39.19
C ALA E 183 -14.44 -39.37 -40.60
N TYR E 184 -14.59 -38.05 -40.70
CA TYR E 184 -14.79 -37.37 -41.95
C TYR E 184 -14.07 -36.04 -41.90
N GLU E 185 -13.57 -35.59 -43.05
CA GLU E 185 -13.10 -34.21 -43.12
C GLU E 185 -13.38 -33.70 -44.51
N GLY E 186 -13.83 -32.44 -44.57
CA GLY E 186 -14.04 -31.75 -45.82
C GLY E 186 -13.26 -30.46 -45.94
N ASN E 187 -12.33 -30.41 -46.89
CA ASN E 187 -11.63 -29.19 -47.25
C ASN E 187 -12.28 -28.52 -48.47
N ARG E 188 -12.24 -27.19 -48.48
CA ARG E 188 -12.97 -26.39 -49.46
C ARG E 188 -12.09 -25.22 -49.86
N ASN E 189 -12.13 -24.85 -51.15
CA ASN E 189 -11.41 -23.68 -51.68
C ASN E 189 -9.88 -23.84 -51.62
N ILE E 190 -9.40 -25.06 -51.84
CA ILE E 190 -7.96 -25.37 -51.74
C ILE E 190 -7.33 -25.08 -53.09
N GLU E 191 -6.44 -24.10 -53.14
CA GLU E 191 -5.74 -23.71 -54.37
C GLU E 191 -4.50 -24.58 -54.54
N ALA E 192 -4.47 -25.34 -55.64
CA ALA E 192 -3.36 -26.22 -56.00
C ALA E 192 -3.46 -26.56 -57.49
N GLU E 193 -2.30 -26.74 -58.11
CA GLU E 193 -2.20 -27.17 -59.51
C GLU E 193 -3.06 -26.29 -60.44
N GLY E 194 -3.08 -24.99 -60.15
CA GLY E 194 -3.84 -24.01 -60.91
C GLY E 194 -5.34 -24.20 -60.89
N GLN E 195 -5.87 -24.96 -59.94
CA GLN E 195 -7.30 -25.20 -59.83
C GLN E 195 -7.75 -24.86 -58.43
N THR E 196 -9.06 -24.93 -58.22
CA THR E 196 -9.63 -24.81 -56.88
C THR E 196 -10.30 -26.13 -56.54
N TRP E 197 -9.96 -26.69 -55.38
CA TRP E 197 -10.32 -28.05 -55.05
C TRP E 197 -11.29 -28.11 -53.88
N GLU E 198 -12.05 -29.20 -53.84
CA GLU E 198 -12.84 -29.60 -52.68
C GLU E 198 -12.51 -31.06 -52.43
N ASN E 199 -12.04 -31.35 -51.22
CA ASN E 199 -11.71 -32.71 -50.82
C ASN E 199 -12.76 -33.23 -49.86
N ASN E 200 -12.99 -34.53 -49.90
CA ASN E 200 -13.85 -35.17 -48.92
C ASN E 200 -13.20 -36.51 -48.58
N THR E 201 -12.92 -36.71 -47.30
CA THR E 201 -12.22 -37.91 -46.86
C THR E 201 -13.05 -38.58 -45.78
N TYR E 202 -12.98 -39.91 -45.76
CA TYR E 202 -13.82 -40.73 -44.93
C TYR E 202 -12.93 -41.81 -44.31
N LEU E 203 -13.13 -42.06 -43.04
CA LEU E 203 -12.31 -43.06 -42.38
C LEU E 203 -13.19 -43.91 -41.47
N VAL E 204 -12.97 -45.21 -41.53
CA VAL E 204 -13.59 -46.16 -40.63
C VAL E 204 -12.50 -47.09 -40.15
N GLY E 205 -12.58 -47.50 -38.90
CA GLY E 205 -11.56 -48.39 -38.41
C GLY E 205 -11.93 -48.94 -37.06
N VAL E 206 -11.18 -49.94 -36.63
CA VAL E 206 -11.47 -50.62 -35.38
C VAL E 206 -10.16 -50.90 -34.68
N GLN E 207 -10.20 -50.91 -33.35
CA GLN E 207 -9.03 -51.19 -32.53
C GLN E 207 -9.40 -52.23 -31.49
N GLY E 208 -8.60 -53.27 -31.37
CA GLY E 208 -8.83 -54.32 -30.40
C GLY E 208 -7.72 -54.37 -29.37
N TRP E 209 -8.11 -54.55 -28.10
CA TRP E 209 -7.18 -54.93 -27.04
C TRP E 209 -7.72 -56.18 -26.39
N PHE E 210 -6.95 -57.26 -26.45
CA PHE E 210 -7.36 -58.53 -25.90
C PHE E 210 -6.47 -58.88 -24.70
N GLU E 211 -6.99 -59.78 -23.87
CA GLU E 211 -6.34 -60.15 -22.62
C GLU E 211 -5.24 -61.19 -22.80
N ASN E 212 -5.04 -61.70 -24.02
CA ASN E 212 -3.92 -62.58 -24.32
C ASN E 212 -2.63 -61.83 -24.64
N GLY E 213 -2.61 -60.52 -24.42
CA GLY E 213 -1.53 -59.67 -24.89
C GLY E 213 -1.59 -59.30 -26.37
N ILE E 214 -2.66 -59.62 -27.06
CA ILE E 214 -2.80 -59.25 -28.46
C ILE E 214 -3.60 -57.96 -28.55
N SER E 215 -3.16 -57.07 -29.45
CA SER E 215 -3.86 -55.85 -29.77
C SER E 215 -3.75 -55.65 -31.26
N PHE E 216 -4.69 -54.92 -31.82
CA PHE E 216 -4.64 -54.72 -33.26
C PHE E 216 -5.42 -53.46 -33.54
N PHE E 217 -5.22 -52.96 -34.75
CA PHE E 217 -6.00 -51.88 -35.29
C PHE E 217 -6.06 -52.12 -36.79
N ALA E 218 -7.16 -51.69 -37.38
CA ALA E 218 -7.29 -51.69 -38.82
C ALA E 218 -8.16 -50.50 -39.16
N GLN E 219 -7.80 -49.79 -40.22
CA GLN E 219 -8.74 -48.81 -40.70
C GLN E 219 -8.59 -48.67 -42.19
N TYR E 220 -9.63 -48.10 -42.80
CA TYR E 220 -9.79 -47.93 -44.24
C TYR E 220 -10.14 -46.46 -44.47
N LYS E 221 -9.57 -45.88 -45.51
CA LYS E 221 -9.68 -44.45 -45.75
C LYS E 221 -10.06 -44.22 -47.21
N TYR E 222 -11.06 -43.38 -47.44
CA TYR E 222 -11.53 -43.12 -48.79
C TYR E 222 -11.40 -41.62 -49.05
N MET E 223 -10.70 -41.28 -50.13
CA MET E 223 -10.40 -39.89 -50.44
C MET E 223 -10.99 -39.53 -51.79
N GLU E 224 -11.84 -38.52 -51.81
CA GLU E 224 -12.35 -37.99 -53.05
C GLU E 224 -11.89 -36.55 -53.18
N ALA E 225 -11.63 -36.15 -54.42
CA ALA E 225 -11.26 -34.79 -54.74
C ALA E 225 -12.01 -34.36 -55.99
N ASP E 226 -12.35 -33.06 -56.05
CA ASP E 226 -13.02 -32.43 -57.18
C ASP E 226 -12.36 -31.10 -57.43
N ALA E 227 -11.85 -30.90 -58.63
CA ALA E 227 -11.23 -29.65 -59.01
C ALA E 227 -12.21 -28.77 -59.80
N SER E 228 -11.89 -27.47 -59.85
CA SER E 228 -12.77 -26.47 -60.48
C SER E 228 -12.91 -26.65 -61.99
N ASN E 229 -11.96 -27.33 -62.63
CA ASN E 229 -12.05 -27.61 -64.06
C ASN E 229 -12.85 -28.86 -64.37
N GLY E 230 -13.42 -29.51 -63.37
CA GLY E 230 -14.26 -30.67 -63.59
C GLY E 230 -13.57 -31.99 -63.31
N VAL E 231 -12.28 -31.96 -62.98
CA VAL E 231 -11.55 -33.19 -62.72
C VAL E 231 -12.00 -33.76 -61.38
N ASN E 232 -12.13 -35.07 -61.32
CA ASN E 232 -12.55 -35.75 -60.13
C ASN E 232 -11.55 -36.87 -59.89
N GLU E 233 -11.05 -36.97 -58.67
CA GLU E 233 -10.04 -37.98 -58.37
C GLU E 233 -10.50 -38.73 -57.15
N LYS E 234 -10.21 -40.03 -57.13
CA LYS E 234 -10.53 -40.85 -55.99
C LYS E 234 -9.36 -41.74 -55.70
N GLN E 235 -9.16 -42.02 -54.41
CA GLN E 235 -8.15 -42.95 -53.96
C GLN E 235 -8.60 -43.49 -52.61
N ASP E 236 -8.29 -44.75 -52.34
CA ASP E 236 -8.54 -45.32 -51.03
C ASP E 236 -7.24 -45.92 -50.48
N ALA E 237 -7.28 -46.29 -49.21
CA ALA E 237 -6.07 -46.62 -48.49
C ALA E 237 -6.44 -47.38 -47.23
N MET E 238 -5.54 -48.27 -46.81
CA MET E 238 -5.74 -49.03 -45.59
C MET E 238 -4.49 -48.97 -44.71
N SER E 239 -4.68 -49.17 -43.41
CA SER E 239 -3.57 -49.41 -42.50
C SER E 239 -4.00 -50.39 -41.42
N ALA E 240 -3.10 -51.29 -41.05
CA ALA E 240 -3.41 -52.32 -40.08
C ALA E 240 -2.18 -52.60 -39.24
N GLY E 241 -2.42 -53.08 -38.02
CA GLY E 241 -1.34 -53.25 -37.09
C GLY E 241 -1.66 -54.36 -36.12
N LEU E 242 -0.63 -55.12 -35.78
CA LEU E 242 -0.78 -56.32 -34.99
C LEU E 242 0.32 -56.31 -33.94
N MET E 243 -0.06 -56.48 -32.68
CA MET E 243 0.87 -56.28 -31.59
C MET E 243 0.72 -57.36 -30.54
N TYR E 244 1.87 -57.88 -30.09
CA TYR E 244 1.91 -58.80 -28.97
C TYR E 244 2.70 -58.14 -27.87
N THR E 245 2.05 -57.90 -26.74
CA THR E 245 2.69 -57.29 -25.58
C THR E 245 2.81 -58.33 -24.48
N THR E 246 4.04 -58.60 -24.06
CA THR E 246 4.32 -59.56 -23.00
C THR E 246 5.36 -58.95 -22.08
N GLY E 247 5.01 -58.75 -20.82
CA GLY E 247 5.99 -58.23 -19.89
C GLY E 247 6.40 -56.83 -20.27
N ASP E 248 7.71 -56.60 -20.38
CA ASP E 248 8.23 -55.27 -20.69
C ASP E 248 8.49 -55.08 -22.18
N TRP E 249 7.90 -55.94 -23.03
CA TRP E 249 8.17 -55.96 -24.46
C TRP E 249 6.87 -55.85 -25.25
N GLN E 250 6.96 -55.21 -26.43
CA GLN E 250 5.88 -55.20 -27.40
C GLN E 250 6.47 -55.44 -28.78
N TYR E 251 5.84 -56.34 -29.53
CA TYR E 251 6.22 -56.60 -30.91
C TYR E 251 5.13 -56.00 -31.77
N LYS E 252 5.49 -55.45 -32.92
CA LYS E 252 4.51 -54.78 -33.73
C LYS E 252 4.78 -55.00 -35.20
N LEU E 253 3.75 -55.39 -35.93
CA LEU E 253 3.80 -55.43 -37.38
C LEU E 253 2.76 -54.45 -37.93
N GLY E 254 3.16 -53.71 -38.94
CA GLY E 254 2.30 -52.73 -39.52
C GLY E 254 2.35 -52.86 -41.01
N TYR E 255 1.22 -52.59 -41.62
CA TYR E 255 1.14 -52.55 -43.06
C TYR E 255 0.20 -51.40 -43.39
N ALA E 256 0.51 -50.67 -44.46
CA ALA E 256 -0.46 -49.69 -44.91
C ALA E 256 -0.23 -49.51 -46.40
N ALA E 257 -1.27 -49.06 -47.09
CA ALA E 257 -1.19 -48.95 -48.54
C ALA E 257 -2.21 -47.93 -49.03
N ASN E 258 -1.78 -47.14 -50.00
CA ASN E 258 -2.66 -46.36 -50.85
C ASN E 258 -2.77 -47.10 -52.17
N PHE E 259 -4.01 -47.31 -52.63
CA PHE E 259 -4.28 -48.03 -53.86
C PHE E 259 -4.33 -47.06 -55.04
N ASP E 260 -4.26 -47.62 -56.25
CA ASP E 260 -4.13 -46.80 -57.45
C ASP E 260 -5.16 -45.67 -57.43
N LEU E 261 -4.68 -44.46 -57.74
CA LEU E 261 -5.55 -43.31 -57.87
C LEU E 261 -6.45 -43.46 -59.09
N GLU E 262 -7.71 -43.11 -58.93
CA GLU E 262 -8.64 -43.02 -60.04
C GLU E 262 -8.85 -41.56 -60.38
N ARG E 263 -8.55 -41.18 -61.62
CA ARG E 263 -8.86 -39.85 -62.13
C ARG E 263 -9.87 -39.96 -63.25
N ASP E 264 -11.04 -39.32 -63.06
CA ASP E 264 -12.09 -39.18 -64.06
C ASP E 264 -12.58 -40.54 -64.59
N GLY E 265 -12.76 -41.50 -63.69
CA GLY E 265 -13.12 -42.84 -64.06
C GLY E 265 -11.93 -43.76 -64.34
N LYS E 266 -10.81 -43.22 -64.80
CA LYS E 266 -9.69 -44.04 -65.25
C LYS E 266 -8.75 -44.32 -64.10
N THR E 267 -8.42 -45.58 -63.89
CA THR E 267 -7.36 -45.91 -62.93
C THR E 267 -6.01 -45.52 -63.50
N LEU E 268 -5.28 -44.65 -62.79
CA LEU E 268 -3.91 -44.29 -63.15
C LEU E 268 -2.98 -45.34 -62.57
N SER E 269 -2.54 -46.27 -63.40
CA SER E 269 -1.81 -47.44 -62.92
C SER E 269 -0.48 -47.05 -62.28
N ASN E 270 -0.07 -47.84 -61.30
CA ASN E 270 1.24 -47.74 -60.65
C ASN E 270 1.38 -46.50 -59.77
N THR E 271 0.26 -45.88 -59.38
CA THR E 271 0.26 -44.81 -58.41
C THR E 271 -0.06 -45.31 -57.00
N SER E 272 0.26 -46.56 -56.73
CA SER E 272 0.01 -47.12 -55.41
C SER E 272 1.28 -47.13 -54.58
N ASP E 273 1.13 -46.95 -53.27
CA ASP E 273 2.21 -47.03 -52.32
C ASP E 273 1.89 -48.10 -51.30
N ASP E 274 2.92 -48.68 -50.68
CA ASP E 274 2.65 -49.57 -49.57
C ASP E 274 3.91 -49.69 -48.72
N VAL E 275 3.71 -50.04 -47.46
CA VAL E 275 4.80 -50.08 -46.49
C VAL E 275 4.54 -51.20 -45.49
N VAL E 276 5.55 -52.02 -45.26
CA VAL E 276 5.51 -53.04 -44.22
C VAL E 276 6.61 -52.70 -43.23
N SER E 277 6.31 -52.88 -41.96
CA SER E 277 7.15 -52.29 -40.93
C SER E 277 7.11 -53.19 -39.70
N ALA E 278 8.28 -53.50 -39.15
CA ALA E 278 8.39 -54.29 -37.94
C ALA E 278 9.03 -53.46 -36.85
N GLN E 279 8.55 -53.62 -35.63
CA GLN E 279 9.10 -52.88 -34.50
C GLN E 279 9.09 -53.76 -33.26
N ILE E 280 10.17 -53.68 -32.49
CA ILE E 280 10.23 -54.22 -31.14
C ILE E 280 10.46 -53.08 -30.16
N MET E 281 9.74 -53.09 -29.05
CA MET E 281 9.79 -51.99 -28.09
C MET E 281 10.02 -52.54 -26.69
N TYR E 282 10.87 -51.88 -25.92
CA TYR E 282 11.20 -52.26 -24.54
C TYR E 282 10.72 -51.15 -23.62
N PHE E 283 9.90 -51.50 -22.63
CA PHE E 283 9.40 -50.48 -21.71
C PHE E 283 10.47 -50.21 -20.67
N VAL E 284 11.50 -49.46 -21.08
CA VAL E 284 12.68 -49.29 -20.24
C VAL E 284 12.39 -48.54 -18.96
N ASP E 285 11.20 -47.96 -18.83
CA ASP E 285 10.84 -47.27 -17.61
C ASP E 285 9.38 -46.87 -17.69
N PRO E 286 8.69 -46.69 -16.56
CA PRO E 286 7.28 -46.30 -16.65
C PRO E 286 7.03 -45.07 -17.51
N SER E 287 8.03 -44.20 -17.68
CA SER E 287 7.87 -42.98 -18.46
C SER E 287 8.66 -42.97 -19.76
N ALA E 288 9.26 -44.09 -20.17
CA ALA E 288 10.14 -44.08 -21.32
C ALA E 288 10.08 -45.42 -22.03
N VAL E 289 10.42 -45.41 -23.32
CA VAL E 289 10.52 -46.63 -24.13
C VAL E 289 11.75 -46.54 -25.02
N LEU E 290 12.33 -47.70 -25.33
CA LEU E 290 13.32 -47.87 -26.37
C LEU E 290 12.72 -48.72 -27.49
N TYR E 291 13.23 -48.58 -28.70
CA TYR E 291 12.62 -49.34 -29.78
C TYR E 291 13.59 -49.45 -30.93
N ALA E 292 13.65 -50.64 -31.53
CA ALA E 292 14.25 -50.82 -32.83
C ALA E 292 13.11 -50.98 -33.81
N ARG E 293 13.35 -50.64 -35.08
CA ARG E 293 12.29 -50.61 -36.08
C ARG E 293 12.87 -50.75 -37.46
N ALA E 294 12.25 -51.58 -38.28
CA ALA E 294 12.64 -51.76 -39.67
C ALA E 294 11.42 -51.55 -40.53
N ARG E 295 11.55 -50.79 -41.62
CA ARG E 295 10.40 -50.55 -42.47
C ARG E 295 10.85 -50.51 -43.93
N MET E 296 9.93 -50.89 -44.81
CA MET E 296 10.16 -50.94 -46.25
C MET E 296 9.05 -50.16 -46.95
N ASN E 297 9.41 -49.09 -47.66
CA ASN E 297 8.46 -48.25 -48.38
C ASN E 297 8.59 -48.50 -49.87
N ASP E 298 7.49 -48.82 -50.54
CA ASP E 298 7.48 -48.93 -51.99
C ASP E 298 6.44 -47.93 -52.49
N PHE E 299 6.91 -46.77 -52.98
CA PHE E 299 6.00 -45.71 -53.42
C PHE E 299 5.74 -45.84 -54.91
N ASN E 300 4.78 -45.03 -55.36
CA ASN E 300 4.47 -44.96 -56.78
C ASN E 300 5.65 -44.38 -57.54
N GLU E 301 5.64 -44.61 -58.84
CA GLU E 301 6.78 -44.25 -59.65
C GLU E 301 6.52 -43.00 -60.45
N GLY E 302 5.52 -42.23 -60.09
CA GLY E 302 5.33 -40.90 -60.65
C GLY E 302 3.88 -40.70 -61.04
N LEU E 303 3.50 -39.44 -61.16
CA LEU E 303 2.10 -39.07 -61.32
C LEU E 303 2.06 -37.60 -61.69
N ASP E 304 1.16 -37.22 -62.57
CA ASP E 304 1.12 -35.85 -63.06
C ASP E 304 -0.08 -35.10 -62.49
N GLY E 305 0.15 -33.86 -62.07
CA GLY E 305 -0.89 -33.02 -61.55
C GLY E 305 -1.77 -32.50 -62.67
N LEU E 306 -2.65 -31.57 -62.31
CA LEU E 306 -3.54 -31.01 -63.31
C LEU E 306 -2.90 -29.86 -64.10
N ASP E 307 -1.75 -29.35 -63.68
CA ASP E 307 -0.99 -28.37 -64.46
C ASP E 307 -0.01 -29.02 -65.43
N ASP E 308 -0.14 -30.33 -65.65
CA ASP E 308 0.71 -31.11 -66.55
C ASP E 308 2.17 -31.16 -66.09
N ALA E 309 2.46 -30.77 -64.85
CA ALA E 309 3.72 -31.02 -64.17
C ALA E 309 3.55 -32.13 -63.14
N ALA E 310 4.66 -32.71 -62.73
CA ALA E 310 4.58 -33.82 -61.78
C ALA E 310 3.90 -33.38 -60.50
N ARG E 311 3.03 -34.23 -59.97
CA ARG E 311 2.50 -33.99 -58.64
C ARG E 311 3.46 -34.53 -57.59
N TRP E 312 3.84 -33.69 -56.65
CA TRP E 312 4.67 -34.16 -55.55
C TRP E 312 3.91 -35.18 -54.72
N THR E 313 4.52 -36.31 -54.45
CA THR E 313 4.01 -37.19 -53.42
C THR E 313 5.14 -37.58 -52.49
N SER E 314 4.79 -38.39 -51.48
CA SER E 314 5.75 -38.87 -50.51
C SER E 314 6.69 -39.89 -51.11
N GLY E 315 6.56 -40.11 -52.43
CA GLY E 315 7.35 -41.07 -53.17
C GLY E 315 8.24 -40.39 -54.18
N THR E 316 8.00 -39.09 -54.39
CA THR E 316 8.83 -38.31 -55.30
C THR E 316 10.31 -38.51 -55.03
N ASN E 317 10.71 -38.65 -53.76
CA ASN E 317 12.12 -38.84 -53.48
C ASN E 317 12.58 -40.26 -53.70
N GLY E 318 11.68 -41.22 -53.88
CA GLY E 318 12.07 -42.58 -54.21
C GLY E 318 11.79 -43.56 -53.08
N ASP E 319 11.64 -44.83 -53.46
CA ASP E 319 11.49 -45.90 -52.48
C ASP E 319 12.67 -45.91 -51.52
N TYR E 320 12.45 -46.39 -50.29
CA TYR E 320 13.56 -46.49 -49.35
C TYR E 320 13.21 -47.44 -48.23
N ASN E 321 14.24 -48.11 -47.71
CA ASN E 321 14.15 -48.91 -46.50
C ASN E 321 14.73 -48.11 -45.36
N GLU E 322 14.26 -48.36 -44.14
CA GLU E 322 14.84 -47.65 -43.00
C GLU E 322 14.99 -48.55 -41.80
N TYR E 323 16.20 -48.56 -41.24
CA TYR E 323 16.47 -49.25 -39.98
C TYR E 323 16.73 -48.20 -38.93
N SER E 324 16.15 -48.36 -37.75
CA SER E 324 16.32 -47.34 -36.74
C SER E 324 16.13 -47.90 -35.34
N VAL E 325 16.79 -47.27 -34.38
CA VAL E 325 16.56 -47.44 -32.96
C VAL E 325 16.24 -46.07 -32.40
N GLY E 326 15.59 -46.03 -31.25
CA GLY E 326 15.06 -44.76 -30.79
C GLY E 326 14.77 -44.77 -29.30
N VAL E 327 14.59 -43.56 -28.78
CA VAL E 327 14.19 -43.35 -27.40
C VAL E 327 13.02 -42.38 -27.40
N GLU E 328 12.11 -42.55 -26.43
CA GLU E 328 11.10 -41.53 -26.15
C GLU E 328 10.83 -41.49 -24.66
N TYR E 329 10.99 -40.31 -24.07
CA TYR E 329 10.91 -40.12 -22.64
C TYR E 329 9.95 -38.97 -22.37
N TYR E 330 9.04 -39.16 -21.42
CA TYR E 330 7.97 -38.20 -21.13
C TYR E 330 8.17 -37.66 -19.74
N PHE E 331 8.30 -36.35 -19.63
CA PHE E 331 8.40 -35.73 -18.31
C PHE E 331 7.38 -34.60 -18.16
N GLU F 1 12.38 -16.52 -13.24
CA GLU F 1 10.92 -16.51 -13.33
C GLU F 1 10.44 -16.81 -14.74
N VAL F 2 9.49 -17.73 -14.85
CA VAL F 2 8.78 -17.97 -16.10
C VAL F 2 7.41 -17.32 -15.99
N TYR F 3 7.04 -16.57 -17.03
CA TYR F 3 5.79 -15.83 -17.06
C TYR F 3 5.24 -15.89 -18.47
N GLY F 4 3.96 -15.54 -18.59
CA GLY F 4 3.30 -15.60 -19.88
C GLY F 4 2.12 -14.66 -19.94
N ILE F 5 1.74 -14.30 -21.16
CA ILE F 5 0.43 -13.75 -21.45
C ILE F 5 -0.21 -14.66 -22.48
N ILE F 6 -1.26 -15.36 -22.06
CA ILE F 6 -2.08 -16.19 -22.96
C ILE F 6 -3.12 -15.25 -23.55
N ALA F 7 -3.05 -15.03 -24.86
CA ALA F 7 -3.89 -14.06 -25.56
C ALA F 7 -4.48 -14.73 -26.78
N MET F 8 -5.77 -15.01 -26.78
CA MET F 8 -6.44 -15.58 -27.94
C MET F 8 -7.53 -14.64 -28.37
N GLN F 9 -7.56 -14.33 -29.67
CA GLN F 9 -8.52 -13.39 -30.20
C GLN F 9 -9.11 -14.02 -31.45
N ALA F 10 -10.40 -14.28 -31.43
CA ALA F 10 -11.09 -14.75 -32.62
C ALA F 10 -11.62 -13.52 -33.33
N ALA F 11 -11.13 -13.26 -34.54
CA ALA F 11 -11.49 -12.06 -35.28
C ALA F 11 -12.02 -12.41 -36.65
N TYR F 12 -13.07 -11.70 -37.05
CA TYR F 12 -13.66 -11.79 -38.37
C TYR F 12 -13.47 -10.45 -39.08
N ARG F 13 -12.93 -10.48 -40.29
CA ARG F 13 -12.60 -9.28 -41.02
C ARG F 13 -13.39 -9.25 -42.31
N ASP F 14 -14.00 -8.10 -42.57
CA ASP F 14 -14.76 -7.82 -43.77
C ASP F 14 -14.02 -6.70 -44.49
N TYR F 15 -13.29 -7.08 -45.53
CA TYR F 15 -12.51 -6.13 -46.30
C TYR F 15 -13.35 -5.56 -47.44
N ASP F 16 -13.00 -4.34 -47.84
CA ASP F 16 -13.57 -3.69 -49.02
C ASP F 16 -12.43 -2.98 -49.74
N SER F 17 -11.76 -3.70 -50.64
CA SER F 17 -10.56 -3.14 -51.25
C SER F 17 -10.79 -2.58 -52.64
N GLY F 18 -11.90 -2.94 -53.26
CA GLY F 18 -12.07 -2.79 -54.68
C GLY F 18 -11.86 -4.07 -55.45
N ASP F 19 -11.06 -5.00 -54.91
CA ASP F 19 -10.78 -6.29 -55.54
C ASP F 19 -11.52 -7.37 -54.75
N ALA F 20 -12.35 -8.15 -55.42
CA ALA F 20 -13.14 -9.14 -54.71
C ALA F 20 -12.26 -10.26 -54.16
N LYS F 21 -11.23 -10.67 -54.93
CA LYS F 21 -10.41 -11.79 -54.48
C LYS F 21 -9.50 -11.37 -53.33
N GLN F 22 -8.86 -10.21 -53.45
CA GLN F 22 -8.16 -9.64 -52.31
C GLN F 22 -9.06 -9.63 -51.06
N ASP F 23 -10.30 -9.19 -51.22
CA ASP F 23 -11.27 -9.27 -50.12
C ASP F 23 -11.29 -10.66 -49.50
N ASP F 24 -11.52 -11.69 -50.31
CA ASP F 24 -11.71 -13.05 -49.77
C ASP F 24 -10.43 -13.62 -49.17
N ASN F 25 -9.27 -13.26 -49.73
CA ASN F 25 -8.03 -13.72 -49.12
C ASN F 25 -7.80 -13.06 -47.78
N LEU F 26 -7.81 -11.72 -47.76
CA LEU F 26 -7.50 -11.00 -46.53
C LEU F 26 -8.60 -11.14 -45.49
N GLY F 27 -9.83 -11.31 -45.91
CA GLY F 27 -10.93 -11.34 -44.98
C GLY F 27 -11.31 -12.75 -44.60
N GLY F 28 -12.21 -12.83 -43.66
CA GLY F 28 -12.60 -14.10 -43.06
C GLY F 28 -12.32 -14.10 -41.57
N MET F 29 -12.61 -15.23 -40.96
CA MET F 29 -12.29 -15.43 -39.56
C MET F 29 -10.86 -15.95 -39.45
N GLN F 30 -10.17 -15.51 -38.40
CA GLN F 30 -8.87 -16.04 -38.01
C GLN F 30 -8.77 -16.04 -36.50
N LEU F 31 -7.86 -16.85 -35.98
CA LEU F 31 -7.58 -16.88 -34.55
C LEU F 31 -6.24 -16.21 -34.36
N ASN F 32 -6.22 -15.13 -33.63
CA ASN F 32 -5.00 -14.34 -33.44
C ASN F 32 -4.47 -14.75 -32.08
N ASN F 33 -3.47 -15.63 -32.09
CA ASN F 33 -2.94 -16.21 -30.86
C ASN F 33 -1.69 -15.42 -30.49
N GLU F 34 -1.88 -14.41 -29.65
CA GLU F 34 -0.78 -13.56 -29.26
C GLU F 34 -0.16 -14.04 -27.96
N SER F 35 -0.47 -15.26 -27.55
CA SER F 35 0.18 -15.84 -26.39
C SER F 35 1.70 -15.85 -26.54
N ARG F 36 2.40 -15.59 -25.44
CA ARG F 36 3.86 -15.55 -25.43
C ARG F 36 4.36 -16.05 -24.08
N ILE F 37 5.53 -16.69 -24.08
CA ILE F 37 6.22 -17.10 -22.87
C ILE F 37 7.45 -16.22 -22.68
N GLY F 38 7.77 -15.93 -21.42
CA GLY F 38 8.92 -15.09 -21.12
C GLY F 38 9.70 -15.65 -19.95
N PHE F 39 10.93 -15.17 -19.83
CA PHE F 39 11.82 -15.50 -18.73
C PHE F 39 12.43 -14.19 -18.26
N ARG F 40 12.27 -13.87 -16.99
CA ARG F 40 12.94 -12.68 -16.47
C ARG F 40 13.52 -13.02 -15.11
N GLY F 41 14.28 -12.06 -14.59
CA GLY F 41 14.88 -12.23 -13.31
C GLY F 41 15.71 -11.03 -12.94
N LYS F 42 15.99 -10.95 -11.65
CA LYS F 42 16.94 -10.02 -11.07
C LYS F 42 18.06 -10.79 -10.41
N LYS F 43 19.19 -10.12 -10.22
CA LYS F 43 20.29 -10.70 -9.45
C LYS F 43 21.04 -9.56 -8.82
N GLN F 44 21.27 -9.67 -7.52
CA GLN F 44 22.10 -8.71 -6.80
C GLN F 44 23.53 -9.24 -6.83
N PHE F 45 24.39 -8.56 -7.58
CA PHE F 45 25.78 -8.99 -7.66
C PHE F 45 26.49 -8.67 -6.36
N ALA F 46 27.38 -9.57 -5.94
CA ALA F 46 28.14 -9.37 -4.73
C ALA F 46 29.03 -8.13 -4.80
N ASN F 47 29.48 -7.73 -6.00
CA ASN F 47 30.45 -6.65 -6.09
C ASN F 47 29.95 -5.46 -6.92
N PHE F 48 28.65 -5.20 -6.91
CA PHE F 48 28.07 -4.11 -7.67
C PHE F 48 26.75 -3.74 -7.02
N GLU F 49 26.60 -2.47 -6.67
CA GLU F 49 25.40 -2.08 -5.94
C GLU F 49 24.14 -2.15 -6.80
N PRO F 50 24.08 -1.57 -8.00
CA PRO F 50 22.82 -1.60 -8.75
C PRO F 50 22.41 -3.02 -9.11
N THR F 51 21.15 -3.35 -8.83
CA THR F 51 20.64 -4.69 -9.11
C THR F 51 20.70 -5.01 -10.59
N PHE F 52 21.12 -6.24 -10.91
CA PHE F 52 21.13 -6.69 -12.29
C PHE F 52 19.75 -7.18 -12.69
N ILE F 53 19.32 -6.80 -13.88
CA ILE F 53 18.03 -7.29 -14.37
C ILE F 53 18.21 -7.81 -15.78
N TRP F 54 17.29 -8.69 -16.18
CA TRP F 54 17.35 -9.33 -17.48
C TRP F 54 15.97 -9.91 -17.79
N GLN F 55 15.69 -9.99 -19.08
CA GLN F 55 14.43 -10.54 -19.52
C GLN F 55 14.61 -11.01 -20.96
N ILE F 56 14.03 -12.17 -21.25
CA ILE F 56 13.95 -12.75 -22.59
C ILE F 56 12.49 -13.09 -22.81
N GLU F 57 11.86 -12.48 -23.81
CA GLU F 57 10.43 -12.74 -24.02
C GLU F 57 10.17 -13.30 -25.41
N GLY F 58 9.33 -14.34 -25.47
CA GLY F 58 8.99 -14.92 -26.75
C GLY F 58 8.06 -14.05 -27.58
N GLY F 59 8.02 -14.34 -28.88
CA GLY F 59 7.04 -13.72 -29.74
C GLY F 59 5.66 -14.37 -29.66
N TYR F 60 4.71 -13.77 -30.38
CA TYR F 60 3.38 -14.34 -30.58
C TYR F 60 3.51 -15.75 -31.15
N VAL F 61 2.91 -16.73 -30.48
CA VAL F 61 3.11 -18.13 -30.88
C VAL F 61 2.38 -18.45 -32.19
N ASP F 62 1.13 -18.01 -32.34
CA ASP F 62 0.40 -18.18 -33.61
C ASP F 62 -0.46 -16.96 -33.93
N PRO F 63 0.16 -15.89 -34.41
CA PRO F 63 -0.60 -14.67 -34.67
C PRO F 63 -1.42 -14.76 -35.93
N SER F 64 -2.41 -13.87 -36.02
CA SER F 64 -3.15 -13.60 -37.24
C SER F 64 -2.19 -13.36 -38.41
N PHE F 65 -2.51 -13.92 -39.57
CA PHE F 65 -1.76 -13.62 -40.79
C PHE F 65 -0.31 -14.06 -40.73
N GLY F 66 0.03 -14.97 -39.81
CA GLY F 66 1.39 -15.42 -39.69
C GLY F 66 1.48 -16.94 -39.60
N GLY F 67 2.71 -17.41 -39.66
CA GLY F 67 2.95 -18.82 -39.42
C GLY F 67 2.92 -19.15 -37.94
N GLU F 68 2.78 -20.45 -37.67
CA GLU F 68 2.95 -20.94 -36.32
C GLU F 68 4.38 -20.69 -35.85
N GLY F 69 4.52 -20.52 -34.54
CA GLY F 69 5.83 -20.56 -33.98
C GLY F 69 6.49 -19.21 -33.86
N ALA F 70 7.04 -18.98 -32.67
CA ALA F 70 7.83 -17.82 -32.34
C ALA F 70 9.10 -18.28 -31.65
N GLY F 71 10.15 -17.49 -31.80
CA GLY F 71 11.39 -17.74 -31.09
C GLY F 71 11.45 -17.00 -29.77
N LEU F 72 12.40 -17.42 -28.93
CA LEU F 72 12.71 -16.63 -27.75
C LEU F 72 13.48 -15.41 -28.19
N GLY F 73 13.12 -14.27 -27.61
CA GLY F 73 13.80 -13.02 -27.85
C GLY F 73 13.11 -12.10 -28.84
N GLU F 74 11.89 -12.43 -29.27
CA GLU F 74 11.27 -11.61 -30.30
C GLU F 74 10.60 -10.39 -29.70
N ARG F 75 10.22 -10.45 -28.42
CA ARG F 75 9.66 -9.31 -27.71
C ARG F 75 10.70 -8.75 -26.74
N ASP F 76 10.26 -7.98 -25.75
CA ASP F 76 11.20 -7.28 -24.88
C ASP F 76 12.20 -8.26 -24.28
N THR F 77 13.47 -8.04 -24.61
CA THR F 77 14.57 -8.94 -24.30
C THR F 77 15.81 -8.09 -24.05
N PHE F 78 16.32 -8.11 -22.82
CA PHE F 78 17.35 -7.12 -22.48
C PHE F 78 18.04 -7.53 -21.19
N VAL F 79 19.12 -6.79 -20.92
CA VAL F 79 19.81 -6.79 -19.63
C VAL F 79 19.89 -5.34 -19.16
N GLY F 80 20.11 -5.18 -17.87
CA GLY F 80 20.35 -3.84 -17.38
C GLY F 80 20.44 -3.82 -15.87
N PHE F 81 20.35 -2.60 -15.33
CA PHE F 81 20.59 -2.33 -13.92
C PHE F 81 19.54 -1.38 -13.35
N GLU F 82 19.20 -1.61 -12.09
CA GLU F 82 18.20 -0.87 -11.36
C GLU F 82 18.79 -0.28 -10.09
N SER F 83 18.24 0.86 -9.68
CA SER F 83 18.54 1.46 -8.39
C SER F 83 17.37 2.38 -8.05
N ALA F 84 17.00 2.44 -6.78
CA ALA F 84 15.95 3.38 -6.39
C ALA F 84 16.35 4.82 -6.73
N SER F 85 17.62 5.16 -6.49
CA SER F 85 18.17 6.48 -6.74
C SER F 85 17.93 6.97 -8.16
N TRP F 86 18.60 6.34 -9.16
CA TRP F 86 18.63 6.86 -10.52
C TRP F 86 17.75 6.12 -11.53
N GLY F 87 17.01 5.09 -11.12
CA GLY F 87 16.01 4.46 -11.98
C GLY F 87 16.49 3.14 -12.57
N GLN F 88 16.36 3.02 -13.90
CA GLN F 88 16.49 1.73 -14.58
C GLN F 88 17.12 1.97 -15.95
N VAL F 89 18.22 1.29 -16.24
CA VAL F 89 18.82 1.33 -17.57
C VAL F 89 18.79 -0.08 -18.14
N ARG F 90 18.42 -0.18 -19.41
CA ARG F 90 18.24 -1.45 -20.09
C ARG F 90 18.98 -1.35 -21.41
N LEU F 91 19.59 -2.47 -21.81
CA LEU F 91 20.24 -2.56 -23.11
C LEU F 91 19.65 -3.74 -23.83
N GLY F 92 19.31 -3.55 -25.10
CA GLY F 92 18.84 -4.67 -25.87
C GLY F 92 17.66 -4.31 -26.72
N ARG F 93 16.57 -5.06 -26.55
CA ARG F 93 15.36 -4.93 -27.34
C ARG F 93 14.22 -4.48 -26.42
N VAL F 94 13.83 -3.22 -26.55
CA VAL F 94 12.81 -2.60 -25.73
C VAL F 94 11.94 -1.73 -26.62
N LEU F 95 10.92 -1.14 -26.01
CA LEU F 95 10.12 -0.13 -26.68
C LEU F 95 10.82 1.22 -26.63
N THR F 96 10.62 2.02 -27.67
CA THR F 96 11.11 3.39 -27.59
C THR F 96 10.14 4.24 -26.77
N PRO F 97 10.65 5.28 -26.11
CA PRO F 97 9.75 6.11 -25.28
C PRO F 97 8.48 6.52 -26.02
N MET F 98 8.63 6.97 -27.26
CA MET F 98 7.50 7.35 -28.08
C MET F 98 6.60 6.15 -28.34
N TYR F 99 7.16 5.06 -28.89
CA TYR F 99 6.27 3.98 -29.27
C TYR F 99 5.43 3.52 -28.09
N GLU F 100 5.99 3.60 -26.88
CA GLU F 100 5.27 3.07 -25.72
C GLU F 100 4.02 3.88 -25.42
N LEU F 101 4.13 5.22 -25.47
CA LEU F 101 2.93 6.05 -25.43
C LEU F 101 2.03 5.81 -26.65
N VAL F 102 2.59 5.73 -27.86
CA VAL F 102 1.75 5.44 -29.02
C VAL F 102 0.93 4.16 -28.83
N ASP F 103 1.53 3.12 -28.27
CA ASP F 103 0.82 1.85 -28.11
C ASP F 103 -0.16 1.92 -26.94
N TRP F 104 0.30 2.32 -25.77
CA TRP F 104 -0.58 2.51 -24.62
C TRP F 104 -0.56 3.96 -24.16
N PRO F 105 -1.71 4.65 -24.14
CA PRO F 105 -3.06 4.08 -24.34
C PRO F 105 -3.57 4.11 -25.77
N ALA F 106 -2.86 4.82 -26.63
CA ALA F 106 -3.45 5.38 -27.84
C ALA F 106 -3.85 4.35 -28.90
N SER F 107 -3.42 3.09 -28.80
CA SER F 107 -3.68 2.13 -29.88
C SER F 107 -4.73 1.09 -29.51
N ASN F 108 -5.29 1.17 -28.32
CA ASN F 108 -6.33 0.30 -27.85
C ASN F 108 -7.66 1.05 -27.87
N PRO F 109 -8.72 0.44 -28.39
CA PRO F 109 -8.77 -0.96 -28.83
C PRO F 109 -8.87 -1.06 -30.33
N GLY F 110 -7.93 -1.74 -31.00
CA GLY F 110 -8.04 -1.82 -32.44
C GLY F 110 -7.71 -0.54 -33.18
N LEU F 111 -7.18 0.46 -32.50
CA LEU F 111 -6.85 1.72 -33.16
C LEU F 111 -5.49 1.68 -33.86
N GLY F 112 -4.82 0.52 -33.86
CA GLY F 112 -3.43 0.37 -34.29
C GLY F 112 -3.11 0.45 -35.77
N ASP F 113 -3.96 -0.11 -36.64
CA ASP F 113 -3.76 0.09 -38.07
C ASP F 113 -3.69 1.57 -38.42
N VAL F 114 -4.40 2.42 -37.68
CA VAL F 114 -4.41 3.85 -37.95
C VAL F 114 -3.25 4.52 -37.23
N TYR F 115 -3.20 4.37 -35.90
CA TYR F 115 -2.33 5.19 -35.07
C TYR F 115 -0.99 4.56 -34.73
N ASP F 116 -0.85 3.23 -34.88
CA ASP F 116 0.38 2.52 -34.52
C ASP F 116 1.38 2.52 -35.68
N TRP F 117 1.18 1.62 -36.65
CA TRP F 117 1.98 1.60 -37.87
C TRP F 117 1.34 2.36 -39.02
N GLY F 118 0.11 2.84 -38.83
CA GLY F 118 -0.59 3.54 -39.89
C GLY F 118 -0.01 4.92 -40.13
N GLY F 119 -0.42 5.52 -41.25
CA GLY F 119 0.10 6.82 -41.62
C GLY F 119 0.88 6.77 -42.92
N ALA F 120 1.05 7.90 -43.58
CA ALA F 120 1.60 7.93 -44.93
C ALA F 120 2.94 8.62 -45.04
N ILE F 121 3.55 9.05 -43.95
CA ILE F 121 4.77 9.82 -44.11
C ILE F 121 5.88 8.89 -44.56
N GLY F 122 6.85 9.45 -45.30
CA GLY F 122 8.02 8.72 -45.72
C GLY F 122 9.05 8.64 -44.61
N GLY F 123 10.18 8.01 -44.95
CA GLY F 123 11.16 7.64 -43.95
C GLY F 123 10.57 6.68 -42.91
N ALA F 124 10.92 6.93 -41.65
CA ALA F 124 10.46 6.11 -40.52
C ALA F 124 9.99 7.04 -39.40
N LYS F 125 8.68 7.19 -39.27
CA LYS F 125 8.12 8.08 -38.26
C LYS F 125 8.70 7.79 -36.88
N TYR F 126 8.86 6.51 -36.54
CA TYR F 126 9.48 6.04 -35.29
C TYR F 126 9.71 4.53 -35.37
N GLN F 127 10.59 4.05 -34.51
CA GLN F 127 10.69 2.61 -34.26
C GLN F 127 9.60 2.18 -33.29
N ASP F 128 9.34 0.87 -33.21
CA ASP F 128 8.38 0.38 -32.22
C ASP F 128 9.15 -0.37 -31.16
N ARG F 129 9.23 -1.70 -31.22
CA ARG F 129 10.18 -2.46 -30.42
C ARG F 129 11.47 -2.55 -31.23
N GLN F 130 12.56 -1.99 -30.70
CA GLN F 130 13.78 -1.87 -31.48
C GLN F 130 14.90 -2.59 -30.76
N SER F 131 15.71 -3.35 -31.51
CA SER F 131 16.90 -3.93 -30.92
C SER F 131 18.02 -2.91 -30.94
N ASN F 132 19.13 -3.26 -30.29
CA ASN F 132 20.32 -2.40 -30.26
C ASN F 132 19.97 -1.04 -29.66
N THR F 133 19.34 -1.09 -28.51
CA THR F 133 18.84 0.09 -27.86
C THR F 133 19.41 0.17 -26.46
N ILE F 134 19.63 1.40 -26.01
CA ILE F 134 19.87 1.68 -24.60
C ILE F 134 18.81 2.68 -24.17
N ARG F 135 18.08 2.33 -23.11
CA ARG F 135 16.94 3.10 -22.65
C ARG F 135 17.06 3.34 -21.15
N TRP F 136 17.05 4.61 -20.75
CA TRP F 136 17.01 4.98 -19.34
C TRP F 136 15.56 5.24 -18.97
N ASP F 137 15.12 4.68 -17.85
CA ASP F 137 13.78 4.89 -17.33
C ASP F 137 13.89 5.51 -15.94
N SER F 138 13.64 6.82 -15.85
CA SER F 138 13.77 7.51 -14.58
C SER F 138 12.81 6.92 -13.55
N PRO F 139 13.13 7.04 -12.27
CA PRO F 139 12.15 6.74 -11.22
C PRO F 139 11.00 7.75 -11.26
N MET F 140 9.99 7.52 -10.43
CA MET F 140 8.83 8.40 -10.39
C MET F 140 9.06 9.48 -9.33
N TYR F 141 9.83 10.49 -9.72
CA TYR F 141 10.21 11.57 -8.82
C TYR F 141 8.98 12.21 -8.16
N ALA F 142 8.99 12.27 -6.82
CA ALA F 142 7.89 12.87 -6.09
C ALA F 142 6.55 12.26 -6.48
N ASP F 143 6.58 10.99 -6.84
CA ASP F 143 5.40 10.21 -7.22
C ASP F 143 4.61 10.86 -8.34
N LYS F 144 5.24 11.75 -9.11
CA LYS F 144 4.48 12.48 -10.13
C LYS F 144 5.20 12.64 -11.47
N PHE F 145 6.51 12.78 -11.52
CA PHE F 145 7.23 13.07 -12.75
C PHE F 145 8.11 11.89 -13.16
N SER F 146 7.94 11.41 -14.38
CA SER F 146 8.81 10.34 -14.88
C SER F 146 9.31 10.68 -16.29
N ILE F 147 10.52 10.22 -16.59
CA ILE F 147 11.17 10.50 -17.88
C ILE F 147 11.69 9.20 -18.48
N ASP F 148 11.57 9.07 -19.80
CA ASP F 148 12.15 7.95 -20.51
C ASP F 148 13.02 8.48 -21.66
N ALA F 149 14.20 7.88 -21.83
CA ALA F 149 15.11 8.32 -22.87
C ALA F 149 15.84 7.11 -23.44
N ALA F 150 16.12 7.17 -24.74
CA ALA F 150 16.68 6.02 -25.43
C ALA F 150 17.41 6.51 -26.68
N VAL F 151 18.52 5.85 -26.97
CA VAL F 151 19.19 5.93 -28.24
C VAL F 151 19.39 4.50 -28.71
N GLY F 152 19.43 4.30 -30.02
CA GLY F 152 19.63 2.95 -30.52
C GLY F 152 19.96 2.94 -31.99
N ALA F 153 20.32 1.74 -32.47
CA ALA F 153 20.64 1.56 -33.88
C ALA F 153 19.38 1.26 -34.69
N GLY F 154 19.43 1.62 -35.97
CA GLY F 154 18.29 1.44 -36.84
C GLY F 154 18.17 0.02 -37.36
N ASP F 155 17.07 -0.23 -38.06
CA ASP F 155 16.81 -1.59 -38.52
C ASP F 155 17.96 -2.11 -39.39
N LYS F 156 18.48 -1.29 -40.32
CA LYS F 156 19.56 -1.72 -41.21
C LYS F 156 20.90 -1.79 -40.49
N ALA F 157 21.20 -0.82 -39.61
CA ALA F 157 22.44 -0.89 -38.84
C ALA F 157 22.54 -2.19 -38.04
N GLY F 158 21.43 -2.62 -37.43
CA GLY F 158 21.45 -3.84 -36.66
C GLY F 158 21.62 -5.12 -37.45
N LEU F 159 21.66 -5.00 -38.79
CA LEU F 159 21.97 -6.07 -39.74
C LEU F 159 23.31 -5.86 -40.45
N GLY F 160 24.01 -4.76 -40.18
CA GLY F 160 25.25 -4.45 -40.87
C GLY F 160 25.07 -3.83 -42.23
N ALA F 161 23.88 -3.32 -42.56
CA ALA F 161 23.53 -2.78 -43.87
C ALA F 161 23.22 -1.28 -43.85
N GLY F 162 23.43 -0.58 -42.73
CA GLY F 162 23.08 0.82 -42.69
C GLY F 162 23.76 1.55 -41.56
N ASP F 163 23.61 2.87 -41.56
CA ASP F 163 24.04 3.69 -40.43
C ASP F 163 22.85 4.41 -39.78
N ASP F 164 21.64 3.91 -40.01
CA ASP F 164 20.49 4.05 -39.13
C ASP F 164 20.83 4.41 -37.68
N TYR F 165 20.15 5.41 -37.11
CA TYR F 165 20.14 5.57 -35.66
C TYR F 165 18.96 6.48 -35.29
N TRP F 166 18.66 6.54 -34.00
CA TRP F 166 17.43 7.20 -33.57
C TRP F 166 17.60 7.54 -32.10
N GLY F 167 16.86 8.54 -31.66
CA GLY F 167 16.87 8.91 -30.26
C GLY F 167 15.48 9.40 -29.90
N GLY F 168 15.13 9.25 -28.64
CA GLY F 168 13.78 9.56 -28.19
C GLY F 168 13.77 9.94 -26.73
N ILE F 169 12.73 10.67 -26.36
CA ILE F 169 12.54 11.11 -25.00
C ILE F 169 11.04 11.21 -24.78
N ALA F 170 10.62 10.96 -23.55
CA ALA F 170 9.20 11.04 -23.25
C ALA F 170 9.06 11.41 -21.80
N ALA F 171 8.14 12.34 -21.51
CA ALA F 171 7.91 12.77 -20.14
C ALA F 171 6.46 12.48 -19.74
N HIS F 172 6.27 12.30 -18.44
CA HIS F 172 4.95 12.08 -17.87
C HIS F 172 4.85 12.89 -16.58
N TYR F 173 3.71 13.55 -16.38
CA TYR F 173 3.50 14.31 -15.16
C TYR F 173 2.07 14.07 -14.68
N LYS F 174 1.93 13.73 -13.39
CA LYS F 174 0.63 13.44 -12.81
C LYS F 174 0.05 14.72 -12.24
N LEU F 175 -1.05 15.18 -12.82
CA LEU F 175 -1.74 16.39 -12.36
C LEU F 175 -3.12 15.97 -11.89
N GLY F 176 -3.31 15.83 -10.58
CA GLY F 176 -4.58 15.40 -10.05
C GLY F 176 -4.98 14.07 -10.64
N PRO F 177 -6.19 14.00 -11.19
CA PRO F 177 -6.63 12.77 -11.87
C PRO F 177 -6.14 12.65 -13.31
N LEU F 178 -5.36 13.61 -13.79
CA LEU F 178 -4.83 13.59 -15.14
C LEU F 178 -3.33 13.27 -15.13
N GLN F 179 -2.89 12.60 -16.19
CA GLN F 179 -1.46 12.46 -16.49
C GLN F 179 -1.20 13.15 -17.83
N LEU F 180 -0.26 14.10 -17.83
CA LEU F 180 0.15 14.73 -19.07
C LEU F 180 1.39 14.02 -19.62
N ASP F 181 1.44 13.88 -20.94
CA ASP F 181 2.43 13.07 -21.64
C ASP F 181 2.95 13.82 -22.85
N ALA F 182 4.25 13.80 -23.05
CA ALA F 182 4.85 14.44 -24.20
C ALA F 182 6.07 13.62 -24.58
N ALA F 183 6.31 13.47 -25.87
CA ALA F 183 7.41 12.64 -26.28
C ALA F 183 7.89 13.05 -27.67
N TYR F 184 9.13 12.69 -27.94
CA TYR F 184 9.82 13.03 -29.15
C TYR F 184 10.58 11.81 -29.64
N GLU F 185 10.74 11.69 -30.96
CA GLU F 185 11.67 10.72 -31.51
C GLU F 185 12.22 11.18 -32.85
N GLY F 186 13.54 11.13 -32.99
CA GLY F 186 14.21 11.48 -34.21
C GLY F 186 14.93 10.27 -34.77
N ASN F 187 14.63 9.98 -36.03
CA ASN F 187 15.36 8.98 -36.78
C ASN F 187 16.25 9.69 -37.79
N ARG F 188 17.43 9.10 -38.04
CA ARG F 188 18.43 9.66 -38.93
C ARG F 188 18.95 8.58 -39.87
N ASN F 189 19.41 9.01 -41.04
CA ASN F 189 20.07 8.12 -42.01
C ASN F 189 19.17 6.96 -42.42
N ILE F 190 17.87 7.22 -42.48
CA ILE F 190 16.89 6.22 -42.88
C ILE F 190 16.87 6.16 -44.40
N GLU F 191 17.14 5.00 -44.96
CA GLU F 191 17.26 4.86 -46.40
C GLU F 191 15.97 4.25 -46.93
N ALA F 192 15.20 5.06 -47.65
CA ALA F 192 14.00 4.52 -48.30
C ALA F 192 13.70 5.31 -49.57
N GLU F 193 12.97 4.65 -50.48
CA GLU F 193 12.48 5.23 -51.74
C GLU F 193 13.58 5.98 -52.48
N GLY F 194 14.81 5.46 -52.43
CA GLY F 194 15.91 6.06 -53.14
C GLY F 194 16.49 7.32 -52.52
N GLN F 195 16.17 7.60 -51.26
CA GLN F 195 16.62 8.82 -50.62
C GLN F 195 17.07 8.47 -49.20
N THR F 196 17.75 9.42 -48.57
CA THR F 196 18.11 9.35 -47.17
C THR F 196 17.26 10.36 -46.41
N TRP F 197 16.48 9.89 -45.44
CA TRP F 197 15.53 10.71 -44.71
C TRP F 197 15.98 11.03 -43.28
N GLU F 198 15.45 12.13 -42.76
CA GLU F 198 15.43 12.43 -41.34
C GLU F 198 13.99 12.60 -40.91
N ASN F 199 13.55 11.82 -39.93
CA ASN F 199 12.21 11.91 -39.35
C ASN F 199 12.27 12.54 -37.97
N ASN F 200 11.31 13.42 -37.69
CA ASN F 200 11.07 13.96 -36.35
C ASN F 200 9.60 13.82 -36.07
N THR F 201 9.28 13.26 -34.91
CA THR F 201 7.92 12.99 -34.53
C THR F 201 7.74 13.51 -33.12
N TYR F 202 6.60 14.17 -32.89
CA TYR F 202 6.30 14.77 -31.60
C TYR F 202 4.92 14.31 -31.17
N LEU F 203 4.73 14.23 -29.87
CA LEU F 203 3.50 13.68 -29.36
C LEU F 203 3.20 14.32 -28.01
N VAL F 204 1.95 14.78 -27.87
CA VAL F 204 1.38 15.23 -26.61
C VAL F 204 0.07 14.49 -26.39
N GLY F 205 -0.22 14.18 -25.14
CA GLY F 205 -1.49 13.56 -24.82
C GLY F 205 -1.78 13.68 -23.34
N VAL F 206 -3.01 13.35 -23.01
CA VAL F 206 -3.51 13.43 -21.64
C VAL F 206 -4.32 12.17 -21.37
N GLN F 207 -4.26 11.70 -20.14
CA GLN F 207 -5.07 10.58 -19.68
C GLN F 207 -5.78 10.96 -18.39
N GLY F 208 -7.01 10.53 -18.25
CA GLY F 208 -7.79 10.83 -17.06
C GLY F 208 -8.42 9.59 -16.46
N TRP F 209 -8.35 9.50 -15.14
CA TRP F 209 -9.00 8.44 -14.34
C TRP F 209 -9.83 9.14 -13.28
N PHE F 210 -11.13 8.86 -13.28
CA PHE F 210 -12.07 9.52 -12.38
C PHE F 210 -12.81 8.50 -11.52
N GLU F 211 -13.24 8.95 -10.33
CA GLU F 211 -13.82 8.06 -9.32
C GLU F 211 -15.26 7.66 -9.64
N ASN F 212 -15.90 8.30 -10.60
CA ASN F 212 -17.21 7.86 -11.06
C ASN F 212 -17.13 6.68 -12.03
N GLY F 213 -15.92 6.17 -12.33
CA GLY F 213 -15.73 5.09 -13.28
C GLY F 213 -15.39 5.52 -14.71
N ILE F 214 -15.37 6.82 -15.00
CA ILE F 214 -15.04 7.35 -16.33
C ILE F 214 -13.52 7.48 -16.47
N SER F 215 -13.01 7.10 -17.63
CA SER F 215 -11.59 7.28 -17.94
C SER F 215 -11.49 7.69 -19.40
N PHE F 216 -10.40 8.37 -19.74
CA PHE F 216 -10.28 8.86 -21.10
C PHE F 216 -8.81 9.04 -21.45
N PHE F 217 -8.53 9.06 -22.75
CA PHE F 217 -7.25 9.53 -23.21
C PHE F 217 -7.48 10.26 -24.52
N ALA F 218 -6.53 11.15 -24.83
CA ALA F 218 -6.48 11.83 -26.11
C ALA F 218 -5.02 12.15 -26.38
N GLN F 219 -4.60 11.97 -27.62
CA GLN F 219 -3.23 12.25 -28.01
C GLN F 219 -3.23 12.97 -29.35
N TYR F 220 -2.27 13.89 -29.49
CA TYR F 220 -1.93 14.48 -30.77
C TYR F 220 -0.49 14.10 -31.14
N LYS F 221 -0.29 13.72 -32.40
CA LYS F 221 0.98 13.24 -32.94
C LYS F 221 1.33 14.04 -34.18
N TYR F 222 2.56 14.55 -34.23
CA TYR F 222 3.06 15.36 -35.35
C TYR F 222 4.30 14.69 -35.95
N MET F 223 4.21 14.37 -37.24
CA MET F 223 5.23 13.61 -37.95
C MET F 223 5.80 14.46 -39.08
N GLU F 224 7.11 14.60 -39.10
CA GLU F 224 7.81 15.38 -40.09
C GLU F 224 8.90 14.51 -40.68
N ALA F 225 9.07 14.56 -42.00
CA ALA F 225 10.14 13.82 -42.67
C ALA F 225 10.75 14.68 -43.75
N ASP F 226 12.09 14.75 -43.77
CA ASP F 226 12.86 15.50 -44.75
C ASP F 226 13.81 14.56 -45.51
N ALA F 227 13.66 14.52 -46.84
CA ALA F 227 14.46 13.68 -47.70
C ALA F 227 15.67 14.45 -48.24
N SER F 228 16.69 13.69 -48.66
CA SER F 228 17.98 14.28 -49.03
C SER F 228 17.92 14.98 -50.38
N ASN F 229 16.87 14.75 -51.17
CA ASN F 229 16.63 15.55 -52.35
C ASN F 229 15.92 16.86 -52.03
N GLY F 230 15.74 17.19 -50.76
CA GLY F 230 15.12 18.43 -50.35
C GLY F 230 13.64 18.34 -50.04
N VAL F 231 12.97 17.24 -50.38
CA VAL F 231 11.53 17.18 -50.21
C VAL F 231 11.18 17.07 -48.73
N ASN F 232 10.13 17.78 -48.33
CA ASN F 232 9.68 17.78 -46.95
C ASN F 232 8.25 17.23 -46.88
N GLU F 233 7.98 16.46 -45.83
CA GLU F 233 6.66 15.88 -45.63
C GLU F 233 6.22 16.16 -44.21
N LYS F 234 4.91 16.41 -44.07
CA LYS F 234 4.27 16.62 -42.78
C LYS F 234 2.98 15.82 -42.77
N GLN F 235 2.70 15.21 -41.62
CA GLN F 235 1.42 14.57 -41.34
C GLN F 235 1.20 14.64 -39.85
N ASP F 236 -0.06 14.70 -39.45
CA ASP F 236 -0.39 14.74 -38.04
C ASP F 236 -1.57 13.80 -37.83
N ALA F 237 -1.80 13.44 -36.57
CA ALA F 237 -2.82 12.44 -36.26
C ALA F 237 -3.25 12.59 -34.80
N MET F 238 -4.32 11.89 -34.47
CA MET F 238 -4.89 12.01 -33.15
C MET F 238 -5.45 10.67 -32.74
N SER F 239 -5.52 10.46 -31.43
CA SER F 239 -6.17 9.29 -30.89
C SER F 239 -6.91 9.68 -29.62
N ALA F 240 -8.07 9.07 -29.42
CA ALA F 240 -8.93 9.42 -28.31
C ALA F 240 -9.68 8.17 -27.87
N GLY F 241 -9.98 8.12 -26.58
CA GLY F 241 -10.71 6.98 -26.09
C GLY F 241 -11.44 7.29 -24.79
N LEU F 242 -12.69 6.88 -24.71
CA LEU F 242 -13.49 7.08 -23.52
C LEU F 242 -13.89 5.71 -22.99
N MET F 243 -13.70 5.50 -21.68
CA MET F 243 -14.09 4.24 -21.06
C MET F 243 -14.94 4.51 -19.83
N TYR F 244 -15.91 3.63 -19.59
CA TYR F 244 -16.69 3.61 -18.35
C TYR F 244 -16.53 2.24 -17.69
N THR F 245 -16.11 2.24 -16.43
CA THR F 245 -15.80 1.03 -15.70
C THR F 245 -16.75 0.92 -14.52
N THR F 246 -17.64 -0.06 -14.56
CA THR F 246 -18.60 -0.32 -13.49
C THR F 246 -18.53 -1.79 -13.11
N GLY F 247 -18.27 -2.06 -11.84
CA GLY F 247 -18.27 -3.46 -11.40
C GLY F 247 -17.17 -4.23 -12.09
N ASP F 248 -17.55 -5.38 -12.67
CA ASP F 248 -16.64 -6.24 -13.39
C ASP F 248 -16.65 -5.99 -14.92
N TRP F 249 -17.07 -4.78 -15.33
CA TRP F 249 -17.31 -4.46 -16.73
C TRP F 249 -16.58 -3.18 -17.09
N GLN F 250 -16.11 -3.11 -18.33
CA GLN F 250 -15.57 -1.86 -18.86
C GLN F 250 -16.12 -1.61 -20.26
N TYR F 251 -16.59 -0.41 -20.51
CA TYR F 251 -17.09 -0.03 -21.82
C TYR F 251 -16.09 0.92 -22.45
N LYS F 252 -15.72 0.66 -23.70
CA LYS F 252 -14.69 1.51 -24.30
C LYS F 252 -15.08 1.89 -25.71
N LEU F 253 -14.93 3.18 -26.03
CA LEU F 253 -15.03 3.72 -27.38
C LEU F 253 -13.70 4.38 -27.73
N GLY F 254 -13.21 4.12 -28.93
CA GLY F 254 -11.97 4.71 -29.37
C GLY F 254 -12.10 5.27 -30.78
N TYR F 255 -11.32 6.30 -31.05
CA TYR F 255 -11.29 6.90 -32.37
C TYR F 255 -9.86 7.34 -32.65
N ALA F 256 -9.42 7.11 -33.88
CA ALA F 256 -8.10 7.58 -34.25
C ALA F 256 -8.12 8.03 -35.71
N ALA F 257 -7.27 8.99 -36.03
CA ALA F 257 -7.23 9.55 -37.36
C ALA F 257 -5.83 10.04 -37.72
N ASN F 258 -5.44 9.72 -38.96
CA ASN F 258 -4.34 10.40 -39.62
C ASN F 258 -4.96 11.36 -40.62
N PHE F 259 -4.46 12.59 -40.63
CA PHE F 259 -4.98 13.61 -41.53
C PHE F 259 -4.15 13.60 -42.80
N ASP F 260 -4.65 14.31 -43.82
CA ASP F 260 -3.99 14.30 -45.12
C ASP F 260 -2.53 14.71 -44.96
N LEU F 261 -1.66 14.01 -45.69
CA LEU F 261 -0.25 14.32 -45.68
C LEU F 261 0.03 15.59 -46.49
N GLU F 262 1.07 16.32 -46.12
CA GLU F 262 1.48 17.49 -46.87
C GLU F 262 2.92 17.27 -47.33
N ARG F 263 3.14 17.36 -48.64
CA ARG F 263 4.47 17.17 -49.23
C ARG F 263 4.86 18.42 -49.99
N ASP F 264 5.94 19.07 -49.54
CA ASP F 264 6.45 20.30 -50.17
C ASP F 264 5.39 21.40 -50.16
N GLY F 265 4.71 21.55 -49.01
CA GLY F 265 3.69 22.57 -48.81
C GLY F 265 2.33 22.27 -49.40
N LYS F 266 2.21 21.28 -50.27
CA LYS F 266 0.92 20.94 -50.87
C LYS F 266 0.31 19.75 -50.15
N THR F 267 -0.99 19.81 -49.97
CA THR F 267 -1.71 18.71 -49.38
C THR F 267 -1.99 17.66 -50.44
N LEU F 268 -1.79 16.39 -50.08
CA LEU F 268 -2.13 15.29 -50.96
C LEU F 268 -3.54 14.84 -50.58
N SER F 269 -4.54 15.28 -51.34
CA SER F 269 -5.92 14.89 -51.07
C SER F 269 -6.01 13.38 -50.84
N ASN F 270 -6.92 12.99 -49.93
CA ASN F 270 -7.34 11.61 -49.75
C ASN F 270 -6.22 10.70 -49.21
N THR F 271 -5.37 11.24 -48.32
CA THR F 271 -4.34 10.45 -47.67
C THR F 271 -4.65 10.22 -46.19
N SER F 272 -5.88 10.49 -45.77
CA SER F 272 -6.27 10.39 -44.37
C SER F 272 -6.79 8.99 -44.05
N ASP F 273 -6.61 8.60 -42.79
CA ASP F 273 -7.11 7.37 -42.20
C ASP F 273 -8.00 7.70 -41.01
N ASP F 274 -9.05 6.92 -40.79
CA ASP F 274 -9.72 6.95 -39.50
C ASP F 274 -10.19 5.55 -39.12
N VAL F 275 -10.29 5.33 -37.81
CA VAL F 275 -10.83 4.10 -37.24
C VAL F 275 -11.74 4.49 -36.09
N VAL F 276 -12.93 3.87 -36.04
CA VAL F 276 -13.83 3.96 -34.89
C VAL F 276 -13.94 2.56 -34.30
N SER F 277 -14.16 2.48 -32.99
CA SER F 277 -13.97 1.20 -32.34
C SER F 277 -14.72 1.17 -31.02
N ALA F 278 -15.37 0.05 -30.74
CA ALA F 278 -16.08 -0.13 -29.47
C ALA F 278 -15.76 -1.48 -28.87
N GLN F 279 -15.60 -1.50 -27.55
CA GLN F 279 -15.21 -2.71 -26.85
C GLN F 279 -15.93 -2.76 -25.50
N ILE F 280 -16.42 -3.95 -25.16
CA ILE F 280 -16.86 -4.26 -23.81
C ILE F 280 -15.97 -5.37 -23.29
N MET F 281 -15.49 -5.21 -22.08
CA MET F 281 -14.56 -6.12 -21.44
C MET F 281 -15.13 -6.61 -20.11
N TYR F 282 -14.97 -7.90 -19.83
CA TYR F 282 -15.47 -8.50 -18.60
C TYR F 282 -14.27 -8.95 -17.78
N PHE F 283 -14.11 -8.35 -16.60
CA PHE F 283 -13.01 -8.72 -15.71
C PHE F 283 -13.31 -10.09 -15.11
N VAL F 284 -13.10 -11.13 -15.93
CA VAL F 284 -13.53 -12.48 -15.58
C VAL F 284 -12.75 -13.07 -14.43
N ASP F 285 -11.64 -12.44 -14.04
CA ASP F 285 -10.79 -12.90 -12.95
C ASP F 285 -9.77 -11.81 -12.69
N PRO F 286 -9.23 -11.70 -11.49
CA PRO F 286 -8.20 -10.69 -11.26
C PRO F 286 -7.01 -10.85 -12.21
N SER F 287 -6.82 -12.03 -12.81
CA SER F 287 -5.70 -12.22 -13.74
C SER F 287 -6.11 -12.39 -15.21
N ALA F 288 -7.38 -12.25 -15.56
CA ALA F 288 -7.80 -12.44 -16.94
C ALA F 288 -8.98 -11.53 -17.28
N VAL F 289 -9.19 -11.33 -18.59
CA VAL F 289 -10.27 -10.53 -19.13
C VAL F 289 -10.85 -11.28 -20.32
N LEU F 290 -12.19 -11.32 -20.41
CA LEU F 290 -12.88 -11.63 -21.67
C LEU F 290 -13.24 -10.30 -22.32
N TYR F 291 -13.34 -10.29 -23.65
CA TYR F 291 -13.71 -9.05 -24.31
C TYR F 291 -14.28 -9.29 -25.70
N ALA F 292 -15.19 -8.40 -26.09
CA ALA F 292 -15.71 -8.32 -27.45
C ALA F 292 -15.41 -6.94 -28.02
N ARG F 293 -15.14 -6.91 -29.33
CA ARG F 293 -14.63 -5.72 -29.98
C ARG F 293 -15.22 -5.61 -31.38
N ALA F 294 -15.62 -4.39 -31.75
CA ALA F 294 -16.02 -4.08 -33.12
C ALA F 294 -15.31 -2.81 -33.57
N ARG F 295 -14.63 -2.89 -34.71
CA ARG F 295 -13.89 -1.73 -35.20
C ARG F 295 -14.12 -1.57 -36.70
N MET F 296 -14.01 -0.32 -37.15
CA MET F 296 -14.23 0.11 -38.53
C MET F 296 -13.03 0.94 -38.97
N ASN F 297 -12.25 0.39 -39.90
CA ASN F 297 -11.04 1.03 -40.41
C ASN F 297 -11.34 1.57 -41.81
N ASP F 298 -11.12 2.87 -42.02
CA ASP F 298 -11.26 3.49 -43.33
C ASP F 298 -9.92 4.17 -43.65
N PHE F 299 -9.11 3.51 -44.46
CA PHE F 299 -7.78 3.97 -44.81
C PHE F 299 -7.78 4.80 -46.08
N ASN F 300 -6.71 5.58 -46.23
CA ASN F 300 -6.43 6.34 -47.43
C ASN F 300 -6.57 5.43 -48.63
N GLU F 301 -6.80 6.02 -49.80
CA GLU F 301 -6.97 5.20 -50.99
C GLU F 301 -5.72 5.20 -51.85
N GLY F 302 -4.58 5.62 -51.31
CA GLY F 302 -3.30 5.39 -51.95
C GLY F 302 -2.49 6.67 -52.06
N LEU F 303 -1.16 6.52 -52.11
CA LEU F 303 -0.29 7.65 -52.36
C LEU F 303 1.04 7.15 -52.92
N ASP F 304 1.70 8.01 -53.70
CA ASP F 304 2.99 7.67 -54.27
C ASP F 304 4.09 8.12 -53.34
N GLY F 305 5.20 7.38 -53.37
CA GLY F 305 6.42 7.78 -52.69
C GLY F 305 7.28 8.70 -53.54
N LEU F 306 8.52 8.89 -53.10
CA LEU F 306 9.41 9.83 -53.77
C LEU F 306 10.00 9.28 -55.07
N ASP F 307 9.88 7.97 -55.30
CA ASP F 307 10.26 7.32 -56.54
C ASP F 307 9.09 7.17 -57.49
N ASP F 308 7.95 7.75 -57.15
CA ASP F 308 6.75 7.80 -57.99
C ASP F 308 6.08 6.45 -58.14
N ALA F 309 6.41 5.49 -57.29
CA ALA F 309 5.63 4.27 -57.20
C ALA F 309 4.93 4.21 -55.83
N ALA F 310 3.90 3.38 -55.77
CA ALA F 310 3.02 3.35 -54.61
C ALA F 310 3.81 3.16 -53.33
N ARG F 311 3.61 4.06 -52.38
CA ARG F 311 4.18 3.92 -51.04
C ARG F 311 3.25 3.05 -50.20
N TRP F 312 3.83 2.15 -49.43
CA TRP F 312 3.03 1.20 -48.69
C TRP F 312 2.49 1.83 -47.42
N THR F 313 1.20 1.57 -47.13
CA THR F 313 0.54 2.00 -45.91
C THR F 313 -0.31 0.86 -45.34
N SER F 314 -0.68 1.01 -44.06
CA SER F 314 -1.65 0.16 -43.40
C SER F 314 -2.95 0.12 -44.20
N GLY F 315 -3.04 0.98 -45.21
CA GLY F 315 -4.21 1.06 -46.05
C GLY F 315 -4.13 0.18 -47.28
N THR F 316 -2.92 -0.19 -47.69
CA THR F 316 -2.77 -0.85 -48.98
C THR F 316 -3.67 -2.08 -49.11
N ASN F 317 -3.75 -2.88 -48.05
CA ASN F 317 -4.60 -4.07 -48.11
C ASN F 317 -6.06 -3.74 -48.22
N GLY F 318 -6.51 -2.65 -47.63
CA GLY F 318 -7.82 -2.08 -47.92
C GLY F 318 -8.64 -1.79 -46.67
N ASP F 319 -9.71 -1.02 -46.87
CA ASP F 319 -10.66 -0.75 -45.80
C ASP F 319 -11.23 -2.06 -45.26
N TYR F 320 -11.47 -2.13 -43.96
CA TYR F 320 -12.06 -3.37 -43.43
C TYR F 320 -12.72 -3.13 -42.08
N ASN F 321 -13.64 -4.02 -41.73
CA ASN F 321 -14.26 -4.08 -40.41
C ASN F 321 -13.87 -5.36 -39.71
N GLU F 322 -13.89 -5.33 -38.38
CA GLU F 322 -13.44 -6.48 -37.61
C GLU F 322 -14.29 -6.65 -36.36
N TYR F 323 -14.86 -7.84 -36.22
CA TYR F 323 -15.56 -8.24 -35.03
C TYR F 323 -14.73 -9.32 -34.35
N SER F 324 -14.58 -9.22 -33.03
CA SER F 324 -13.76 -10.19 -32.33
C SER F 324 -14.16 -10.33 -30.87
N VAL F 325 -13.86 -11.51 -30.33
CA VAL F 325 -13.86 -11.78 -28.90
C VAL F 325 -12.50 -12.38 -28.57
N GLY F 326 -11.98 -12.06 -27.40
CA GLY F 326 -10.72 -12.66 -26.98
C GLY F 326 -10.68 -12.94 -25.50
N VAL F 327 -9.68 -13.73 -25.10
CA VAL F 327 -9.31 -13.87 -23.70
C VAL F 327 -7.93 -13.29 -23.53
N GLU F 328 -7.62 -12.90 -22.30
CA GLU F 328 -6.24 -12.52 -21.99
C GLU F 328 -5.97 -12.84 -20.52
N TYR F 329 -4.92 -13.63 -20.28
CA TYR F 329 -4.63 -14.23 -18.98
C TYR F 329 -3.14 -14.08 -18.69
N TYR F 330 -2.81 -13.54 -17.52
CA TYR F 330 -1.42 -13.32 -17.13
C TYR F 330 -1.09 -14.26 -15.99
N PHE F 331 0.05 -14.93 -16.11
CA PHE F 331 0.57 -15.80 -15.07
C PHE F 331 2.04 -15.47 -14.87
#